data_5G51
# 
_entry.id   5G51 
# 
_audit_conform.dict_name       mmcif_pdbx.dic 
_audit_conform.dict_version    5.391 
_audit_conform.dict_location   http://mmcif.pdb.org/dictionaries/ascii/mmcif_pdbx.dic 
# 
loop_
_database_2.database_id 
_database_2.database_code 
_database_2.pdbx_database_accession 
_database_2.pdbx_DOI 
PDB   5G51         pdb_00005g51 10.2210/pdb5g51/pdb 
PDBE  EBI-66831    ?            ?                   
WWPDB D_1290066831 ?            ?                   
# 
loop_
_pdbx_audit_revision_history.ordinal 
_pdbx_audit_revision_history.data_content_type 
_pdbx_audit_revision_history.major_revision 
_pdbx_audit_revision_history.minor_revision 
_pdbx_audit_revision_history.revision_date 
1 'Structure model' 1 0 2017-03-22 
2 'Structure model' 1 1 2017-03-29 
3 'Structure model' 2 0 2024-05-08 
# 
_pdbx_audit_revision_details.ordinal             1 
_pdbx_audit_revision_details.revision_ordinal    1 
_pdbx_audit_revision_details.data_content_type   'Structure model' 
_pdbx_audit_revision_details.provider            repository 
_pdbx_audit_revision_details.type                'Initial release' 
_pdbx_audit_revision_details.description         ? 
_pdbx_audit_revision_details.details             ? 
# 
loop_
_pdbx_audit_revision_group.ordinal 
_pdbx_audit_revision_group.revision_ordinal 
_pdbx_audit_revision_group.data_content_type 
_pdbx_audit_revision_group.group 
1 2 'Structure model' 'Database references' 
2 3 'Structure model' 'Atomic model'        
3 3 'Structure model' 'Data collection'     
4 3 'Structure model' 'Database references' 
5 3 'Structure model' Other                 
# 
loop_
_pdbx_audit_revision_category.ordinal 
_pdbx_audit_revision_category.revision_ordinal 
_pdbx_audit_revision_category.data_content_type 
_pdbx_audit_revision_category.category 
1 3 'Structure model' atom_site            
2 3 'Structure model' chem_comp_atom       
3 3 'Structure model' chem_comp_bond       
4 3 'Structure model' database_2           
5 3 'Structure model' pdbx_database_status 
# 
loop_
_pdbx_audit_revision_item.ordinal 
_pdbx_audit_revision_item.revision_ordinal 
_pdbx_audit_revision_item.data_content_type 
_pdbx_audit_revision_item.item 
1 3 'Structure model' '_atom_site.occupancy'                 
2 3 'Structure model' '_database_2.pdbx_DOI'                 
3 3 'Structure model' '_database_2.pdbx_database_accession'  
4 3 'Structure model' '_pdbx_database_status.status_code_sf' 
# 
_pdbx_database_status.status_code                     REL 
_pdbx_database_status.entry_id                        5G51 
_pdbx_database_status.deposit_site                    PDBE 
_pdbx_database_status.process_site                    PDBE 
_pdbx_database_status.SG_entry                        . 
_pdbx_database_status.recvd_initial_deposition_date   2016-05-18 
_pdbx_database_status.pdb_format_compatible           Y 
_pdbx_database_status.status_code_sf                  REL 
_pdbx_database_status.status_code_mr                  ? 
_pdbx_database_status.status_code_cs                  ? 
_pdbx_database_status.methods_development_category    ? 
_pdbx_database_status.status_code_nmr_data            ? 
# 
_pdbx_database_related.db_name        PDB 
_pdbx_database_related.db_id          5G52 
_pdbx_database_related.content_type   unspecified 
_pdbx_database_related.details        'CRYSTALLOGRAPHIC STRUCTURE OF FULL PARTICLE OF DEFORMED WING VIRUS' 
# 
loop_
_audit_author.name 
_audit_author.pdbx_ordinal 
'Skubnik, K.' 1 
'Novacek, J.' 2 
'Fuzik, T.'   3 
'Pridal, A.'  4 
'Paxton, R.'  5 
'Plevka, P.'  6 
# 
_citation.id                        primary 
_citation.title                     'Structure of deformed wing virus, a major honey bee pathogen.' 
_citation.journal_abbrev            'Proc. Natl. Acad. Sci. U.S.A.' 
_citation.journal_volume            114 
_citation.page_first                3210 
_citation.page_last                 3215 
_citation.year                      2017 
_citation.journal_id_ASTM           PNASA6 
_citation.country                   US 
_citation.journal_id_ISSN           1091-6490 
_citation.journal_id_CSD            0040 
_citation.book_publisher            ? 
_citation.pdbx_database_id_PubMed   28270616 
_citation.pdbx_database_id_DOI      10.1073/pnas.1615695114 
# 
loop_
_citation_author.citation_id 
_citation_author.name 
_citation_author.ordinal 
_citation_author.identifier_ORCID 
primary 'Skubnik, K.'  1 ? 
primary 'Novacek, J.'  2 ? 
primary 'Fuzik, T.'    3 ? 
primary 'Pridal, A.'   4 ? 
primary 'Paxton, R.J.' 5 ? 
primary 'Plevka, P.'   6 ? 
# 
loop_
_entity.id 
_entity.type 
_entity.src_method 
_entity.pdbx_description 
_entity.formula_weight 
_entity.pdbx_number_of_molecules 
_entity.pdbx_ec 
_entity.pdbx_mutation 
_entity.pdbx_fragment 
_entity.details 
1 polymer man DWV-VP3-P-DOMAIN 17535.582 1   ? ? 'P-DOMAIN, RESIDUES 260-398' 'PART OF THE VP3 CHAIN OF THE DEFORMED WING VIRUS.' 
2 water   nat water            18.015    242 ? ? ?                            ?                                                   
# 
_entity_poly.entity_id                      1 
_entity_poly.type                           'polypeptide(L)' 
_entity_poly.nstd_linkage                   no 
_entity_poly.nstd_monomer                   no 
_entity_poly.pdbx_seq_one_letter_code       
;EEYRAKTGYAPYYAGVWHSFNNSNSLVFRWGSASDQIAQWPTISVPRGELAFLRIKDGKQAAVGTQPWRTMVVWPSGHGY
NIGIPTYNAERARQLAQHLYGGGSLTDEKAKQLFVPANQQGPGKVSNGNPVWEVMRAPLATQRAHIQDFEFIEAIPE
;
_entity_poly.pdbx_seq_one_letter_code_can   
;EEYRAKTGYAPYYAGVWHSFNNSNSLVFRWGSASDQIAQWPTISVPRGELAFLRIKDGKQAAVGTQPWRTMVVWPSGHGY
NIGIPTYNAERARQLAQHLYGGGSLTDEKAKQLFVPANQQGPGKVSNGNPVWEVMRAPLATQRAHIQDFEFIEAIPE
;
_entity_poly.pdbx_strand_id                 A 
_entity_poly.pdbx_target_identifier         ? 
# 
_pdbx_entity_nonpoly.entity_id   2 
_pdbx_entity_nonpoly.name        water 
_pdbx_entity_nonpoly.comp_id     HOH 
# 
loop_
_entity_poly_seq.entity_id 
_entity_poly_seq.num 
_entity_poly_seq.mon_id 
_entity_poly_seq.hetero 
1 1   GLU n 
1 2   GLU n 
1 3   TYR n 
1 4   ARG n 
1 5   ALA n 
1 6   LYS n 
1 7   THR n 
1 8   GLY n 
1 9   TYR n 
1 10  ALA n 
1 11  PRO n 
1 12  TYR n 
1 13  TYR n 
1 14  ALA n 
1 15  GLY n 
1 16  VAL n 
1 17  TRP n 
1 18  HIS n 
1 19  SER n 
1 20  PHE n 
1 21  ASN n 
1 22  ASN n 
1 23  SER n 
1 24  ASN n 
1 25  SER n 
1 26  LEU n 
1 27  VAL n 
1 28  PHE n 
1 29  ARG n 
1 30  TRP n 
1 31  GLY n 
1 32  SER n 
1 33  ALA n 
1 34  SER n 
1 35  ASP n 
1 36  GLN n 
1 37  ILE n 
1 38  ALA n 
1 39  GLN n 
1 40  TRP n 
1 41  PRO n 
1 42  THR n 
1 43  ILE n 
1 44  SER n 
1 45  VAL n 
1 46  PRO n 
1 47  ARG n 
1 48  GLY n 
1 49  GLU n 
1 50  LEU n 
1 51  ALA n 
1 52  PHE n 
1 53  LEU n 
1 54  ARG n 
1 55  ILE n 
1 56  LYS n 
1 57  ASP n 
1 58  GLY n 
1 59  LYS n 
1 60  GLN n 
1 61  ALA n 
1 62  ALA n 
1 63  VAL n 
1 64  GLY n 
1 65  THR n 
1 66  GLN n 
1 67  PRO n 
1 68  TRP n 
1 69  ARG n 
1 70  THR n 
1 71  MET n 
1 72  VAL n 
1 73  VAL n 
1 74  TRP n 
1 75  PRO n 
1 76  SER n 
1 77  GLY n 
1 78  HIS n 
1 79  GLY n 
1 80  TYR n 
1 81  ASN n 
1 82  ILE n 
1 83  GLY n 
1 84  ILE n 
1 85  PRO n 
1 86  THR n 
1 87  TYR n 
1 88  ASN n 
1 89  ALA n 
1 90  GLU n 
1 91  ARG n 
1 92  ALA n 
1 93  ARG n 
1 94  GLN n 
1 95  LEU n 
1 96  ALA n 
1 97  GLN n 
1 98  HIS n 
1 99  LEU n 
1 100 TYR n 
1 101 GLY n 
1 102 GLY n 
1 103 GLY n 
1 104 SER n 
1 105 LEU n 
1 106 THR n 
1 107 ASP n 
1 108 GLU n 
1 109 LYS n 
1 110 ALA n 
1 111 LYS n 
1 112 GLN n 
1 113 LEU n 
1 114 PHE n 
1 115 VAL n 
1 116 PRO n 
1 117 ALA n 
1 118 ASN n 
1 119 GLN n 
1 120 GLN n 
1 121 GLY n 
1 122 PRO n 
1 123 GLY n 
1 124 LYS n 
1 125 VAL n 
1 126 SER n 
1 127 ASN n 
1 128 GLY n 
1 129 ASN n 
1 130 PRO n 
1 131 VAL n 
1 132 TRP n 
1 133 GLU n 
1 134 VAL n 
1 135 MET n 
1 136 ARG n 
1 137 ALA n 
1 138 PRO n 
1 139 LEU n 
1 140 ALA n 
1 141 THR n 
1 142 GLN n 
1 143 ARG n 
1 144 ALA n 
1 145 HIS n 
1 146 ILE n 
1 147 GLN n 
1 148 ASP n 
1 149 PHE n 
1 150 GLU n 
1 151 PHE n 
1 152 ILE n 
1 153 GLU n 
1 154 ALA n 
1 155 ILE n 
1 156 PRO n 
1 157 GLU n 
# 
_entity_src_gen.entity_id                          1 
_entity_src_gen.pdbx_src_id                        1 
_entity_src_gen.pdbx_alt_source_flag               sample 
_entity_src_gen.pdbx_seq_type                      ? 
_entity_src_gen.pdbx_beg_seq_num                   ? 
_entity_src_gen.pdbx_end_seq_num                   ? 
_entity_src_gen.gene_src_common_name               ? 
_entity_src_gen.gene_src_genus                     ? 
_entity_src_gen.pdbx_gene_src_gene                 ? 
_entity_src_gen.gene_src_species                   ? 
_entity_src_gen.gene_src_strain                    ? 
_entity_src_gen.gene_src_tissue                    ? 
_entity_src_gen.gene_src_tissue_fraction           ? 
_entity_src_gen.gene_src_details                   ? 
_entity_src_gen.pdbx_gene_src_fragment             ? 
_entity_src_gen.pdbx_gene_src_scientific_name      'DEFORMED WING VIRUS' 
_entity_src_gen.pdbx_gene_src_ncbi_taxonomy_id     198112 
_entity_src_gen.pdbx_gene_src_variant              ? 
_entity_src_gen.pdbx_gene_src_cell_line            ? 
_entity_src_gen.pdbx_gene_src_atcc                 ? 
_entity_src_gen.pdbx_gene_src_organ                ? 
_entity_src_gen.pdbx_gene_src_organelle            ? 
_entity_src_gen.pdbx_gene_src_cell                 ? 
_entity_src_gen.pdbx_gene_src_cellular_location    ? 
_entity_src_gen.host_org_common_name               ? 
_entity_src_gen.pdbx_host_org_scientific_name      'ESCHERICHIA COLI' 
_entity_src_gen.pdbx_host_org_ncbi_taxonomy_id     469008 
_entity_src_gen.host_org_genus                     ? 
_entity_src_gen.pdbx_host_org_gene                 ? 
_entity_src_gen.pdbx_host_org_organ                ? 
_entity_src_gen.host_org_species                   ? 
_entity_src_gen.pdbx_host_org_tissue               ? 
_entity_src_gen.pdbx_host_org_tissue_fraction      ? 
_entity_src_gen.pdbx_host_org_strain               'BL21(DE3)' 
_entity_src_gen.pdbx_host_org_variant              ? 
_entity_src_gen.pdbx_host_org_cell_line            ? 
_entity_src_gen.pdbx_host_org_atcc                 ? 
_entity_src_gen.pdbx_host_org_culture_collection   ? 
_entity_src_gen.pdbx_host_org_cell                 ? 
_entity_src_gen.pdbx_host_org_organelle            ? 
_entity_src_gen.pdbx_host_org_cellular_location    ? 
_entity_src_gen.pdbx_host_org_vector_type          PLASMID 
_entity_src_gen.pdbx_host_org_vector               ? 
_entity_src_gen.host_org_details                   ? 
_entity_src_gen.expression_system_id               ? 
_entity_src_gen.plasmid_name                       PET22T 
_entity_src_gen.plasmid_details                    ? 
_entity_src_gen.pdbx_description                   ? 
# 
loop_
_chem_comp.id 
_chem_comp.type 
_chem_comp.mon_nstd_flag 
_chem_comp.name 
_chem_comp.pdbx_synonyms 
_chem_comp.formula 
_chem_comp.formula_weight 
ALA 'L-peptide linking' y ALANINE         ? 'C3 H7 N O2'     89.093  
ARG 'L-peptide linking' y ARGININE        ? 'C6 H15 N4 O2 1' 175.209 
ASN 'L-peptide linking' y ASPARAGINE      ? 'C4 H8 N2 O3'    132.118 
ASP 'L-peptide linking' y 'ASPARTIC ACID' ? 'C4 H7 N O4'     133.103 
GLN 'L-peptide linking' y GLUTAMINE       ? 'C5 H10 N2 O3'   146.144 
GLU 'L-peptide linking' y 'GLUTAMIC ACID' ? 'C5 H9 N O4'     147.129 
GLY 'peptide linking'   y GLYCINE         ? 'C2 H5 N O2'     75.067  
HIS 'L-peptide linking' y HISTIDINE       ? 'C6 H10 N3 O2 1' 156.162 
HOH non-polymer         . WATER           ? 'H2 O'           18.015  
ILE 'L-peptide linking' y ISOLEUCINE      ? 'C6 H13 N O2'    131.173 
LEU 'L-peptide linking' y LEUCINE         ? 'C6 H13 N O2'    131.173 
LYS 'L-peptide linking' y LYSINE          ? 'C6 H15 N2 O2 1' 147.195 
MET 'L-peptide linking' y METHIONINE      ? 'C5 H11 N O2 S'  149.211 
PHE 'L-peptide linking' y PHENYLALANINE   ? 'C9 H11 N O2'    165.189 
PRO 'L-peptide linking' y PROLINE         ? 'C5 H9 N O2'     115.130 
SER 'L-peptide linking' y SERINE          ? 'C3 H7 N O3'     105.093 
THR 'L-peptide linking' y THREONINE       ? 'C4 H9 N O3'     119.119 
TRP 'L-peptide linking' y TRYPTOPHAN      ? 'C11 H12 N2 O2'  204.225 
TYR 'L-peptide linking' y TYROSINE        ? 'C9 H11 N O3'    181.189 
VAL 'L-peptide linking' y VALINE          ? 'C5 H11 N O2'    117.146 
# 
loop_
_pdbx_poly_seq_scheme.asym_id 
_pdbx_poly_seq_scheme.entity_id 
_pdbx_poly_seq_scheme.seq_id 
_pdbx_poly_seq_scheme.mon_id 
_pdbx_poly_seq_scheme.ndb_seq_num 
_pdbx_poly_seq_scheme.pdb_seq_num 
_pdbx_poly_seq_scheme.auth_seq_num 
_pdbx_poly_seq_scheme.pdb_mon_id 
_pdbx_poly_seq_scheme.auth_mon_id 
_pdbx_poly_seq_scheme.pdb_strand_id 
_pdbx_poly_seq_scheme.pdb_ins_code 
_pdbx_poly_seq_scheme.hetero 
A 1 1   GLU 1   260 260 GLU GLU A . n 
A 1 2   GLU 2   261 261 GLU GLU A . n 
A 1 3   TYR 3   262 262 TYR TYR A . n 
A 1 4   ARG 4   263 263 ARG ARG A . n 
A 1 5   ALA 5   264 264 ALA ALA A . n 
A 1 6   LYS 6   265 265 LYS LYS A . n 
A 1 7   THR 7   266 266 THR THR A . n 
A 1 8   GLY 8   267 267 GLY GLY A . n 
A 1 9   TYR 9   268 268 TYR TYR A . n 
A 1 10  ALA 10  269 269 ALA ALA A . n 
A 1 11  PRO 11  270 270 PRO PRO A . n 
A 1 12  TYR 12  271 271 TYR TYR A . n 
A 1 13  TYR 13  272 272 TYR TYR A . n 
A 1 14  ALA 14  273 273 ALA ALA A . n 
A 1 15  GLY 15  274 274 GLY GLY A . n 
A 1 16  VAL 16  275 275 VAL VAL A . n 
A 1 17  TRP 17  276 276 TRP TRP A . n 
A 1 18  HIS 18  277 277 HIS HIS A . n 
A 1 19  SER 19  278 278 SER SER A . n 
A 1 20  PHE 20  279 279 PHE PHE A . n 
A 1 21  ASN 21  280 280 ASN ASN A . n 
A 1 22  ASN 22  281 281 ASN ASN A . n 
A 1 23  SER 23  282 282 SER SER A . n 
A 1 24  ASN 24  283 283 ASN ASN A . n 
A 1 25  SER 25  284 284 SER SER A . n 
A 1 26  LEU 26  285 285 LEU LEU A . n 
A 1 27  VAL 27  286 286 VAL VAL A . n 
A 1 28  PHE 28  287 287 PHE PHE A . n 
A 1 29  ARG 29  288 288 ARG ARG A . n 
A 1 30  TRP 30  289 289 TRP TRP A . n 
A 1 31  GLY 31  290 290 GLY GLY A . n 
A 1 32  SER 32  291 291 SER SER A . n 
A 1 33  ALA 33  292 292 ALA ALA A . n 
A 1 34  SER 34  293 293 SER SER A . n 
A 1 35  ASP 35  294 294 ASP ASP A . n 
A 1 36  GLN 36  295 295 GLN GLN A . n 
A 1 37  ILE 37  296 296 ILE ILE A . n 
A 1 38  ALA 38  297 297 ALA ALA A . n 
A 1 39  GLN 39  298 298 GLN GLN A . n 
A 1 40  TRP 40  299 299 TRP TRP A . n 
A 1 41  PRO 41  300 300 PRO PRO A . n 
A 1 42  THR 42  301 301 THR THR A . n 
A 1 43  ILE 43  302 302 ILE ILE A . n 
A 1 44  SER 44  303 303 SER SER A . n 
A 1 45  VAL 45  304 304 VAL VAL A . n 
A 1 46  PRO 46  305 305 PRO PRO A . n 
A 1 47  ARG 47  306 306 ARG ARG A . n 
A 1 48  GLY 48  307 307 GLY GLY A . n 
A 1 49  GLU 49  308 308 GLU GLU A . n 
A 1 50  LEU 50  309 309 LEU LEU A . n 
A 1 51  ALA 51  310 310 ALA ALA A . n 
A 1 52  PHE 52  311 311 PHE PHE A . n 
A 1 53  LEU 53  312 312 LEU LEU A . n 
A 1 54  ARG 54  313 313 ARG ARG A . n 
A 1 55  ILE 55  314 314 ILE ILE A . n 
A 1 56  LYS 56  315 315 LYS LYS A . n 
A 1 57  ASP 57  316 316 ASP ASP A . n 
A 1 58  GLY 58  317 317 GLY GLY A . n 
A 1 59  LYS 59  318 318 LYS LYS A . n 
A 1 60  GLN 60  319 319 GLN GLN A . n 
A 1 61  ALA 61  320 320 ALA ALA A . n 
A 1 62  ALA 62  321 321 ALA ALA A . n 
A 1 63  VAL 63  322 322 VAL VAL A . n 
A 1 64  GLY 64  323 323 GLY GLY A . n 
A 1 65  THR 65  324 324 THR THR A . n 
A 1 66  GLN 66  325 325 GLN GLN A . n 
A 1 67  PRO 67  326 326 PRO PRO A . n 
A 1 68  TRP 68  327 327 TRP TRP A . n 
A 1 69  ARG 69  328 328 ARG ARG A . n 
A 1 70  THR 70  329 329 THR THR A . n 
A 1 71  MET 71  330 330 MET MET A . n 
A 1 72  VAL 72  331 331 VAL VAL A . n 
A 1 73  VAL 73  332 332 VAL VAL A . n 
A 1 74  TRP 74  333 333 TRP TRP A . n 
A 1 75  PRO 75  334 334 PRO PRO A . n 
A 1 76  SER 76  335 335 SER SER A . n 
A 1 77  GLY 77  336 336 GLY GLY A . n 
A 1 78  HIS 78  337 337 HIS HIS A . n 
A 1 79  GLY 79  338 338 GLY GLY A . n 
A 1 80  TYR 80  339 339 TYR TYR A . n 
A 1 81  ASN 81  340 340 ASN ASN A . n 
A 1 82  ILE 82  341 341 ILE ILE A . n 
A 1 83  GLY 83  342 342 GLY GLY A . n 
A 1 84  ILE 84  343 343 ILE ILE A . n 
A 1 85  PRO 85  344 344 PRO PRO A . n 
A 1 86  THR 86  345 345 THR THR A . n 
A 1 87  TYR 87  346 346 TYR TYR A . n 
A 1 88  ASN 88  347 347 ASN ASN A . n 
A 1 89  ALA 89  348 348 ALA ALA A . n 
A 1 90  GLU 90  349 349 GLU GLU A . n 
A 1 91  ARG 91  350 350 ARG ARG A . n 
A 1 92  ALA 92  351 351 ALA ALA A . n 
A 1 93  ARG 93  352 352 ARG ARG A . n 
A 1 94  GLN 94  353 353 GLN GLN A . n 
A 1 95  LEU 95  354 354 LEU LEU A . n 
A 1 96  ALA 96  355 355 ALA ALA A . n 
A 1 97  GLN 97  356 356 GLN GLN A . n 
A 1 98  HIS 98  357 357 HIS HIS A . n 
A 1 99  LEU 99  358 358 LEU LEU A . n 
A 1 100 TYR 100 359 359 TYR TYR A . n 
A 1 101 GLY 101 360 360 GLY GLY A . n 
A 1 102 GLY 102 361 361 GLY GLY A . n 
A 1 103 GLY 103 362 362 GLY GLY A . n 
A 1 104 SER 104 363 363 SER SER A . n 
A 1 105 LEU 105 364 364 LEU LEU A . n 
A 1 106 THR 106 365 365 THR THR A . n 
A 1 107 ASP 107 366 366 ASP ASP A . n 
A 1 108 GLU 108 367 367 GLU GLU A . n 
A 1 109 LYS 109 368 368 LYS LYS A . n 
A 1 110 ALA 110 369 369 ALA ALA A . n 
A 1 111 LYS 111 370 370 LYS LYS A . n 
A 1 112 GLN 112 371 371 GLN GLN A . n 
A 1 113 LEU 113 372 372 LEU LEU A . n 
A 1 114 PHE 114 373 373 PHE PHE A . n 
A 1 115 VAL 115 374 374 VAL VAL A . n 
A 1 116 PRO 116 375 375 PRO PRO A . n 
A 1 117 ALA 117 376 376 ALA ALA A . n 
A 1 118 ASN 118 377 377 ASN ASN A . n 
A 1 119 GLN 119 378 378 GLN GLN A . n 
A 1 120 GLN 120 379 379 GLN GLN A . n 
A 1 121 GLY 121 380 380 GLY GLY A . n 
A 1 122 PRO 122 381 381 PRO PRO A . n 
A 1 123 GLY 123 382 382 GLY GLY A . n 
A 1 124 LYS 124 383 383 LYS LYS A . n 
A 1 125 VAL 125 384 384 VAL VAL A . n 
A 1 126 SER 126 385 385 SER SER A . n 
A 1 127 ASN 127 386 386 ASN ASN A . n 
A 1 128 GLY 128 387 387 GLY GLY A . n 
A 1 129 ASN 129 388 388 ASN ASN A . n 
A 1 130 PRO 130 389 389 PRO PRO A . n 
A 1 131 VAL 131 390 390 VAL VAL A . n 
A 1 132 TRP 132 391 391 TRP TRP A . n 
A 1 133 GLU 133 392 392 GLU GLU A . n 
A 1 134 VAL 134 393 393 VAL VAL A . n 
A 1 135 MET 135 394 394 MET MET A . n 
A 1 136 ARG 136 395 395 ARG ARG A . n 
A 1 137 ALA 137 396 396 ALA ALA A . n 
A 1 138 PRO 138 397 397 PRO PRO A . n 
A 1 139 LEU 139 398 398 LEU LEU A . n 
A 1 140 ALA 140 399 399 ALA ALA A . n 
A 1 141 THR 141 400 400 THR THR A . n 
A 1 142 GLN 142 401 401 GLN GLN A . n 
A 1 143 ARG 143 402 402 ARG ARG A . n 
A 1 144 ALA 144 403 403 ALA ALA A . n 
A 1 145 HIS 145 404 404 HIS HIS A . n 
A 1 146 ILE 146 405 405 ILE ILE A . n 
A 1 147 GLN 147 406 406 GLN GLN A . n 
A 1 148 ASP 148 407 407 ASP ASP A . n 
A 1 149 PHE 149 408 408 PHE PHE A . n 
A 1 150 GLU 150 409 409 GLU GLU A . n 
A 1 151 PHE 151 410 410 PHE PHE A . n 
A 1 152 ILE 152 411 411 ILE ILE A . n 
A 1 153 GLU 153 412 412 GLU GLU A . n 
A 1 154 ALA 154 413 413 ALA ALA A . n 
A 1 155 ILE 155 414 414 ILE ILE A . n 
A 1 156 PRO 156 415 415 PRO PRO A . n 
A 1 157 GLU 157 416 416 GLU GLU A . n 
# 
loop_
_pdbx_nonpoly_scheme.asym_id 
_pdbx_nonpoly_scheme.entity_id 
_pdbx_nonpoly_scheme.mon_id 
_pdbx_nonpoly_scheme.ndb_seq_num 
_pdbx_nonpoly_scheme.pdb_seq_num 
_pdbx_nonpoly_scheme.auth_seq_num 
_pdbx_nonpoly_scheme.pdb_mon_id 
_pdbx_nonpoly_scheme.auth_mon_id 
_pdbx_nonpoly_scheme.pdb_strand_id 
_pdbx_nonpoly_scheme.pdb_ins_code 
B 2 HOH 1   2001 2001 HOH HOH A . 
B 2 HOH 2   2002 2002 HOH HOH A . 
B 2 HOH 3   2003 2003 HOH HOH A . 
B 2 HOH 4   2004 2004 HOH HOH A . 
B 2 HOH 5   2005 2005 HOH HOH A . 
B 2 HOH 6   2006 2006 HOH HOH A . 
B 2 HOH 7   2007 2007 HOH HOH A . 
B 2 HOH 8   2008 2008 HOH HOH A . 
B 2 HOH 9   2009 2009 HOH HOH A . 
B 2 HOH 10  2010 2010 HOH HOH A . 
B 2 HOH 11  2011 2011 HOH HOH A . 
B 2 HOH 12  2012 2012 HOH HOH A . 
B 2 HOH 13  2013 2013 HOH HOH A . 
B 2 HOH 14  2014 2014 HOH HOH A . 
B 2 HOH 15  2015 2015 HOH HOH A . 
B 2 HOH 16  2016 2016 HOH HOH A . 
B 2 HOH 17  2017 2017 HOH HOH A . 
B 2 HOH 18  2018 2018 HOH HOH A . 
B 2 HOH 19  2019 2019 HOH HOH A . 
B 2 HOH 20  2020 2020 HOH HOH A . 
B 2 HOH 21  2021 2021 HOH HOH A . 
B 2 HOH 22  2022 2022 HOH HOH A . 
B 2 HOH 23  2023 2023 HOH HOH A . 
B 2 HOH 24  2024 2024 HOH HOH A . 
B 2 HOH 25  2025 2025 HOH HOH A . 
B 2 HOH 26  2026 2026 HOH HOH A . 
B 2 HOH 27  2027 2027 HOH HOH A . 
B 2 HOH 28  2028 2028 HOH HOH A . 
B 2 HOH 29  2029 2029 HOH HOH A . 
B 2 HOH 30  2030 2030 HOH HOH A . 
B 2 HOH 31  2031 2031 HOH HOH A . 
B 2 HOH 32  2032 2032 HOH HOH A . 
B 2 HOH 33  2033 2033 HOH HOH A . 
B 2 HOH 34  2034 2034 HOH HOH A . 
B 2 HOH 35  2035 2035 HOH HOH A . 
B 2 HOH 36  2036 2036 HOH HOH A . 
B 2 HOH 37  2037 2037 HOH HOH A . 
B 2 HOH 38  2038 2038 HOH HOH A . 
B 2 HOH 39  2039 2039 HOH HOH A . 
B 2 HOH 40  2040 2040 HOH HOH A . 
B 2 HOH 41  2041 2041 HOH HOH A . 
B 2 HOH 42  2042 2042 HOH HOH A . 
B 2 HOH 43  2043 2043 HOH HOH A . 
B 2 HOH 44  2044 2044 HOH HOH A . 
B 2 HOH 45  2045 2045 HOH HOH A . 
B 2 HOH 46  2046 2046 HOH HOH A . 
B 2 HOH 47  2047 2047 HOH HOH A . 
B 2 HOH 48  2048 2048 HOH HOH A . 
B 2 HOH 49  2049 2049 HOH HOH A . 
B 2 HOH 50  2050 2050 HOH HOH A . 
B 2 HOH 51  2051 2051 HOH HOH A . 
B 2 HOH 52  2052 2052 HOH HOH A . 
B 2 HOH 53  2053 2053 HOH HOH A . 
B 2 HOH 54  2054 2054 HOH HOH A . 
B 2 HOH 55  2055 2055 HOH HOH A . 
B 2 HOH 56  2056 2056 HOH HOH A . 
B 2 HOH 57  2057 2057 HOH HOH A . 
B 2 HOH 58  2058 2058 HOH HOH A . 
B 2 HOH 59  2059 2059 HOH HOH A . 
B 2 HOH 60  2060 2060 HOH HOH A . 
B 2 HOH 61  2061 2061 HOH HOH A . 
B 2 HOH 62  2062 2062 HOH HOH A . 
B 2 HOH 63  2063 2063 HOH HOH A . 
B 2 HOH 64  2064 2064 HOH HOH A . 
B 2 HOH 65  2065 2065 HOH HOH A . 
B 2 HOH 66  2066 2066 HOH HOH A . 
B 2 HOH 67  2067 2067 HOH HOH A . 
B 2 HOH 68  2068 2068 HOH HOH A . 
B 2 HOH 69  2069 2069 HOH HOH A . 
B 2 HOH 70  2070 2070 HOH HOH A . 
B 2 HOH 71  2071 2071 HOH HOH A . 
B 2 HOH 72  2072 2072 HOH HOH A . 
B 2 HOH 73  2073 2073 HOH HOH A . 
B 2 HOH 74  2074 2074 HOH HOH A . 
B 2 HOH 75  2075 2075 HOH HOH A . 
B 2 HOH 76  2076 2076 HOH HOH A . 
B 2 HOH 77  2077 2077 HOH HOH A . 
B 2 HOH 78  2078 2078 HOH HOH A . 
B 2 HOH 79  2079 2079 HOH HOH A . 
B 2 HOH 80  2080 2080 HOH HOH A . 
B 2 HOH 81  2081 2081 HOH HOH A . 
B 2 HOH 82  2082 2082 HOH HOH A . 
B 2 HOH 83  2083 2083 HOH HOH A . 
B 2 HOH 84  2084 2084 HOH HOH A . 
B 2 HOH 85  2085 2085 HOH HOH A . 
B 2 HOH 86  2086 2086 HOH HOH A . 
B 2 HOH 87  2087 2087 HOH HOH A . 
B 2 HOH 88  2088 2088 HOH HOH A . 
B 2 HOH 89  2089 2089 HOH HOH A . 
B 2 HOH 90  2090 2090 HOH HOH A . 
B 2 HOH 91  2091 2091 HOH HOH A . 
B 2 HOH 92  2092 2092 HOH HOH A . 
B 2 HOH 93  2093 2093 HOH HOH A . 
B 2 HOH 94  2094 2094 HOH HOH A . 
B 2 HOH 95  2095 2095 HOH HOH A . 
B 2 HOH 96  2096 2096 HOH HOH A . 
B 2 HOH 97  2097 2097 HOH HOH A . 
B 2 HOH 98  2098 2098 HOH HOH A . 
B 2 HOH 99  2099 2099 HOH HOH A . 
B 2 HOH 100 2100 2100 HOH HOH A . 
B 2 HOH 101 2101 2101 HOH HOH A . 
B 2 HOH 102 2102 2102 HOH HOH A . 
B 2 HOH 103 2103 2103 HOH HOH A . 
B 2 HOH 104 2104 2104 HOH HOH A . 
B 2 HOH 105 2105 2105 HOH HOH A . 
B 2 HOH 106 2106 2106 HOH HOH A . 
B 2 HOH 107 2107 2107 HOH HOH A . 
B 2 HOH 108 2108 2108 HOH HOH A . 
B 2 HOH 109 2109 2109 HOH HOH A . 
B 2 HOH 110 2110 2110 HOH HOH A . 
B 2 HOH 111 2111 2111 HOH HOH A . 
B 2 HOH 112 2112 2112 HOH HOH A . 
B 2 HOH 113 2113 2113 HOH HOH A . 
B 2 HOH 114 2114 2114 HOH HOH A . 
B 2 HOH 115 2115 2115 HOH HOH A . 
B 2 HOH 116 2116 2116 HOH HOH A . 
B 2 HOH 117 2117 2117 HOH HOH A . 
B 2 HOH 118 2118 2118 HOH HOH A . 
B 2 HOH 119 2119 2119 HOH HOH A . 
B 2 HOH 120 2120 2120 HOH HOH A . 
B 2 HOH 121 2121 2121 HOH HOH A . 
B 2 HOH 122 2122 2122 HOH HOH A . 
B 2 HOH 123 2123 2123 HOH HOH A . 
B 2 HOH 124 2124 2124 HOH HOH A . 
B 2 HOH 125 2125 2125 HOH HOH A . 
B 2 HOH 126 2126 2126 HOH HOH A . 
B 2 HOH 127 2127 2127 HOH HOH A . 
B 2 HOH 128 2128 2128 HOH HOH A . 
B 2 HOH 129 2129 2129 HOH HOH A . 
B 2 HOH 130 2130 2130 HOH HOH A . 
B 2 HOH 131 2131 2131 HOH HOH A . 
B 2 HOH 132 2132 2132 HOH HOH A . 
B 2 HOH 133 2133 2133 HOH HOH A . 
B 2 HOH 134 2134 2134 HOH HOH A . 
B 2 HOH 135 2135 2135 HOH HOH A . 
B 2 HOH 136 2136 2136 HOH HOH A . 
B 2 HOH 137 2137 2137 HOH HOH A . 
B 2 HOH 138 2138 2138 HOH HOH A . 
B 2 HOH 139 2139 2139 HOH HOH A . 
B 2 HOH 140 2140 2140 HOH HOH A . 
B 2 HOH 141 2141 2141 HOH HOH A . 
B 2 HOH 142 2142 2142 HOH HOH A . 
B 2 HOH 143 2143 2143 HOH HOH A . 
B 2 HOH 144 2144 2144 HOH HOH A . 
B 2 HOH 145 2145 2145 HOH HOH A . 
B 2 HOH 146 2146 2146 HOH HOH A . 
B 2 HOH 147 2147 2147 HOH HOH A . 
B 2 HOH 148 2148 2148 HOH HOH A . 
B 2 HOH 149 2149 2149 HOH HOH A . 
B 2 HOH 150 2150 2150 HOH HOH A . 
B 2 HOH 151 2151 2151 HOH HOH A . 
B 2 HOH 152 2152 2152 HOH HOH A . 
B 2 HOH 153 2153 2153 HOH HOH A . 
B 2 HOH 154 2154 2154 HOH HOH A . 
B 2 HOH 155 2155 2155 HOH HOH A . 
B 2 HOH 156 2156 2156 HOH HOH A . 
B 2 HOH 157 2157 2157 HOH HOH A . 
B 2 HOH 158 2158 2158 HOH HOH A . 
B 2 HOH 159 2159 2159 HOH HOH A . 
B 2 HOH 160 2160 2160 HOH HOH A . 
B 2 HOH 161 2161 2161 HOH HOH A . 
B 2 HOH 162 2162 2162 HOH HOH A . 
B 2 HOH 163 2163 2163 HOH HOH A . 
B 2 HOH 164 2164 2164 HOH HOH A . 
B 2 HOH 165 2165 2165 HOH HOH A . 
B 2 HOH 166 2166 2166 HOH HOH A . 
B 2 HOH 167 2167 2167 HOH HOH A . 
B 2 HOH 168 2168 2168 HOH HOH A . 
B 2 HOH 169 2169 2169 HOH HOH A . 
B 2 HOH 170 2170 2170 HOH HOH A . 
B 2 HOH 171 2171 2171 HOH HOH A . 
B 2 HOH 172 2172 2172 HOH HOH A . 
B 2 HOH 173 2173 2173 HOH HOH A . 
B 2 HOH 174 2174 2174 HOH HOH A . 
B 2 HOH 175 2175 2175 HOH HOH A . 
B 2 HOH 176 2176 2176 HOH HOH A . 
B 2 HOH 177 2177 2177 HOH HOH A . 
B 2 HOH 178 2178 2178 HOH HOH A . 
B 2 HOH 179 2179 2179 HOH HOH A . 
B 2 HOH 180 2180 2180 HOH HOH A . 
B 2 HOH 181 2181 2181 HOH HOH A . 
B 2 HOH 182 2182 2182 HOH HOH A . 
B 2 HOH 183 2183 2183 HOH HOH A . 
B 2 HOH 184 2184 2184 HOH HOH A . 
B 2 HOH 185 2185 2185 HOH HOH A . 
B 2 HOH 186 2186 2186 HOH HOH A . 
B 2 HOH 187 2187 2187 HOH HOH A . 
B 2 HOH 188 2188 2188 HOH HOH A . 
B 2 HOH 189 2189 2189 HOH HOH A . 
B 2 HOH 190 2190 2190 HOH HOH A . 
B 2 HOH 191 2191 2191 HOH HOH A . 
B 2 HOH 192 2192 2192 HOH HOH A . 
B 2 HOH 193 2193 2193 HOH HOH A . 
B 2 HOH 194 2194 2194 HOH HOH A . 
B 2 HOH 195 2195 2195 HOH HOH A . 
B 2 HOH 196 2196 2196 HOH HOH A . 
B 2 HOH 197 2197 2197 HOH HOH A . 
B 2 HOH 198 2198 2198 HOH HOH A . 
B 2 HOH 199 2199 2199 HOH HOH A . 
B 2 HOH 200 2200 2200 HOH HOH A . 
B 2 HOH 201 2201 2201 HOH HOH A . 
B 2 HOH 202 2202 2202 HOH HOH A . 
B 2 HOH 203 2203 2203 HOH HOH A . 
B 2 HOH 204 2204 2204 HOH HOH A . 
B 2 HOH 205 2205 2205 HOH HOH A . 
B 2 HOH 206 2206 2206 HOH HOH A . 
B 2 HOH 207 2207 2207 HOH HOH A . 
B 2 HOH 208 2208 2208 HOH HOH A . 
B 2 HOH 209 2209 2209 HOH HOH A . 
B 2 HOH 210 2210 2210 HOH HOH A . 
B 2 HOH 211 2211 2211 HOH HOH A . 
B 2 HOH 212 2212 2212 HOH HOH A . 
B 2 HOH 213 2213 2213 HOH HOH A . 
B 2 HOH 214 2214 2214 HOH HOH A . 
B 2 HOH 215 2215 2215 HOH HOH A . 
B 2 HOH 216 2216 2216 HOH HOH A . 
B 2 HOH 217 2217 2217 HOH HOH A . 
B 2 HOH 218 2218 2218 HOH HOH A . 
B 2 HOH 219 2219 2219 HOH HOH A . 
B 2 HOH 220 2220 2220 HOH HOH A . 
B 2 HOH 221 2221 2221 HOH HOH A . 
B 2 HOH 222 2222 2222 HOH HOH A . 
B 2 HOH 223 2223 2223 HOH HOH A . 
B 2 HOH 224 2224 2224 HOH HOH A . 
B 2 HOH 225 2225 2225 HOH HOH A . 
B 2 HOH 226 2226 2226 HOH HOH A . 
B 2 HOH 227 2227 2227 HOH HOH A . 
B 2 HOH 228 2228 2228 HOH HOH A . 
B 2 HOH 229 2229 2229 HOH HOH A . 
B 2 HOH 230 2230 2230 HOH HOH A . 
B 2 HOH 231 2231 2231 HOH HOH A . 
B 2 HOH 232 2232 2232 HOH HOH A . 
B 2 HOH 233 2233 2233 HOH HOH A . 
B 2 HOH 234 2234 2234 HOH HOH A . 
B 2 HOH 235 2235 2235 HOH HOH A . 
B 2 HOH 236 2236 2236 HOH HOH A . 
B 2 HOH 237 2237 2237 HOH HOH A . 
B 2 HOH 238 2238 2238 HOH HOH A . 
B 2 HOH 239 2239 2239 HOH HOH A . 
B 2 HOH 240 2240 2240 HOH HOH A . 
B 2 HOH 241 2241 2241 HOH HOH A . 
B 2 HOH 242 2242 2242 HOH HOH A . 
# 
loop_
_software.name 
_software.classification 
_software.version 
_software.citation_id 
_software.pdbx_ordinal 
PHENIX  refinement       '(PHENIX.REFINE)' ? 1 
XDS     'data reduction' .                 ? 2 
Aimless 'data scaling'   .                 ? 3 
PHASER  phasing          .                 ? 4 
# 
_cell.entry_id           5G51 
_cell.length_a           63.976 
_cell.length_b           104.922 
_cell.length_c           57.952 
_cell.angle_alpha        90.00 
_cell.angle_beta         90.00 
_cell.angle_gamma        90.00 
_cell.Z_PDB              8 
_cell.pdbx_unique_axis   ? 
# 
_symmetry.entry_id                         5G51 
_symmetry.space_group_name_H-M             'C 2 2 2' 
_symmetry.pdbx_full_space_group_name_H-M   ? 
_symmetry.cell_setting                     ? 
_symmetry.Int_Tables_number                21 
# 
_exptl.entry_id          5G51 
_exptl.method            'X-RAY DIFFRACTION' 
_exptl.crystals_number   1 
# 
_exptl_crystal.id                    1 
_exptl_crystal.density_meas          ? 
_exptl_crystal.density_Matthews      3.16 
_exptl_crystal.density_percent_sol   61.09 
_exptl_crystal.description           NONE 
# 
_exptl_crystal_grow.crystal_id      1 
_exptl_crystal_grow.method          ? 
_exptl_crystal_grow.temp            ? 
_exptl_crystal_grow.temp_details    ? 
_exptl_crystal_grow.pH              7.5 
_exptl_crystal_grow.pdbx_pH_range   ? 
_exptl_crystal_grow.pdbx_details    '0.1 M HEPES PH 7.5, 4.3 M NACL,' 
# 
_diffrn.id                     1 
_diffrn.ambient_temp           100 
_diffrn.ambient_temp_details   ? 
_diffrn.crystal_id             1 
# 
_diffrn_detector.diffrn_id              1 
_diffrn_detector.detector               PIXEL 
_diffrn_detector.type                   'DECTRIS PILATUS 6M' 
_diffrn_detector.pdbx_collection_date   2016-03-24 
_diffrn_detector.details                'KIRKPATRICK-BAEZ PAIR OF BI-MORPH MIRRORS PLUS CHANNEL' 
# 
_diffrn_radiation.diffrn_id                        1 
_diffrn_radiation.wavelength_id                    1 
_diffrn_radiation.pdbx_monochromatic_or_laue_m_l   M 
_diffrn_radiation.monochromator                    'CRYOGENICALLY COOLED MONOCHROMATOR CRYSTAL' 
_diffrn_radiation.pdbx_diffrn_protocol             'SINGLE WAVELENGTH' 
_diffrn_radiation.pdbx_scattering_type             x-ray 
# 
_diffrn_radiation_wavelength.id           1 
_diffrn_radiation_wavelength.wavelength   0.97857 
_diffrn_radiation_wavelength.wt           1.0 
# 
_diffrn_source.diffrn_id                   1 
_diffrn_source.source                      SYNCHROTRON 
_diffrn_source.type                        'SOLEIL BEAMLINE PROXIMA 1' 
_diffrn_source.pdbx_synchrotron_site       SOLEIL 
_diffrn_source.pdbx_synchrotron_beamline   'PROXIMA 1' 
_diffrn_source.pdbx_wavelength             0.97857 
_diffrn_source.pdbx_wavelength_list        ? 
# 
_reflns.pdbx_diffrn_id               1 
_reflns.pdbx_ordinal                 1 
_reflns.entry_id                     5G51 
_reflns.observed_criterion_sigma_I   2.1 
_reflns.observed_criterion_sigma_F   ? 
_reflns.d_resolution_low             39.75 
_reflns.d_resolution_high            1.45 
_reflns.number_obs                   34920 
_reflns.number_all                   ? 
_reflns.percent_possible_obs         99.9 
_reflns.pdbx_Rmerge_I_obs            0.06 
_reflns.pdbx_Rsym_value              ? 
_reflns.pdbx_netI_over_sigmaI        14.20 
_reflns.B_iso_Wilson_estimate        ? 
_reflns.pdbx_redundancy              6.09 
# 
_reflns_shell.pdbx_diffrn_id         1 
_reflns_shell.pdbx_ordinal           1 
_reflns_shell.d_res_high             1.45 
_reflns_shell.d_res_low              1.47 
_reflns_shell.percent_possible_all   98.4 
_reflns_shell.Rmerge_I_obs           0.54 
_reflns_shell.pdbx_Rsym_value        ? 
_reflns_shell.meanI_over_sigI_obs    2.10 
_reflns_shell.pdbx_redundancy        5.36 
# 
_refine.pdbx_refine_id                           'X-RAY DIFFRACTION' 
_refine.entry_id                                 5G51 
_refine.pdbx_diffrn_id                           1 
_refine.pdbx_TLS_residual_ADP_flag               ? 
_refine.ls_number_reflns_obs                     34919 
_refine.ls_number_reflns_all                     ? 
_refine.pdbx_ls_sigma_I                          ? 
_refine.pdbx_ls_sigma_F                          1.39 
_refine.pdbx_data_cutoff_high_absF               ? 
_refine.pdbx_data_cutoff_low_absF                ? 
_refine.pdbx_data_cutoff_high_rms_absF           ? 
_refine.ls_d_res_low                             39.749 
_refine.ls_d_res_high                            1.450 
_refine.ls_percent_reflns_obs                    99.85 
_refine.ls_R_factor_obs                          0.1899 
_refine.ls_R_factor_all                          ? 
_refine.ls_R_factor_R_work                       0.1887 
_refine.ls_R_factor_R_free                       0.2120 
_refine.ls_R_factor_R_free_error                 ? 
_refine.ls_R_factor_R_free_error_details         ? 
_refine.ls_percent_reflns_R_free                 5.0 
_refine.ls_number_reflns_R_free                  1754 
_refine.ls_number_parameters                     ? 
_refine.ls_number_restraints                     ? 
_refine.occupancy_min                            ? 
_refine.occupancy_max                            ? 
_refine.correlation_coeff_Fo_to_Fc               ? 
_refine.correlation_coeff_Fo_to_Fc_free          ? 
_refine.B_iso_mean                               ? 
_refine.aniso_B[1][1]                            ? 
_refine.aniso_B[2][2]                            ? 
_refine.aniso_B[3][3]                            ? 
_refine.aniso_B[1][2]                            ? 
_refine.aniso_B[1][3]                            ? 
_refine.aniso_B[2][3]                            ? 
_refine.solvent_model_details                    'FLAT BULK SOLVENT MODEL' 
_refine.solvent_model_param_ksol                 ? 
_refine.solvent_model_param_bsol                 ? 
_refine.pdbx_solvent_vdw_probe_radii             1.11 
_refine.pdbx_solvent_ion_probe_radii             ? 
_refine.pdbx_solvent_shrinkage_radii             0.90 
_refine.pdbx_ls_cross_valid_method               ? 
_refine.details                                  ? 
_refine.pdbx_starting_model                      ? 
_refine.pdbx_method_to_determine_struct          'MOLECULAR REPLACEMENT' 
_refine.pdbx_isotropic_thermal_model             ? 
_refine.pdbx_stereochemistry_target_values       ML 
_refine.pdbx_stereochem_target_val_spec_case     ? 
_refine.pdbx_R_Free_selection_details            ? 
_refine.pdbx_overall_ESU_R                       ? 
_refine.pdbx_overall_ESU_R_Free                  ? 
_refine.overall_SU_ML                            0.17 
_refine.pdbx_overall_phase_error                 22.09 
_refine.overall_SU_B                             ? 
_refine.overall_SU_R_Cruickshank_DPI             ? 
_refine.pdbx_overall_SU_R_free_Cruickshank_DPI   ? 
_refine.pdbx_overall_SU_R_Blow_DPI               ? 
_refine.pdbx_overall_SU_R_free_Blow_DPI          ? 
# 
_refine_hist.pdbx_refine_id                   'X-RAY DIFFRACTION' 
_refine_hist.cycle_id                         LAST 
_refine_hist.pdbx_number_atoms_protein        1242 
_refine_hist.pdbx_number_atoms_nucleic_acid   0 
_refine_hist.pdbx_number_atoms_ligand         0 
_refine_hist.number_atoms_solvent             242 
_refine_hist.number_atoms_total               1484 
_refine_hist.d_res_high                       1.450 
_refine_hist.d_res_low                        39.749 
# 
loop_
_refine_ls_restr.type 
_refine_ls_restr.dev_ideal 
_refine_ls_restr.dev_ideal_target 
_refine_ls_restr.weight 
_refine_ls_restr.number 
_refine_ls_restr.pdbx_refine_id 
_refine_ls_restr.pdbx_restraint_function 
f_bond_d           0.006  ? ? 1520 'X-RAY DIFFRACTION' ? 
f_angle_d          1.047  ? ? 2099 'X-RAY DIFFRACTION' ? 
f_dihedral_angle_d 13.247 ? ? 575  'X-RAY DIFFRACTION' ? 
f_chiral_restr     0.045  ? ? 205  'X-RAY DIFFRACTION' ? 
f_plane_restr      0.005  ? ? 291  'X-RAY DIFFRACTION' ? 
# 
loop_
_refine_ls_shell.pdbx_refine_id 
_refine_ls_shell.pdbx_total_number_of_bins_used 
_refine_ls_shell.d_res_high 
_refine_ls_shell.d_res_low 
_refine_ls_shell.number_reflns_R_work 
_refine_ls_shell.R_factor_R_work 
_refine_ls_shell.percent_reflns_obs 
_refine_ls_shell.R_factor_R_free 
_refine_ls_shell.R_factor_R_free_error 
_refine_ls_shell.percent_reflns_R_free 
_refine_ls_shell.number_reflns_R_free 
_refine_ls_shell.number_reflns_all 
_refine_ls_shell.R_factor_all 
'X-RAY DIFFRACTION' . 1.4500 1.4893  2524 0.2590 99.00  0.3561 . . 115 . . 
'X-RAY DIFFRACTION' . 1.4893 1.5331  2507 0.2473 100.00 0.2884 . . 150 . . 
'X-RAY DIFFRACTION' . 1.5331 1.5826  2501 0.2338 100.00 0.2845 . . 135 . . 
'X-RAY DIFFRACTION' . 1.5826 1.6391  2539 0.2401 100.00 0.2456 . . 126 . . 
'X-RAY DIFFRACTION' . 1.6391 1.7048  2537 0.2219 100.00 0.2565 . . 127 . . 
'X-RAY DIFFRACTION' . 1.7048 1.7823  2506 0.2099 100.00 0.2516 . . 138 . . 
'X-RAY DIFFRACTION' . 1.7823 1.8763  2571 0.2020 100.00 0.2123 . . 138 . . 
'X-RAY DIFFRACTION' . 1.8763 1.9939  2511 0.1990 100.00 0.2277 . . 143 . . 
'X-RAY DIFFRACTION' . 1.9939 2.1478  2537 0.1966 100.00 0.2054 . . 147 . . 
'X-RAY DIFFRACTION' . 2.1478 2.3639  2552 0.1952 100.00 0.2026 . . 145 . . 
'X-RAY DIFFRACTION' . 2.3639 2.7059  2570 0.2025 100.00 0.2564 . . 120 . . 
'X-RAY DIFFRACTION' . 2.7059 3.4089  2604 0.1838 100.00 0.2119 . . 132 . . 
'X-RAY DIFFRACTION' . 3.4089 39.7639 2706 0.1566 100.00 0.1684 . . 138 . . 
# 
_struct.entry_id                  5G51 
_struct.title                     'High resolution structure of the part of VP3 protein of Deformed Wing Virus forming P-domain' 
_struct.pdbx_model_details        ? 
_struct.pdbx_CASP_flag            ? 
_struct.pdbx_model_type_details   ? 
# 
_struct_keywords.entry_id        5G51 
_struct_keywords.pdbx_keywords   'VIRAL PROTEIN' 
_struct_keywords.text            
;VIRAL PROTEIN, PICORNAVIRALES, PICORNAVIRALES IFLAVIRIDAE IFLAVIRUS DWV CAPSID P-DOMAIN JELLYROLL INHIBITOR ANTIVIRAL CATALYTIC SITE PROTEASE LIPASE ESTERASE RECEPTOR
;
# 
loop_
_struct_asym.id 
_struct_asym.pdbx_blank_PDB_chainid_flag 
_struct_asym.pdbx_modified 
_struct_asym.entity_id 
_struct_asym.details 
A N N 1 ? 
B N N 2 ? 
# 
_struct_ref.id                         1 
_struct_ref.db_name                    PDB 
_struct_ref.db_code                    5G51 
_struct_ref.entity_id                  1 
_struct_ref.pdbx_seq_one_letter_code   ? 
_struct_ref.pdbx_align_begin           ? 
_struct_ref.pdbx_db_accession          5G51 
_struct_ref.pdbx_db_isoform            ? 
# 
_struct_ref_seq.align_id                      1 
_struct_ref_seq.ref_id                        1 
_struct_ref_seq.pdbx_PDB_id_code              5G51 
_struct_ref_seq.pdbx_strand_id                A 
_struct_ref_seq.seq_align_beg                 1 
_struct_ref_seq.pdbx_seq_align_beg_ins_code   ? 
_struct_ref_seq.seq_align_end                 139 
_struct_ref_seq.pdbx_seq_align_end_ins_code   ? 
_struct_ref_seq.pdbx_db_accession             5G51 
_struct_ref_seq.db_align_beg                  260 
_struct_ref_seq.pdbx_db_align_beg_ins_code    ? 
_struct_ref_seq.db_align_end                  398 
_struct_ref_seq.pdbx_db_align_end_ins_code    ? 
_struct_ref_seq.pdbx_auth_seq_align_beg       260 
_struct_ref_seq.pdbx_auth_seq_align_end       398 
# 
_pdbx_struct_assembly.id                   1 
_pdbx_struct_assembly.details              software_defined_assembly 
_pdbx_struct_assembly.method_details       PISA 
_pdbx_struct_assembly.oligomeric_details   tetrameric 
_pdbx_struct_assembly.oligomeric_count     4 
# 
loop_
_pdbx_struct_assembly_prop.biol_id 
_pdbx_struct_assembly_prop.type 
_pdbx_struct_assembly_prop.value 
_pdbx_struct_assembly_prop.details 
1 'ABSA (A^2)' 5700  ? 
1 MORE         -33.3 ? 
1 'SSA (A^2)'  27920 ? 
# 
_pdbx_struct_assembly_gen.assembly_id       1 
_pdbx_struct_assembly_gen.oper_expression   1,2,3,4 
_pdbx_struct_assembly_gen.asym_id_list      A,B 
# 
loop_
_pdbx_struct_oper_list.id 
_pdbx_struct_oper_list.type 
_pdbx_struct_oper_list.name 
_pdbx_struct_oper_list.symmetry_operation 
_pdbx_struct_oper_list.matrix[1][1] 
_pdbx_struct_oper_list.matrix[1][2] 
_pdbx_struct_oper_list.matrix[1][3] 
_pdbx_struct_oper_list.vector[1] 
_pdbx_struct_oper_list.matrix[2][1] 
_pdbx_struct_oper_list.matrix[2][2] 
_pdbx_struct_oper_list.matrix[2][3] 
_pdbx_struct_oper_list.vector[2] 
_pdbx_struct_oper_list.matrix[3][1] 
_pdbx_struct_oper_list.matrix[3][2] 
_pdbx_struct_oper_list.matrix[3][3] 
_pdbx_struct_oper_list.vector[3] 
1 'identity operation'         1_555 x,y,z     1.0000000000  0.0000000000  0.0000000000  0.0000000000   0.0000000000  1.0000000000  0.0000000000  0.0000000000   0.0000000000  0.0000000000  1.0000000000  0.0000000000   
2 'crystal symmetry operation' 3_554 -x,y,-z-1 -0.6635594770 0.6779073619  -0.3164339255 -0.1055339070  0.6779073619  0.3659424471  -0.6375952745 -18.8198123756 -0.3164339255 -0.6375952745 -0.7023829701 -40.4305424046 
3 'crystal symmetry operation' 4_554 x,-y,-z-1 -0.3308394811 0.1056271261  0.9377569770  28.9124992880  0.1056271261  -0.9833267363 0.1480251325  2.5334964586   0.9377569770  0.1480251325  0.3141662175  -20.9166228095 
4 'crystal symmetry operation' 2_555 -x,-y,z   -0.0056010419 -0.7835344880 -0.6213230516 -10.9544918491 -0.7835344880 -0.3826157108 0.4895701420  15.0436374986  -0.6213230516 0.4895701420  -0.6117832473 -36.5033037652   
# 
_struct_biol.id   1 
# 
loop_
_struct_conf.conf_type_id 
_struct_conf.id 
_struct_conf.pdbx_PDB_helix_id 
_struct_conf.beg_label_comp_id 
_struct_conf.beg_label_asym_id 
_struct_conf.beg_label_seq_id 
_struct_conf.pdbx_beg_PDB_ins_code 
_struct_conf.end_label_comp_id 
_struct_conf.end_label_asym_id 
_struct_conf.end_label_seq_id 
_struct_conf.pdbx_end_PDB_ins_code 
_struct_conf.beg_auth_comp_id 
_struct_conf.beg_auth_asym_id 
_struct_conf.beg_auth_seq_id 
_struct_conf.end_auth_comp_id 
_struct_conf.end_auth_asym_id 
_struct_conf.end_auth_seq_id 
_struct_conf.pdbx_PDB_helix_class 
_struct_conf.details 
_struct_conf.pdbx_PDB_helix_length 
HELX_P HELX_P1 1 PHE A 20  ? ASN A 24  ? PHE A 279 ASN A 283 5 ? 5  
HELX_P HELX_P2 2 ASP A 57  ? ALA A 61  ? ASP A 316 ALA A 320 5 ? 5  
HELX_P HELX_P3 3 ASN A 88  ? GLY A 101 ? ASN A 347 GLY A 360 1 ? 14 
HELX_P HELX_P4 4 ASP A 107 ? GLN A 112 ? ASP A 366 GLN A 371 1 ? 6  
HELX_P HELX_P5 5 ALA A 117 ? GLN A 120 ? ALA A 376 GLN A 379 5 ? 4  
# 
_struct_conf_type.id          HELX_P 
_struct_conf_type.criteria    ? 
_struct_conf_type.reference   ? 
# 
loop_
_struct_mon_prot_cis.pdbx_id 
_struct_mon_prot_cis.label_comp_id 
_struct_mon_prot_cis.label_seq_id 
_struct_mon_prot_cis.label_asym_id 
_struct_mon_prot_cis.label_alt_id 
_struct_mon_prot_cis.pdbx_PDB_ins_code 
_struct_mon_prot_cis.auth_comp_id 
_struct_mon_prot_cis.auth_seq_id 
_struct_mon_prot_cis.auth_asym_id 
_struct_mon_prot_cis.pdbx_label_comp_id_2 
_struct_mon_prot_cis.pdbx_label_seq_id_2 
_struct_mon_prot_cis.pdbx_label_asym_id_2 
_struct_mon_prot_cis.pdbx_PDB_ins_code_2 
_struct_mon_prot_cis.pdbx_auth_comp_id_2 
_struct_mon_prot_cis.pdbx_auth_seq_id_2 
_struct_mon_prot_cis.pdbx_auth_asym_id_2 
_struct_mon_prot_cis.pdbx_PDB_model_num 
_struct_mon_prot_cis.pdbx_omega_angle 
1 ALA 10 A . ? ALA 269 A PRO 11 A ? PRO 270 A 1 -1.80 
2 ALA 10 A . ? ALA 269 A PRO 11 A ? PRO 270 A 1 -5.39 
# 
loop_
_struct_sheet.id 
_struct_sheet.type 
_struct_sheet.number_strands 
_struct_sheet.details 
AA ? 2 ? 
AB ? 4 ? 
AC ? 2 ? 
# 
loop_
_struct_sheet_order.sheet_id 
_struct_sheet_order.range_id_1 
_struct_sheet_order.range_id_2 
_struct_sheet_order.offset 
_struct_sheet_order.sense 
AA 1 2 ? anti-parallel 
AB 1 2 ? anti-parallel 
AB 2 3 ? anti-parallel 
AB 3 4 ? anti-parallel 
AC 1 2 ? anti-parallel 
# 
loop_
_struct_sheet_range.sheet_id 
_struct_sheet_range.id 
_struct_sheet_range.beg_label_comp_id 
_struct_sheet_range.beg_label_asym_id 
_struct_sheet_range.beg_label_seq_id 
_struct_sheet_range.pdbx_beg_PDB_ins_code 
_struct_sheet_range.end_label_comp_id 
_struct_sheet_range.end_label_asym_id 
_struct_sheet_range.end_label_seq_id 
_struct_sheet_range.pdbx_end_PDB_ins_code 
_struct_sheet_range.beg_auth_comp_id 
_struct_sheet_range.beg_auth_asym_id 
_struct_sheet_range.beg_auth_seq_id 
_struct_sheet_range.end_auth_comp_id 
_struct_sheet_range.end_auth_asym_id 
_struct_sheet_range.end_auth_seq_id 
AA 1 TYR A 13  ? GLY A 15  ? TYR A 272 GLY A 274 
AA 2 VAL A 27  ? ARG A 29  ? VAL A 286 ARG A 288 
AB 1 ASN A 81  ? THR A 86  ? ASN A 340 THR A 345 
AB 2 THR A 70  ? PRO A 75  ? THR A 329 PRO A 334 
AB 3 GLU A 49  ? ILE A 55  ? GLU A 308 ILE A 314 
AB 4 TRP A 132 ? PRO A 138 ? TRP A 391 PRO A 397 
AC 1 ALA A 144 ? GLN A 147 ? ALA A 403 GLN A 406 
AC 2 GLU A 150 ? ILE A 152 ? GLU A 409 ILE A 411 
# 
loop_
_pdbx_struct_sheet_hbond.sheet_id 
_pdbx_struct_sheet_hbond.range_id_1 
_pdbx_struct_sheet_hbond.range_id_2 
_pdbx_struct_sheet_hbond.range_1_label_atom_id 
_pdbx_struct_sheet_hbond.range_1_label_comp_id 
_pdbx_struct_sheet_hbond.range_1_label_asym_id 
_pdbx_struct_sheet_hbond.range_1_label_seq_id 
_pdbx_struct_sheet_hbond.range_1_PDB_ins_code 
_pdbx_struct_sheet_hbond.range_1_auth_atom_id 
_pdbx_struct_sheet_hbond.range_1_auth_comp_id 
_pdbx_struct_sheet_hbond.range_1_auth_asym_id 
_pdbx_struct_sheet_hbond.range_1_auth_seq_id 
_pdbx_struct_sheet_hbond.range_2_label_atom_id 
_pdbx_struct_sheet_hbond.range_2_label_comp_id 
_pdbx_struct_sheet_hbond.range_2_label_asym_id 
_pdbx_struct_sheet_hbond.range_2_label_seq_id 
_pdbx_struct_sheet_hbond.range_2_PDB_ins_code 
_pdbx_struct_sheet_hbond.range_2_auth_atom_id 
_pdbx_struct_sheet_hbond.range_2_auth_comp_id 
_pdbx_struct_sheet_hbond.range_2_auth_asym_id 
_pdbx_struct_sheet_hbond.range_2_auth_seq_id 
AA 1 2 N GLY A 15  ? N GLY A 274 O VAL A 27  ? O VAL A 286 
AB 1 2 N THR A 86  ? N THR A 345 O THR A 70  ? O THR A 329 
AB 2 3 N MET A 71  ? N MET A 330 O LEU A 53  ? O LEU A 312 
AB 3 4 N ARG A 54  ? N ARG A 313 O GLU A 133 ? O GLU A 392 
AC 1 2 N ILE A 146 ? N ILE A 405 O GLU A 150 ? O GLU A 409 
# 
loop_
_pdbx_validate_close_contact.id 
_pdbx_validate_close_contact.PDB_model_num 
_pdbx_validate_close_contact.auth_atom_id_1 
_pdbx_validate_close_contact.auth_asym_id_1 
_pdbx_validate_close_contact.auth_comp_id_1 
_pdbx_validate_close_contact.auth_seq_id_1 
_pdbx_validate_close_contact.PDB_ins_code_1 
_pdbx_validate_close_contact.label_alt_id_1 
_pdbx_validate_close_contact.auth_atom_id_2 
_pdbx_validate_close_contact.auth_asym_id_2 
_pdbx_validate_close_contact.auth_comp_id_2 
_pdbx_validate_close_contact.auth_seq_id_2 
_pdbx_validate_close_contact.PDB_ins_code_2 
_pdbx_validate_close_contact.label_alt_id_2 
_pdbx_validate_close_contact.dist 
1  1 O   A HOH 2133 ? ? O A HOH 2135 ? ? 1.80 
2  1 O   A HOH 2100 ? ? O A HOH 2146 ? ? 1.93 
3  1 O   A HOH 2224 ? ? O A HOH 2225 ? ? 1.94 
4  1 O   A HOH 2207 ? ? O A HOH 2209 ? ? 2.01 
5  1 O   A HOH 2069 ? ? O A HOH 2074 ? ? 2.06 
6  1 NH2 A ARG 288  ? ? O A ALA 292  ? A 2.07 
7  1 O   A HOH 2001 ? ? O A HOH 2002 ? ? 2.10 
8  1 OE1 A GLN 406  ? ? O A HOH 2232 ? ? 2.17 
9  1 O   A HOH 2023 ? ? O A HOH 2026 ? ? 2.18 
10 1 OH  A TYR 271  ? A O A HOH 2022 ? ? 2.19 
# 
loop_
_pdbx_validate_symm_contact.id 
_pdbx_validate_symm_contact.PDB_model_num 
_pdbx_validate_symm_contact.auth_atom_id_1 
_pdbx_validate_symm_contact.auth_asym_id_1 
_pdbx_validate_symm_contact.auth_comp_id_1 
_pdbx_validate_symm_contact.auth_seq_id_1 
_pdbx_validate_symm_contact.PDB_ins_code_1 
_pdbx_validate_symm_contact.label_alt_id_1 
_pdbx_validate_symm_contact.site_symmetry_1 
_pdbx_validate_symm_contact.auth_atom_id_2 
_pdbx_validate_symm_contact.auth_asym_id_2 
_pdbx_validate_symm_contact.auth_comp_id_2 
_pdbx_validate_symm_contact.auth_seq_id_2 
_pdbx_validate_symm_contact.PDB_ins_code_2 
_pdbx_validate_symm_contact.label_alt_id_2 
_pdbx_validate_symm_contact.site_symmetry_2 
_pdbx_validate_symm_contact.dist 
1 1 O A HOH 2127 ? ? 1_555 O A HOH 2127 ? ? 6_455 1.72 
2 1 O A HOH 2164 ? ? 1_555 O A HOH 2225 ? ? 3_554 1.96 
# 
loop_
_pdbx_validate_torsion.id 
_pdbx_validate_torsion.PDB_model_num 
_pdbx_validate_torsion.auth_comp_id 
_pdbx_validate_torsion.auth_asym_id 
_pdbx_validate_torsion.auth_seq_id 
_pdbx_validate_torsion.PDB_ins_code 
_pdbx_validate_torsion.label_alt_id 
_pdbx_validate_torsion.phi 
_pdbx_validate_torsion.psi 
1 1 GLU A 261 ? ? -142.76 51.33   
2 1 ILE A 405 ? A -105.29 -66.68  
3 1 ILE A 405 ? B -107.96 -60.90  
4 1 ASP A 407 ? ? 51.88   -118.00 
# 
loop_
_pdbx_struct_special_symmetry.id 
_pdbx_struct_special_symmetry.PDB_model_num 
_pdbx_struct_special_symmetry.auth_asym_id 
_pdbx_struct_special_symmetry.auth_comp_id 
_pdbx_struct_special_symmetry.auth_seq_id 
_pdbx_struct_special_symmetry.PDB_ins_code 
_pdbx_struct_special_symmetry.label_asym_id 
_pdbx_struct_special_symmetry.label_comp_id 
_pdbx_struct_special_symmetry.label_seq_id 
1 1 A HOH 2113 ? B HOH . 
2 1 A HOH 2161 ? B HOH . 
3 1 A HOH 2209 ? B HOH . 
4 1 A HOH 2230 ? B HOH . 
# 
_pdbx_entry_details.entry_id                 5G51 
_pdbx_entry_details.compound_details         ? 
_pdbx_entry_details.source_details           ? 
_pdbx_entry_details.nonpolymer_details       ? 
_pdbx_entry_details.sequence_details         'SEQUENCE WILL BE UPLOAD SOON TO THE UNIPROT DATABASE.' 
_pdbx_entry_details.has_ligand_of_interest   ? 
# 
_pdbx_distant_solvent_atoms.id                                1 
_pdbx_distant_solvent_atoms.PDB_model_num                     1 
_pdbx_distant_solvent_atoms.auth_atom_id                      O 
_pdbx_distant_solvent_atoms.label_alt_id                      ? 
_pdbx_distant_solvent_atoms.auth_asym_id                      A 
_pdbx_distant_solvent_atoms.auth_comp_id                      HOH 
_pdbx_distant_solvent_atoms.auth_seq_id                       2152 
_pdbx_distant_solvent_atoms.PDB_ins_code                      ? 
_pdbx_distant_solvent_atoms.neighbor_macromolecule_distance   5.87 
_pdbx_distant_solvent_atoms.neighbor_ligand_distance          . 
# 
loop_
_chem_comp_atom.comp_id 
_chem_comp_atom.atom_id 
_chem_comp_atom.type_symbol 
_chem_comp_atom.pdbx_aromatic_flag 
_chem_comp_atom.pdbx_stereo_config 
_chem_comp_atom.pdbx_ordinal 
ALA N    N N N 1   
ALA CA   C N S 2   
ALA C    C N N 3   
ALA O    O N N 4   
ALA CB   C N N 5   
ALA OXT  O N N 6   
ALA H    H N N 7   
ALA H2   H N N 8   
ALA HA   H N N 9   
ALA HB1  H N N 10  
ALA HB2  H N N 11  
ALA HB3  H N N 12  
ALA HXT  H N N 13  
ARG N    N N N 14  
ARG CA   C N S 15  
ARG C    C N N 16  
ARG O    O N N 17  
ARG CB   C N N 18  
ARG CG   C N N 19  
ARG CD   C N N 20  
ARG NE   N N N 21  
ARG CZ   C N N 22  
ARG NH1  N N N 23  
ARG NH2  N N N 24  
ARG OXT  O N N 25  
ARG H    H N N 26  
ARG H2   H N N 27  
ARG HA   H N N 28  
ARG HB2  H N N 29  
ARG HB3  H N N 30  
ARG HG2  H N N 31  
ARG HG3  H N N 32  
ARG HD2  H N N 33  
ARG HD3  H N N 34  
ARG HE   H N N 35  
ARG HH11 H N N 36  
ARG HH12 H N N 37  
ARG HH21 H N N 38  
ARG HH22 H N N 39  
ARG HXT  H N N 40  
ASN N    N N N 41  
ASN CA   C N S 42  
ASN C    C N N 43  
ASN O    O N N 44  
ASN CB   C N N 45  
ASN CG   C N N 46  
ASN OD1  O N N 47  
ASN ND2  N N N 48  
ASN OXT  O N N 49  
ASN H    H N N 50  
ASN H2   H N N 51  
ASN HA   H N N 52  
ASN HB2  H N N 53  
ASN HB3  H N N 54  
ASN HD21 H N N 55  
ASN HD22 H N N 56  
ASN HXT  H N N 57  
ASP N    N N N 58  
ASP CA   C N S 59  
ASP C    C N N 60  
ASP O    O N N 61  
ASP CB   C N N 62  
ASP CG   C N N 63  
ASP OD1  O N N 64  
ASP OD2  O N N 65  
ASP OXT  O N N 66  
ASP H    H N N 67  
ASP H2   H N N 68  
ASP HA   H N N 69  
ASP HB2  H N N 70  
ASP HB3  H N N 71  
ASP HD2  H N N 72  
ASP HXT  H N N 73  
GLN N    N N N 74  
GLN CA   C N S 75  
GLN C    C N N 76  
GLN O    O N N 77  
GLN CB   C N N 78  
GLN CG   C N N 79  
GLN CD   C N N 80  
GLN OE1  O N N 81  
GLN NE2  N N N 82  
GLN OXT  O N N 83  
GLN H    H N N 84  
GLN H2   H N N 85  
GLN HA   H N N 86  
GLN HB2  H N N 87  
GLN HB3  H N N 88  
GLN HG2  H N N 89  
GLN HG3  H N N 90  
GLN HE21 H N N 91  
GLN HE22 H N N 92  
GLN HXT  H N N 93  
GLU N    N N N 94  
GLU CA   C N S 95  
GLU C    C N N 96  
GLU O    O N N 97  
GLU CB   C N N 98  
GLU CG   C N N 99  
GLU CD   C N N 100 
GLU OE1  O N N 101 
GLU OE2  O N N 102 
GLU OXT  O N N 103 
GLU H    H N N 104 
GLU H2   H N N 105 
GLU HA   H N N 106 
GLU HB2  H N N 107 
GLU HB3  H N N 108 
GLU HG2  H N N 109 
GLU HG3  H N N 110 
GLU HE2  H N N 111 
GLU HXT  H N N 112 
GLY N    N N N 113 
GLY CA   C N N 114 
GLY C    C N N 115 
GLY O    O N N 116 
GLY OXT  O N N 117 
GLY H    H N N 118 
GLY H2   H N N 119 
GLY HA2  H N N 120 
GLY HA3  H N N 121 
GLY HXT  H N N 122 
HIS N    N N N 123 
HIS CA   C N S 124 
HIS C    C N N 125 
HIS O    O N N 126 
HIS CB   C N N 127 
HIS CG   C Y N 128 
HIS ND1  N Y N 129 
HIS CD2  C Y N 130 
HIS CE1  C Y N 131 
HIS NE2  N Y N 132 
HIS OXT  O N N 133 
HIS H    H N N 134 
HIS H2   H N N 135 
HIS HA   H N N 136 
HIS HB2  H N N 137 
HIS HB3  H N N 138 
HIS HD1  H N N 139 
HIS HD2  H N N 140 
HIS HE1  H N N 141 
HIS HE2  H N N 142 
HIS HXT  H N N 143 
HOH O    O N N 144 
HOH H1   H N N 145 
HOH H2   H N N 146 
ILE N    N N N 147 
ILE CA   C N S 148 
ILE C    C N N 149 
ILE O    O N N 150 
ILE CB   C N S 151 
ILE CG1  C N N 152 
ILE CG2  C N N 153 
ILE CD1  C N N 154 
ILE OXT  O N N 155 
ILE H    H N N 156 
ILE H2   H N N 157 
ILE HA   H N N 158 
ILE HB   H N N 159 
ILE HG12 H N N 160 
ILE HG13 H N N 161 
ILE HG21 H N N 162 
ILE HG22 H N N 163 
ILE HG23 H N N 164 
ILE HD11 H N N 165 
ILE HD12 H N N 166 
ILE HD13 H N N 167 
ILE HXT  H N N 168 
LEU N    N N N 169 
LEU CA   C N S 170 
LEU C    C N N 171 
LEU O    O N N 172 
LEU CB   C N N 173 
LEU CG   C N N 174 
LEU CD1  C N N 175 
LEU CD2  C N N 176 
LEU OXT  O N N 177 
LEU H    H N N 178 
LEU H2   H N N 179 
LEU HA   H N N 180 
LEU HB2  H N N 181 
LEU HB3  H N N 182 
LEU HG   H N N 183 
LEU HD11 H N N 184 
LEU HD12 H N N 185 
LEU HD13 H N N 186 
LEU HD21 H N N 187 
LEU HD22 H N N 188 
LEU HD23 H N N 189 
LEU HXT  H N N 190 
LYS N    N N N 191 
LYS CA   C N S 192 
LYS C    C N N 193 
LYS O    O N N 194 
LYS CB   C N N 195 
LYS CG   C N N 196 
LYS CD   C N N 197 
LYS CE   C N N 198 
LYS NZ   N N N 199 
LYS OXT  O N N 200 
LYS H    H N N 201 
LYS H2   H N N 202 
LYS HA   H N N 203 
LYS HB2  H N N 204 
LYS HB3  H N N 205 
LYS HG2  H N N 206 
LYS HG3  H N N 207 
LYS HD2  H N N 208 
LYS HD3  H N N 209 
LYS HE2  H N N 210 
LYS HE3  H N N 211 
LYS HZ1  H N N 212 
LYS HZ2  H N N 213 
LYS HZ3  H N N 214 
LYS HXT  H N N 215 
MET N    N N N 216 
MET CA   C N S 217 
MET C    C N N 218 
MET O    O N N 219 
MET CB   C N N 220 
MET CG   C N N 221 
MET SD   S N N 222 
MET CE   C N N 223 
MET OXT  O N N 224 
MET H    H N N 225 
MET H2   H N N 226 
MET HA   H N N 227 
MET HB2  H N N 228 
MET HB3  H N N 229 
MET HG2  H N N 230 
MET HG3  H N N 231 
MET HE1  H N N 232 
MET HE2  H N N 233 
MET HE3  H N N 234 
MET HXT  H N N 235 
PHE N    N N N 236 
PHE CA   C N S 237 
PHE C    C N N 238 
PHE O    O N N 239 
PHE CB   C N N 240 
PHE CG   C Y N 241 
PHE CD1  C Y N 242 
PHE CD2  C Y N 243 
PHE CE1  C Y N 244 
PHE CE2  C Y N 245 
PHE CZ   C Y N 246 
PHE OXT  O N N 247 
PHE H    H N N 248 
PHE H2   H N N 249 
PHE HA   H N N 250 
PHE HB2  H N N 251 
PHE HB3  H N N 252 
PHE HD1  H N N 253 
PHE HD2  H N N 254 
PHE HE1  H N N 255 
PHE HE2  H N N 256 
PHE HZ   H N N 257 
PHE HXT  H N N 258 
PRO N    N N N 259 
PRO CA   C N S 260 
PRO C    C N N 261 
PRO O    O N N 262 
PRO CB   C N N 263 
PRO CG   C N N 264 
PRO CD   C N N 265 
PRO OXT  O N N 266 
PRO H    H N N 267 
PRO HA   H N N 268 
PRO HB2  H N N 269 
PRO HB3  H N N 270 
PRO HG2  H N N 271 
PRO HG3  H N N 272 
PRO HD2  H N N 273 
PRO HD3  H N N 274 
PRO HXT  H N N 275 
SER N    N N N 276 
SER CA   C N S 277 
SER C    C N N 278 
SER O    O N N 279 
SER CB   C N N 280 
SER OG   O N N 281 
SER OXT  O N N 282 
SER H    H N N 283 
SER H2   H N N 284 
SER HA   H N N 285 
SER HB2  H N N 286 
SER HB3  H N N 287 
SER HG   H N N 288 
SER HXT  H N N 289 
THR N    N N N 290 
THR CA   C N S 291 
THR C    C N N 292 
THR O    O N N 293 
THR CB   C N R 294 
THR OG1  O N N 295 
THR CG2  C N N 296 
THR OXT  O N N 297 
THR H    H N N 298 
THR H2   H N N 299 
THR HA   H N N 300 
THR HB   H N N 301 
THR HG1  H N N 302 
THR HG21 H N N 303 
THR HG22 H N N 304 
THR HG23 H N N 305 
THR HXT  H N N 306 
TRP N    N N N 307 
TRP CA   C N S 308 
TRP C    C N N 309 
TRP O    O N N 310 
TRP CB   C N N 311 
TRP CG   C Y N 312 
TRP CD1  C Y N 313 
TRP CD2  C Y N 314 
TRP NE1  N Y N 315 
TRP CE2  C Y N 316 
TRP CE3  C Y N 317 
TRP CZ2  C Y N 318 
TRP CZ3  C Y N 319 
TRP CH2  C Y N 320 
TRP OXT  O N N 321 
TRP H    H N N 322 
TRP H2   H N N 323 
TRP HA   H N N 324 
TRP HB2  H N N 325 
TRP HB3  H N N 326 
TRP HD1  H N N 327 
TRP HE1  H N N 328 
TRP HE3  H N N 329 
TRP HZ2  H N N 330 
TRP HZ3  H N N 331 
TRP HH2  H N N 332 
TRP HXT  H N N 333 
TYR N    N N N 334 
TYR CA   C N S 335 
TYR C    C N N 336 
TYR O    O N N 337 
TYR CB   C N N 338 
TYR CG   C Y N 339 
TYR CD1  C Y N 340 
TYR CD2  C Y N 341 
TYR CE1  C Y N 342 
TYR CE2  C Y N 343 
TYR CZ   C Y N 344 
TYR OH   O N N 345 
TYR OXT  O N N 346 
TYR H    H N N 347 
TYR H2   H N N 348 
TYR HA   H N N 349 
TYR HB2  H N N 350 
TYR HB3  H N N 351 
TYR HD1  H N N 352 
TYR HD2  H N N 353 
TYR HE1  H N N 354 
TYR HE2  H N N 355 
TYR HH   H N N 356 
TYR HXT  H N N 357 
VAL N    N N N 358 
VAL CA   C N S 359 
VAL C    C N N 360 
VAL O    O N N 361 
VAL CB   C N N 362 
VAL CG1  C N N 363 
VAL CG2  C N N 364 
VAL OXT  O N N 365 
VAL H    H N N 366 
VAL H2   H N N 367 
VAL HA   H N N 368 
VAL HB   H N N 369 
VAL HG11 H N N 370 
VAL HG12 H N N 371 
VAL HG13 H N N 372 
VAL HG21 H N N 373 
VAL HG22 H N N 374 
VAL HG23 H N N 375 
VAL HXT  H N N 376 
# 
loop_
_chem_comp_bond.comp_id 
_chem_comp_bond.atom_id_1 
_chem_comp_bond.atom_id_2 
_chem_comp_bond.value_order 
_chem_comp_bond.pdbx_aromatic_flag 
_chem_comp_bond.pdbx_stereo_config 
_chem_comp_bond.pdbx_ordinal 
ALA N   CA   sing N N 1   
ALA N   H    sing N N 2   
ALA N   H2   sing N N 3   
ALA CA  C    sing N N 4   
ALA CA  CB   sing N N 5   
ALA CA  HA   sing N N 6   
ALA C   O    doub N N 7   
ALA C   OXT  sing N N 8   
ALA CB  HB1  sing N N 9   
ALA CB  HB2  sing N N 10  
ALA CB  HB3  sing N N 11  
ALA OXT HXT  sing N N 12  
ARG N   CA   sing N N 13  
ARG N   H    sing N N 14  
ARG N   H2   sing N N 15  
ARG CA  C    sing N N 16  
ARG CA  CB   sing N N 17  
ARG CA  HA   sing N N 18  
ARG C   O    doub N N 19  
ARG C   OXT  sing N N 20  
ARG CB  CG   sing N N 21  
ARG CB  HB2  sing N N 22  
ARG CB  HB3  sing N N 23  
ARG CG  CD   sing N N 24  
ARG CG  HG2  sing N N 25  
ARG CG  HG3  sing N N 26  
ARG CD  NE   sing N N 27  
ARG CD  HD2  sing N N 28  
ARG CD  HD3  sing N N 29  
ARG NE  CZ   sing N N 30  
ARG NE  HE   sing N N 31  
ARG CZ  NH1  sing N N 32  
ARG CZ  NH2  doub N N 33  
ARG NH1 HH11 sing N N 34  
ARG NH1 HH12 sing N N 35  
ARG NH2 HH21 sing N N 36  
ARG NH2 HH22 sing N N 37  
ARG OXT HXT  sing N N 38  
ASN N   CA   sing N N 39  
ASN N   H    sing N N 40  
ASN N   H2   sing N N 41  
ASN CA  C    sing N N 42  
ASN CA  CB   sing N N 43  
ASN CA  HA   sing N N 44  
ASN C   O    doub N N 45  
ASN C   OXT  sing N N 46  
ASN CB  CG   sing N N 47  
ASN CB  HB2  sing N N 48  
ASN CB  HB3  sing N N 49  
ASN CG  OD1  doub N N 50  
ASN CG  ND2  sing N N 51  
ASN ND2 HD21 sing N N 52  
ASN ND2 HD22 sing N N 53  
ASN OXT HXT  sing N N 54  
ASP N   CA   sing N N 55  
ASP N   H    sing N N 56  
ASP N   H2   sing N N 57  
ASP CA  C    sing N N 58  
ASP CA  CB   sing N N 59  
ASP CA  HA   sing N N 60  
ASP C   O    doub N N 61  
ASP C   OXT  sing N N 62  
ASP CB  CG   sing N N 63  
ASP CB  HB2  sing N N 64  
ASP CB  HB3  sing N N 65  
ASP CG  OD1  doub N N 66  
ASP CG  OD2  sing N N 67  
ASP OD2 HD2  sing N N 68  
ASP OXT HXT  sing N N 69  
GLN N   CA   sing N N 70  
GLN N   H    sing N N 71  
GLN N   H2   sing N N 72  
GLN CA  C    sing N N 73  
GLN CA  CB   sing N N 74  
GLN CA  HA   sing N N 75  
GLN C   O    doub N N 76  
GLN C   OXT  sing N N 77  
GLN CB  CG   sing N N 78  
GLN CB  HB2  sing N N 79  
GLN CB  HB3  sing N N 80  
GLN CG  CD   sing N N 81  
GLN CG  HG2  sing N N 82  
GLN CG  HG3  sing N N 83  
GLN CD  OE1  doub N N 84  
GLN CD  NE2  sing N N 85  
GLN NE2 HE21 sing N N 86  
GLN NE2 HE22 sing N N 87  
GLN OXT HXT  sing N N 88  
GLU N   CA   sing N N 89  
GLU N   H    sing N N 90  
GLU N   H2   sing N N 91  
GLU CA  C    sing N N 92  
GLU CA  CB   sing N N 93  
GLU CA  HA   sing N N 94  
GLU C   O    doub N N 95  
GLU C   OXT  sing N N 96  
GLU CB  CG   sing N N 97  
GLU CB  HB2  sing N N 98  
GLU CB  HB3  sing N N 99  
GLU CG  CD   sing N N 100 
GLU CG  HG2  sing N N 101 
GLU CG  HG3  sing N N 102 
GLU CD  OE1  doub N N 103 
GLU CD  OE2  sing N N 104 
GLU OE2 HE2  sing N N 105 
GLU OXT HXT  sing N N 106 
GLY N   CA   sing N N 107 
GLY N   H    sing N N 108 
GLY N   H2   sing N N 109 
GLY CA  C    sing N N 110 
GLY CA  HA2  sing N N 111 
GLY CA  HA3  sing N N 112 
GLY C   O    doub N N 113 
GLY C   OXT  sing N N 114 
GLY OXT HXT  sing N N 115 
HIS N   CA   sing N N 116 
HIS N   H    sing N N 117 
HIS N   H2   sing N N 118 
HIS CA  C    sing N N 119 
HIS CA  CB   sing N N 120 
HIS CA  HA   sing N N 121 
HIS C   O    doub N N 122 
HIS C   OXT  sing N N 123 
HIS CB  CG   sing N N 124 
HIS CB  HB2  sing N N 125 
HIS CB  HB3  sing N N 126 
HIS CG  ND1  sing Y N 127 
HIS CG  CD2  doub Y N 128 
HIS ND1 CE1  doub Y N 129 
HIS ND1 HD1  sing N N 130 
HIS CD2 NE2  sing Y N 131 
HIS CD2 HD2  sing N N 132 
HIS CE1 NE2  sing Y N 133 
HIS CE1 HE1  sing N N 134 
HIS NE2 HE2  sing N N 135 
HIS OXT HXT  sing N N 136 
HOH O   H1   sing N N 137 
HOH O   H2   sing N N 138 
ILE N   CA   sing N N 139 
ILE N   H    sing N N 140 
ILE N   H2   sing N N 141 
ILE CA  C    sing N N 142 
ILE CA  CB   sing N N 143 
ILE CA  HA   sing N N 144 
ILE C   O    doub N N 145 
ILE C   OXT  sing N N 146 
ILE CB  CG1  sing N N 147 
ILE CB  CG2  sing N N 148 
ILE CB  HB   sing N N 149 
ILE CG1 CD1  sing N N 150 
ILE CG1 HG12 sing N N 151 
ILE CG1 HG13 sing N N 152 
ILE CG2 HG21 sing N N 153 
ILE CG2 HG22 sing N N 154 
ILE CG2 HG23 sing N N 155 
ILE CD1 HD11 sing N N 156 
ILE CD1 HD12 sing N N 157 
ILE CD1 HD13 sing N N 158 
ILE OXT HXT  sing N N 159 
LEU N   CA   sing N N 160 
LEU N   H    sing N N 161 
LEU N   H2   sing N N 162 
LEU CA  C    sing N N 163 
LEU CA  CB   sing N N 164 
LEU CA  HA   sing N N 165 
LEU C   O    doub N N 166 
LEU C   OXT  sing N N 167 
LEU CB  CG   sing N N 168 
LEU CB  HB2  sing N N 169 
LEU CB  HB3  sing N N 170 
LEU CG  CD1  sing N N 171 
LEU CG  CD2  sing N N 172 
LEU CG  HG   sing N N 173 
LEU CD1 HD11 sing N N 174 
LEU CD1 HD12 sing N N 175 
LEU CD1 HD13 sing N N 176 
LEU CD2 HD21 sing N N 177 
LEU CD2 HD22 sing N N 178 
LEU CD2 HD23 sing N N 179 
LEU OXT HXT  sing N N 180 
LYS N   CA   sing N N 181 
LYS N   H    sing N N 182 
LYS N   H2   sing N N 183 
LYS CA  C    sing N N 184 
LYS CA  CB   sing N N 185 
LYS CA  HA   sing N N 186 
LYS C   O    doub N N 187 
LYS C   OXT  sing N N 188 
LYS CB  CG   sing N N 189 
LYS CB  HB2  sing N N 190 
LYS CB  HB3  sing N N 191 
LYS CG  CD   sing N N 192 
LYS CG  HG2  sing N N 193 
LYS CG  HG3  sing N N 194 
LYS CD  CE   sing N N 195 
LYS CD  HD2  sing N N 196 
LYS CD  HD3  sing N N 197 
LYS CE  NZ   sing N N 198 
LYS CE  HE2  sing N N 199 
LYS CE  HE3  sing N N 200 
LYS NZ  HZ1  sing N N 201 
LYS NZ  HZ2  sing N N 202 
LYS NZ  HZ3  sing N N 203 
LYS OXT HXT  sing N N 204 
MET N   CA   sing N N 205 
MET N   H    sing N N 206 
MET N   H2   sing N N 207 
MET CA  C    sing N N 208 
MET CA  CB   sing N N 209 
MET CA  HA   sing N N 210 
MET C   O    doub N N 211 
MET C   OXT  sing N N 212 
MET CB  CG   sing N N 213 
MET CB  HB2  sing N N 214 
MET CB  HB3  sing N N 215 
MET CG  SD   sing N N 216 
MET CG  HG2  sing N N 217 
MET CG  HG3  sing N N 218 
MET SD  CE   sing N N 219 
MET CE  HE1  sing N N 220 
MET CE  HE2  sing N N 221 
MET CE  HE3  sing N N 222 
MET OXT HXT  sing N N 223 
PHE N   CA   sing N N 224 
PHE N   H    sing N N 225 
PHE N   H2   sing N N 226 
PHE CA  C    sing N N 227 
PHE CA  CB   sing N N 228 
PHE CA  HA   sing N N 229 
PHE C   O    doub N N 230 
PHE C   OXT  sing N N 231 
PHE CB  CG   sing N N 232 
PHE CB  HB2  sing N N 233 
PHE CB  HB3  sing N N 234 
PHE CG  CD1  doub Y N 235 
PHE CG  CD2  sing Y N 236 
PHE CD1 CE1  sing Y N 237 
PHE CD1 HD1  sing N N 238 
PHE CD2 CE2  doub Y N 239 
PHE CD2 HD2  sing N N 240 
PHE CE1 CZ   doub Y N 241 
PHE CE1 HE1  sing N N 242 
PHE CE2 CZ   sing Y N 243 
PHE CE2 HE2  sing N N 244 
PHE CZ  HZ   sing N N 245 
PHE OXT HXT  sing N N 246 
PRO N   CA   sing N N 247 
PRO N   CD   sing N N 248 
PRO N   H    sing N N 249 
PRO CA  C    sing N N 250 
PRO CA  CB   sing N N 251 
PRO CA  HA   sing N N 252 
PRO C   O    doub N N 253 
PRO C   OXT  sing N N 254 
PRO CB  CG   sing N N 255 
PRO CB  HB2  sing N N 256 
PRO CB  HB3  sing N N 257 
PRO CG  CD   sing N N 258 
PRO CG  HG2  sing N N 259 
PRO CG  HG3  sing N N 260 
PRO CD  HD2  sing N N 261 
PRO CD  HD3  sing N N 262 
PRO OXT HXT  sing N N 263 
SER N   CA   sing N N 264 
SER N   H    sing N N 265 
SER N   H2   sing N N 266 
SER CA  C    sing N N 267 
SER CA  CB   sing N N 268 
SER CA  HA   sing N N 269 
SER C   O    doub N N 270 
SER C   OXT  sing N N 271 
SER CB  OG   sing N N 272 
SER CB  HB2  sing N N 273 
SER CB  HB3  sing N N 274 
SER OG  HG   sing N N 275 
SER OXT HXT  sing N N 276 
THR N   CA   sing N N 277 
THR N   H    sing N N 278 
THR N   H2   sing N N 279 
THR CA  C    sing N N 280 
THR CA  CB   sing N N 281 
THR CA  HA   sing N N 282 
THR C   O    doub N N 283 
THR C   OXT  sing N N 284 
THR CB  OG1  sing N N 285 
THR CB  CG2  sing N N 286 
THR CB  HB   sing N N 287 
THR OG1 HG1  sing N N 288 
THR CG2 HG21 sing N N 289 
THR CG2 HG22 sing N N 290 
THR CG2 HG23 sing N N 291 
THR OXT HXT  sing N N 292 
TRP N   CA   sing N N 293 
TRP N   H    sing N N 294 
TRP N   H2   sing N N 295 
TRP CA  C    sing N N 296 
TRP CA  CB   sing N N 297 
TRP CA  HA   sing N N 298 
TRP C   O    doub N N 299 
TRP C   OXT  sing N N 300 
TRP CB  CG   sing N N 301 
TRP CB  HB2  sing N N 302 
TRP CB  HB3  sing N N 303 
TRP CG  CD1  doub Y N 304 
TRP CG  CD2  sing Y N 305 
TRP CD1 NE1  sing Y N 306 
TRP CD1 HD1  sing N N 307 
TRP CD2 CE2  doub Y N 308 
TRP CD2 CE3  sing Y N 309 
TRP NE1 CE2  sing Y N 310 
TRP NE1 HE1  sing N N 311 
TRP CE2 CZ2  sing Y N 312 
TRP CE3 CZ3  doub Y N 313 
TRP CE3 HE3  sing N N 314 
TRP CZ2 CH2  doub Y N 315 
TRP CZ2 HZ2  sing N N 316 
TRP CZ3 CH2  sing Y N 317 
TRP CZ3 HZ3  sing N N 318 
TRP CH2 HH2  sing N N 319 
TRP OXT HXT  sing N N 320 
TYR N   CA   sing N N 321 
TYR N   H    sing N N 322 
TYR N   H2   sing N N 323 
TYR CA  C    sing N N 324 
TYR CA  CB   sing N N 325 
TYR CA  HA   sing N N 326 
TYR C   O    doub N N 327 
TYR C   OXT  sing N N 328 
TYR CB  CG   sing N N 329 
TYR CB  HB2  sing N N 330 
TYR CB  HB3  sing N N 331 
TYR CG  CD1  doub Y N 332 
TYR CG  CD2  sing Y N 333 
TYR CD1 CE1  sing Y N 334 
TYR CD1 HD1  sing N N 335 
TYR CD2 CE2  doub Y N 336 
TYR CD2 HD2  sing N N 337 
TYR CE1 CZ   doub Y N 338 
TYR CE1 HE1  sing N N 339 
TYR CE2 CZ   sing Y N 340 
TYR CE2 HE2  sing N N 341 
TYR CZ  OH   sing N N 342 
TYR OH  HH   sing N N 343 
TYR OXT HXT  sing N N 344 
VAL N   CA   sing N N 345 
VAL N   H    sing N N 346 
VAL N   H2   sing N N 347 
VAL CA  C    sing N N 348 
VAL CA  CB   sing N N 349 
VAL CA  HA   sing N N 350 
VAL C   O    doub N N 351 
VAL C   OXT  sing N N 352 
VAL CB  CG1  sing N N 353 
VAL CB  CG2  sing N N 354 
VAL CB  HB   sing N N 355 
VAL CG1 HG11 sing N N 356 
VAL CG1 HG12 sing N N 357 
VAL CG1 HG13 sing N N 358 
VAL CG2 HG21 sing N N 359 
VAL CG2 HG22 sing N N 360 
VAL CG2 HG23 sing N N 361 
VAL OXT HXT  sing N N 362 
# 
_atom_sites.entry_id                    5G51 
_atom_sites.fract_transf_matrix[1][1]   -0.00904143 
_atom_sites.fract_transf_matrix[1][2]   -0.00142719 
_atom_sites.fract_transf_matrix[1][3]   -0.01267059 
_atom_sites.fract_transf_matrix[2][1]   -0.00390911 
_atom_sites.fract_transf_matrix[2][2]   -0.00787662 
_atom_sites.fract_transf_matrix[2][3]   0.00367665 
_atom_sites.fract_transf_matrix[3][1]   -0.01216762 
_atom_sites.fract_transf_matrix[3][2]   0.00958745 
_atom_sites.fract_transf_matrix[3][3]   0.00760260 
_atom_sites.fract_transf_vector[1]      -0.270046 
_atom_sites.fract_transf_vector[2]      0.104940 
_atom_sites.fract_transf_vector[3]      -0.256746 
# 
loop_
_atom_type.symbol 
C 
N 
O 
S 
# 
loop_
_atom_site.group_PDB 
_atom_site.id 
_atom_site.type_symbol 
_atom_site.label_atom_id 
_atom_site.label_alt_id 
_atom_site.label_comp_id 
_atom_site.label_asym_id 
_atom_site.label_entity_id 
_atom_site.label_seq_id 
_atom_site.pdbx_PDB_ins_code 
_atom_site.Cartn_x 
_atom_site.Cartn_y 
_atom_site.Cartn_z 
_atom_site.occupancy 
_atom_site.B_iso_or_equiv 
_atom_site.pdbx_formal_charge 
_atom_site.auth_seq_id 
_atom_site.auth_comp_id 
_atom_site.auth_asym_id 
_atom_site.auth_atom_id 
_atom_site.pdbx_PDB_model_num 
ATOM   1    N N   . GLU A 1 1   ? 15.200  4.727   -0.191  1.00 71.93  ? 260  GLU A N   1 
ATOM   2    C CA  . GLU A 1 1   ? 16.274  5.401   0.531   1.00 81.55  ? 260  GLU A CA  1 
ATOM   3    C C   . GLU A 1 1   ? 15.779  6.015   1.852   1.00 80.97  ? 260  GLU A C   1 
ATOM   4    O O   . GLU A 1 1   ? 16.341  5.743   2.914   1.00 73.79  ? 260  GLU A O   1 
ATOM   5    C CB  . GLU A 1 1   ? 16.936  6.457   -0.378  1.00 76.28  ? 260  GLU A CB  1 
ATOM   6    C CG  . GLU A 1 1   ? 16.179  7.777   -0.534  1.00 84.75  ? 260  GLU A CG  1 
ATOM   7    C CD  . GLU A 1 1   ? 16.816  8.729   -1.520  1.00 102.19 ? 260  GLU A CD  1 
ATOM   8    O OE1 . GLU A 1 1   ? 17.218  8.279   -2.613  1.00 103.45 ? 260  GLU A OE1 1 
ATOM   9    O OE2 . GLU A 1 1   ? 16.905  9.934   -1.202  1.00 108.88 ? 260  GLU A OE2 1 
ATOM   10   N N   . GLU A 1 2   ? 14.717  6.812   1.790   1.00 50.12  ? 261  GLU A N   1 
ATOM   11   C CA  . GLU A 1 2   ? 14.172  7.468   2.966   1.00 43.23  ? 261  GLU A CA  1 
ATOM   12   C C   . GLU A 1 2   ? 12.657  7.495   2.861   1.00 35.59  ? 261  GLU A C   1 
ATOM   13   O O   . GLU A 1 2   ? 12.033  8.546   3.015   1.00 35.90  ? 261  GLU A O   1 
ATOM   14   C CB  . GLU A 1 2   ? 14.725  8.891   3.111   1.00 42.23  ? 261  GLU A CB  1 
ATOM   15   C CG  . GLU A 1 2   ? 14.503  9.786   1.890   1.00 64.07  ? 261  GLU A CG  1 
ATOM   16   C CD  . GLU A 1 2   ? 15.016  11.201  2.090   1.00 63.10  ? 261  GLU A CD  1 
ATOM   17   O OE1 . GLU A 1 2   ? 16.235  11.429  1.941   1.00 54.95  ? 261  GLU A OE1 1 
ATOM   18   O OE2 . GLU A 1 2   ? 14.191  12.082  2.411   1.00 59.24  ? 261  GLU A OE2 1 
ATOM   19   N N   . TYR A 1 3   ? 12.060  6.337   2.602   1.00 26.57  ? 262  TYR A N   1 
ATOM   20   C CA  . TYR A 1 3   ? 10.638  6.317   2.266   1.00 23.66  ? 262  TYR A CA  1 
ATOM   21   C C   . TYR A 1 3   ? 9.760   6.627   3.481   1.00 19.92  ? 262  TYR A C   1 
ATOM   22   O O   . TYR A 1 3   ? 9.832   5.959   4.513   1.00 21.20  ? 262  TYR A O   1 
ATOM   23   C CB  . TYR A 1 3   ? 10.218  4.971   1.652   1.00 22.12  ? 262  TYR A CB  1 
ATOM   24   C CG  . TYR A 1 3   ? 8.845   5.084   1.013   1.00 19.07  ? 262  TYR A CG  1 
ATOM   25   C CD1 . TYR A 1 3   ? 8.706   5.594   -0.265  1.00 20.28  ? 262  TYR A CD1 1 
ATOM   26   C CD2 . TYR A 1 3   ? 7.693   4.750   1.720   1.00 18.80  ? 262  TYR A CD2 1 
ATOM   27   C CE1 . TYR A 1 3   ? 7.452   5.738   -0.850  1.00 21.43  ? 262  TYR A CE1 1 
ATOM   28   C CE2 . TYR A 1 3   ? 6.433   4.886   1.145   1.00 18.77  ? 262  TYR A CE2 1 
ATOM   29   C CZ  . TYR A 1 3   ? 6.328   5.388   -0.136  1.00 20.76  ? 262  TYR A CZ  1 
ATOM   30   O OH  . TYR A 1 3   ? 5.085   5.540   -0.724  1.00 18.63  ? 262  TYR A OH  1 
ATOM   31   N N   A ARG A 1 4   ? 8.917   7.642   3.343   0.52 19.13  ? 263  ARG A N   1 
ATOM   32   N N   B ARG A 1 4   ? 8.938   7.662   3.335   0.48 19.13  ? 263  ARG A N   1 
ATOM   33   C CA  A ARG A 1 4   ? 7.939   7.949   4.374   0.52 19.32  ? 263  ARG A CA  1 
ATOM   34   C CA  B ARG A 1 4   ? 8.037   8.094   4.391   0.48 19.16  ? 263  ARG A CA  1 
ATOM   35   C C   A ARG A 1 4   ? 6.785   8.725   3.758   0.52 17.53  ? 263  ARG A C   1 
ATOM   36   C C   B ARG A 1 4   ? 6.831   8.804   3.772   0.48 17.73  ? 263  ARG A C   1 
ATOM   37   O O   A ARG A 1 4   ? 6.768   8.970   2.555   0.52 19.31  ? 263  ARG A O   1 
ATOM   38   O O   B ARG A 1 4   ? 6.808   9.052   2.567   0.48 19.28  ? 263  ARG A O   1 
ATOM   39   C CB  A ARG A 1 4   ? 8.581   8.734   5.519   0.52 21.88  ? 263  ARG A CB  1 
ATOM   40   C CB  B ARG A 1 4   ? 8.776   9.001   5.391   0.48 20.33  ? 263  ARG A CB  1 
ATOM   41   C CG  A ARG A 1 4   ? 9.102   10.092  5.111   0.52 18.72  ? 263  ARG A CG  1 
ATOM   42   C CG  B ARG A 1 4   ? 9.752   9.994   4.768   0.48 27.54  ? 263  ARG A CG  1 
ATOM   43   C CD  A ARG A 1 4   ? 9.953   10.720  6.219   0.52 20.90  ? 263  ARG A CD  1 
ATOM   44   C CD  B ARG A 1 4   ? 10.998  10.227  5.654   0.48 24.04  ? 263  ARG A CD  1 
ATOM   45   N NE  A ARG A 1 4   ? 10.391  12.067  5.867   0.52 24.44  ? 263  ARG A NE  1 
ATOM   46   N NE  B ARG A 1 4   ? 10.673  10.726  6.990   0.48 20.66  ? 263  ARG A NE  1 
ATOM   47   C CZ  A ARG A 1 4   ? 11.440  12.339  5.097   0.52 28.54  ? 263  ARG A CZ  1 
ATOM   48   C CZ  B ARG A 1 4   ? 11.122  11.872  7.502   0.48 17.88  ? 263  ARG A CZ  1 
ATOM   49   N NH1 A ARG A 1 4   ? 12.169  11.354  4.588   0.52 25.14  ? 263  ARG A NH1 1 
ATOM   50   N NH1 B ARG A 1 4   ? 11.935  12.658  6.799   0.48 19.84  ? 263  ARG A NH1 1 
ATOM   51   N NH2 A ARG A 1 4   ? 11.755  13.598  4.829   0.52 24.90  ? 263  ARG A NH2 1 
ATOM   52   N NH2 B ARG A 1 4   ? 10.771  12.227  8.730   0.48 21.43  ? 263  ARG A NH2 1 
ATOM   53   N N   . ALA A 1 5   ? 5.826   9.122   4.583   1.00 17.81  ? 264  ALA A N   1 
ATOM   54   C CA  . ALA A 1 5   ? 4.661   9.842   4.074   1.00 18.49  ? 264  ALA A CA  1 
ATOM   55   C C   . ALA A 1 5   ? 5.075   11.211  3.562   1.00 19.43  ? 264  ALA A C   1 
ATOM   56   O O   . ALA A 1 5   ? 6.093   11.749  4.021   1.00 20.86  ? 264  ALA A O   1 
ATOM   57   C CB  . ALA A 1 5   ? 3.602   9.966   5.153   1.00 19.71  ? 264  ALA A CB  1 
ATOM   58   N N   . LYS A 1 6   ? 4.332   11.762  2.607   1.00 18.94  ? 265  LYS A N   1 
ATOM   59   C CA  . LYS A 1 6   ? 4.605   13.125  2.172   1.00 20.87  ? 265  LYS A CA  1 
ATOM   60   C C   . LYS A 1 6   ? 4.518   14.050  3.387   1.00 18.60  ? 265  LYS A C   1 
ATOM   61   O O   . LYS A 1 6   ? 3.769   13.795  4.335   1.00 18.83  ? 265  LYS A O   1 
ATOM   62   C CB  . LYS A 1 6   ? 3.639   13.566  1.071   1.00 21.65  ? 265  LYS A CB  1 
ATOM   63   C CG  . LYS A 1 6   ? 3.842   12.804  -0.223  1.00 21.52  ? 265  LYS A CG  1 
ATOM   64   C CD  . LYS A 1 6   ? 3.044   13.414  -1.363  1.00 32.30  ? 265  LYS A CD  1 
ATOM   65   C CE  . LYS A 1 6   ? 3.458   12.806  -2.692  1.00 42.64  ? 265  LYS A CE  1 
ATOM   66   N NZ  . LYS A 1 6   ? 2.862   13.542  -3.847  1.00 49.32  ? 265  LYS A NZ  1 
ATOM   67   N N   . THR A 1 7   ? 5.305   15.122  3.371   1.00 20.65  ? 266  THR A N   1 
ATOM   68   C CA  . THR A 1 7   ? 5.430   15.973  4.539   1.00 21.35  ? 266  THR A CA  1 
ATOM   69   C C   . THR A 1 7   ? 4.091   16.541  4.985   1.00 19.13  ? 266  THR A C   1 
ATOM   70   O O   . THR A 1 7   ? 3.321   17.060  4.162   1.00 20.20  ? 266  THR A O   1 
ATOM   71   C CB  . THR A 1 7   ? 6.413   17.110  4.249   1.00 24.52  ? 266  THR A CB  1 
ATOM   72   O OG1 . THR A 1 7   ? 7.659   16.540  3.839   1.00 28.39  ? 266  THR A OG1 1 
ATOM   73   C CG2 . THR A 1 7   ? 6.615   17.973  5.490   1.00 28.83  ? 266  THR A CG2 1 
ATOM   74   N N   . GLY A 1 8   ? 3.813   16.452  6.280   1.00 18.90  ? 267  GLY A N   1 
ATOM   75   C CA  . GLY A 1 8   ? 2.568   16.935  6.833   1.00 18.10  ? 267  GLY A CA  1 
ATOM   76   C C   . GLY A 1 8   ? 1.522   15.846  7.029   1.00 18.82  ? 267  GLY A C   1 
ATOM   77   O O   . GLY A 1 8   ? 0.617   15.994  7.840   1.00 20.68  ? 267  GLY A O   1 
ATOM   78   N N   . TYR A 1 9   ? 1.652   14.740  6.293   1.00 19.02  ? 268  TYR A N   1 
ATOM   79   C CA  . TYR A 1 9   ? 0.634   13.683  6.327   1.00 16.55  ? 268  TYR A CA  1 
ATOM   80   C C   . TYR A 1 9   ? 0.950   12.622  7.388   1.00 16.57  ? 268  TYR A C   1 
ATOM   81   O O   . TYR A 1 9   ? 0.519   11.469  7.301   1.00 20.75  ? 268  TYR A O   1 
ATOM   82   C CB  . TYR A 1 9   ? 0.473   13.051  4.939   1.00 17.13  ? 268  TYR A CB  1 
ATOM   83   C CG  . TYR A 1 9   ? -0.104  14.017  3.938   1.00 17.07  ? 268  TYR A CG  1 
ATOM   84   C CD1 . TYR A 1 9   ? -1.478  14.216  3.845   1.00 17.40  ? 268  TYR A CD1 1 
ATOM   85   C CD2 . TYR A 1 9   ? 0.724   14.766  3.106   1.00 19.28  ? 268  TYR A CD2 1 
ATOM   86   C CE1 . TYR A 1 9   ? -2.014  15.120  2.941   1.00 18.20  ? 268  TYR A CE1 1 
ATOM   87   C CE2 . TYR A 1 9   ? 0.201   15.665  2.194   1.00 19.04  ? 268  TYR A CE2 1 
ATOM   88   C CZ  . TYR A 1 9   ? -1.173  15.838  2.116   1.00 17.74  ? 268  TYR A CZ  1 
ATOM   89   O OH  . TYR A 1 9   ? -1.695  16.745  1.223   1.00 20.33  ? 268  TYR A OH  1 
ATOM   90   N N   . ALA A 1 10  ? 1.664   13.053  8.423   1.00 17.66  ? 269  ALA A N   1 
ATOM   91   C CA  . ALA A 1 10  ? 2.030   12.226  9.566   1.00 18.20  ? 269  ALA A CA  1 
ATOM   92   C C   . ALA A 1 10  ? 2.015   13.110  10.813  1.00 20.14  ? 269  ALA A C   1 
ATOM   93   O O   . ALA A 1 10  ? 2.176   14.324  10.697  1.00 22.13  ? 269  ALA A O   1 
ATOM   94   C CB  . ALA A 1 10  ? 3.406   11.599  9.364   1.00 21.00  ? 269  ALA A CB  1 
ATOM   95   N N   A PRO A 1 11  ? 1.811   12.516  12.002  0.34 18.17  ? 270  PRO A N   1 
ATOM   96   N N   B PRO A 1 11  ? 1.817   12.522  12.004  0.66 18.06  ? 270  PRO A N   1 
ATOM   97   C CA  A PRO A 1 11  ? 1.560   11.091  12.257  0.34 18.23  ? 270  PRO A CA  1 
ATOM   98   C CA  B PRO A 1 11  ? 1.500   11.119  12.287  0.66 18.27  ? 270  PRO A CA  1 
ATOM   99   C C   A PRO A 1 11  ? 0.197   10.617  11.746  0.34 18.61  ? 270  PRO A C   1 
ATOM   100  C C   B PRO A 1 11  ? 0.185   10.664  11.641  0.66 18.39  ? 270  PRO A C   1 
ATOM   101  O O   A PRO A 1 11  ? -0.771  11.379  11.697  0.34 19.97  ? 270  PRO A O   1 
ATOM   102  O O   B PRO A 1 11  ? -0.703  11.458  11.329  0.66 17.39  ? 270  PRO A O   1 
ATOM   103  C CB  A PRO A 1 11  ? 1.639   10.988  13.784  0.34 19.13  ? 270  PRO A CB  1 
ATOM   104  C CB  B PRO A 1 11  ? 1.404   11.084  13.819  0.66 19.65  ? 270  PRO A CB  1 
ATOM   105  C CG  A PRO A 1 11  ? 1.295   12.351  14.269  0.34 22.45  ? 270  PRO A CG  1 
ATOM   106  C CG  B PRO A 1 11  ? 2.226   12.258  14.281  0.66 16.44  ? 270  PRO A CG  1 
ATOM   107  C CD  A PRO A 1 11  ? 1.852   13.297  13.252  0.34 18.38  ? 270  PRO A CD  1 
ATOM   108  C CD  B PRO A 1 11  ? 1.964   13.306  13.245  0.66 18.31  ? 270  PRO A CD  1 
ATOM   109  N N   A TYR A 1 12  ? 0.142   9.350   11.359  0.34 17.35  ? 271  TYR A N   1 
ATOM   110  N N   B TYR A 1 12  ? 0.080   9.364   11.427  0.66 17.36  ? 271  TYR A N   1 
ATOM   111  C CA  A TYR A 1 12  ? -1.062  8.767   10.779  0.34 16.01  ? 271  TYR A CA  1 
ATOM   112  C CA  B TYR A 1 12  ? -1.101  8.790   10.796  0.66 15.91  ? 271  TYR A CA  1 
ATOM   113  C C   A TYR A 1 12  ? -1.489  7.536   11.571  0.34 16.27  ? 271  TYR A C   1 
ATOM   114  C C   B TYR A 1 12  ? -1.505  7.566   11.602  0.66 16.22  ? 271  TYR A C   1 
ATOM   115  O O   A TYR A 1 12  ? -0.675  6.923   12.267  0.34 16.00  ? 271  TYR A O   1 
ATOM   116  O O   B TYR A 1 12  ? -0.691  6.979   12.322  0.66 15.99  ? 271  TYR A O   1 
ATOM   117  C CB  A TYR A 1 12  ? -0.822  8.397   9.309   0.34 14.91  ? 271  TYR A CB  1 
ATOM   118  C CB  B TYR A 1 12  ? -0.823  8.411   9.333   0.66 14.84  ? 271  TYR A CB  1 
ATOM   119  C CG  A TYR A 1 12  ? 0.533   7.768   9.088   0.34 15.54  ? 271  TYR A CG  1 
ATOM   120  C CG  B TYR A 1 12  ? 0.463   7.641   9.228   0.66 16.62  ? 271  TYR A CG  1 
ATOM   121  C CD1 A TYR A 1 12  ? 0.766   6.436   9.425   0.34 17.61  ? 271  TYR A CD1 1 
ATOM   122  C CD1 B TYR A 1 12  ? 0.496   6.268   9.475   0.66 16.08  ? 271  TYR A CD1 1 
ATOM   123  C CD2 A TYR A 1 12  ? 1.593   8.506   8.575   0.34 13.75  ? 271  TYR A CD2 1 
ATOM   124  C CD2 B TYR A 1 12  ? 1.662   8.290   8.956   0.66 16.22  ? 271  TYR A CD2 1 
ATOM   125  C CE1 A TYR A 1 12  ? 2.008   5.862   9.251   0.34 17.12  ? 271  TYR A CE1 1 
ATOM   126  C CE1 B TYR A 1 12  ? 1.685   5.566   9.436   0.66 17.19  ? 271  TYR A CE1 1 
ATOM   127  C CE2 A TYR A 1 12  ? 2.843   7.936   8.395   0.34 14.91  ? 271  TYR A CE2 1 
ATOM   128  C CE2 B TYR A 1 12  ? 2.856   7.593   8.910   0.66 19.00  ? 271  TYR A CE2 1 
ATOM   129  C CZ  A TYR A 1 12  ? 3.042   6.613   8.733   0.34 16.53  ? 271  TYR A CZ  1 
ATOM   130  C CZ  B TYR A 1 12  ? 2.861   6.233   9.146   0.66 16.37  ? 271  TYR A CZ  1 
ATOM   131  O OH  A TYR A 1 12  ? 4.282   6.045   8.559   0.34 18.49  ? 271  TYR A OH  1 
ATOM   132  O OH  B TYR A 1 12  ? 4.057   5.562   9.108   0.66 15.84  ? 271  TYR A OH  1 
ATOM   133  N N   . TYR A 1 13  ? -2.765  7.175   11.460  1.00 15.69  ? 272  TYR A N   1 
ATOM   134  C CA  . TYR A 1 13  ? -3.262  5.944   12.054  1.00 17.01  ? 272  TYR A CA  1 
ATOM   135  C C   . TYR A 1 13  ? -4.017  5.168   10.981  1.00 15.93  ? 272  TYR A C   1 
ATOM   136  O O   . TYR A 1 13  ? -4.452  5.734   9.976   1.00 16.69  ? 272  TYR A O   1 
ATOM   137  C CB  . TYR A 1 13  ? -4.170  6.233   13.261  1.00 19.96  ? 272  TYR A CB  1 
ATOM   138  C CG  . TYR A 1 13  ? -5.460  6.927   12.907  1.00 20.46  ? 272  TYR A CG  1 
ATOM   139  C CD1 . TYR A 1 13  ? -5.500  8.301   12.695  1.00 23.22  ? 272  TYR A CD1 1 
ATOM   140  C CD2 . TYR A 1 13  ? -6.645  6.209   12.778  1.00 20.96  ? 272  TYR A CD2 1 
ATOM   141  C CE1 . TYR A 1 13  ? -6.682  8.939   12.363  1.00 26.86  ? 272  TYR A CE1 1 
ATOM   142  C CE2 . TYR A 1 13  ? -7.827  6.834   12.451  1.00 22.89  ? 272  TYR A CE2 1 
ATOM   143  C CZ  . TYR A 1 13  ? -7.842  8.195   12.239  1.00 22.34  ? 272  TYR A CZ  1 
ATOM   144  O OH  . TYR A 1 13  ? -9.015  8.830   11.913  1.00 31.22  ? 272  TYR A OH  1 
ATOM   145  N N   . ALA A 1 14  ? -4.183  3.870   11.197  1.00 15.81  ? 273  ALA A N   1 
ATOM   146  C CA  . ALA A 1 14  ? -4.974  3.065   10.278  1.00 17.81  ? 273  ALA A CA  1 
ATOM   147  C C   . ALA A 1 14  ? -6.445  3.129   10.661  1.00 17.46  ? 273  ALA A C   1 
ATOM   148  O O   . ALA A 1 14  ? -6.849  2.646   11.722  1.00 19.83  ? 273  ALA A O   1 
ATOM   149  C CB  . ALA A 1 14  ? -4.467  1.635   10.267  1.00 17.03  ? 273  ALA A CB  1 
ATOM   150  N N   . GLY A 1 15  ? -7.243  3.747   9.799   1.00 18.70  ? 274  GLY A N   1 
ATOM   151  C CA  . GLY A 1 15  ? -8.677  3.863   10.001  1.00 19.38  ? 274  GLY A CA  1 
ATOM   152  C C   . GLY A 1 15  ? -9.427  3.501   8.737   1.00 18.23  ? 274  GLY A C   1 
ATOM   153  O O   . GLY A 1 15  ? -8.902  2.762   7.911   1.00 19.82  ? 274  GLY A O   1 
ATOM   154  N N   . VAL A 1 16  ? -10.638 4.027   8.572   1.00 19.14  ? 275  VAL A N   1 
ATOM   155  C CA  . VAL A 1 16  ? -11.467 3.682   7.412   1.00 19.01  ? 275  VAL A CA  1 
ATOM   156  C C   . VAL A 1 16  ? -11.887 4.907   6.609   1.00 22.14  ? 275  VAL A C   1 
ATOM   157  O O   . VAL A 1 16  ? -11.820 6.040   7.089   1.00 21.31  ? 275  VAL A O   1 
ATOM   158  C CB  . VAL A 1 16  ? -12.734 2.894   7.829   1.00 21.24  ? 275  VAL A CB  1 
ATOM   159  C CG1 . VAL A 1 16  ? -12.343 1.612   8.548   1.00 21.42  ? 275  VAL A CG1 1 
ATOM   160  C CG2 . VAL A 1 16  ? -13.648 3.758   8.703   1.00 25.61  ? 275  VAL A CG2 1 
ATOM   161  N N   . TRP A 1 17  ? -12.333 4.669   5.381   1.00 19.81  ? 276  TRP A N   1 
ATOM   162  C CA  . TRP A 1 17  ? -12.657 5.741   4.450   1.00 19.33  ? 276  TRP A CA  1 
ATOM   163  C C   . TRP A 1 17  ? -13.731 5.267   3.502   1.00 21.93  ? 276  TRP A C   1 
ATOM   164  O O   . TRP A 1 17  ? -13.602 4.197   2.927   1.00 20.55  ? 276  TRP A O   1 
ATOM   165  C CB  . TRP A 1 17  ? -11.412 6.144   3.652   1.00 19.16  ? 276  TRP A CB  1 
ATOM   166  C CG  . TRP A 1 17  ? -11.534 7.379   2.797   1.00 19.05  ? 276  TRP A CG  1 
ATOM   167  C CD1 . TRP A 1 17  ? -12.331 8.477   3.017   1.00 21.19  ? 276  TRP A CD1 1 
ATOM   168  C CD2 . TRP A 1 17  ? -10.806 7.645   1.596   1.00 18.53  ? 276  TRP A CD2 1 
ATOM   169  N NE1 . TRP A 1 17  ? -12.130 9.407   2.024   1.00 22.03  ? 276  TRP A NE1 1 
ATOM   170  C CE2 . TRP A 1 17  ? -11.200 8.921   1.138   1.00 19.55  ? 276  TRP A CE2 1 
ATOM   171  C CE3 . TRP A 1 17  ? -9.847  6.931   0.870   1.00 18.87  ? 276  TRP A CE3 1 
ATOM   172  C CZ2 . TRP A 1 17  ? -10.674 9.494   -0.019  1.00 21.67  ? 276  TRP A CZ2 1 
ATOM   173  C CZ3 . TRP A 1 17  ? -9.327  7.498   -0.284  1.00 18.50  ? 276  TRP A CZ3 1 
ATOM   174  C CH2 . TRP A 1 17  ? -9.739  8.770   -0.714  1.00 20.36  ? 276  TRP A CH2 1 
ATOM   175  N N   . HIS A 1 18  ? -14.765 6.073   3.288   1.00 20.55  ? 277  HIS A N   1 
ATOM   176  C CA  . HIS A 1 18  ? -15.858 5.643   2.424   1.00 19.80  ? 277  HIS A CA  1 
ATOM   177  C C   . HIS A 1 18  ? -15.410 5.448   0.974   1.00 22.43  ? 277  HIS A C   1 
ATOM   178  O O   . HIS A 1 18  ? -16.090 4.768   0.205   1.00 24.19  ? 277  HIS A O   1 
ATOM   179  C CB  . HIS A 1 18  ? -17.008 6.647   2.484   1.00 26.68  ? 277  HIS A CB  1 
ATOM   180  C CG  . HIS A 1 18  ? -16.686 7.968   1.868   1.00 27.51  ? 277  HIS A CG  1 
ATOM   181  N ND1 . HIS A 1 18  ? -17.076 8.307   0.589   1.00 33.83  ? 277  HIS A ND1 1 
ATOM   182  C CD2 . HIS A 1 18  ? -16.009 9.036   2.351   1.00 31.94  ? 277  HIS A CD2 1 
ATOM   183  C CE1 . HIS A 1 18  ? -16.653 9.528   0.314   1.00 39.43  ? 277  HIS A CE1 1 
ATOM   184  N NE2 . HIS A 1 18  ? -16.003 9.992   1.366   1.00 34.49  ? 277  HIS A NE2 1 
ATOM   185  N N   A SER A 1 19  ? -14.259 6.020   0.618   0.71 22.72  ? 278  SER A N   1 
ATOM   186  N N   B SER A 1 19  ? -14.266 6.024   0.608   0.29 22.70  ? 278  SER A N   1 
ATOM   187  C CA  A SER A 1 19  ? -13.757 5.932   -0.750  0.71 20.57  ? 278  SER A CA  1 
ATOM   188  C CA  B SER A 1 19  ? -13.773 5.922   -0.763  0.29 20.62  ? 278  SER A CA  1 
ATOM   189  C C   A SER A 1 19  ? -12.701 4.847   -0.923  0.71 19.44  ? 278  SER A C   1 
ATOM   190  C C   B SER A 1 19  ? -12.811 4.752   -0.960  0.29 19.82  ? 278  SER A C   1 
ATOM   191  O O   A SER A 1 19  ? -12.094 4.740   -1.985  0.71 21.06  ? 278  SER A O   1 
ATOM   192  O O   B SER A 1 19  ? -12.377 4.486   -2.078  0.29 23.93  ? 278  SER A O   1 
ATOM   193  C CB  A SER A 1 19  ? -13.175 7.276   -1.188  0.71 20.63  ? 278  SER A CB  1 
ATOM   194  C CB  B SER A 1 19  ? -13.086 7.223   -1.181  0.29 20.66  ? 278  SER A CB  1 
ATOM   195  O OG  A SER A 1 19  ? -14.185 8.266   -1.251  0.71 23.73  ? 278  SER A OG  1 
ATOM   196  O OG  B SER A 1 19  ? -12.601 7.141   -2.511  0.29 26.25  ? 278  SER A OG  1 
ATOM   197  N N   . PHE A 1 20  ? -12.479 4.056   0.125   1.00 18.89  ? 279  PHE A N   1 
ATOM   198  C CA  . PHE A 1 20  ? -11.619 2.877   0.037   1.00 17.05  ? 279  PHE A CA  1 
ATOM   199  C C   . PHE A 1 20  ? -12.401 1.659   0.521   1.00 19.16  ? 279  PHE A C   1 
ATOM   200  O O   . PHE A 1 20  ? -12.597 1.462   1.717   1.00 19.03  ? 279  PHE A O   1 
ATOM   201  C CB  . PHE A 1 20  ? -10.325 3.061   0.841   1.00 18.20  ? 279  PHE A CB  1 
ATOM   202  C CG  . PHE A 1 20  ? -9.423  1.856   0.811   1.00 17.09  ? 279  PHE A CG  1 
ATOM   203  C CD1 . PHE A 1 20  ? -8.926  1.376   -0.387  1.00 19.36  ? 279  PHE A CD1 1 
ATOM   204  C CD2 . PHE A 1 20  ? -9.081  1.191   1.985   1.00 16.48  ? 279  PHE A CD2 1 
ATOM   205  C CE1 . PHE A 1 20  ? -8.096  0.248   -0.418  1.00 17.52  ? 279  PHE A CE1 1 
ATOM   206  C CE2 . PHE A 1 20  ? -8.250  0.067   1.962   1.00 16.10  ? 279  PHE A CE2 1 
ATOM   207  C CZ  . PHE A 1 20  ? -7.767  -0.409  0.759   1.00 15.53  ? 279  PHE A CZ  1 
ATOM   208  N N   . ASN A 1 21  ? -12.869 0.864   -0.435  1.00 19.44  ? 280  ASN A N   1 
ATOM   209  C CA  . ASN A 1 21  ? -13.675 -0.328  -0.151  1.00 20.27  ? 280  ASN A CA  1 
ATOM   210  C C   . ASN A 1 21  ? -14.839 -0.048  0.796   1.00 19.03  ? 280  ASN A C   1 
ATOM   211  O O   . ASN A 1 21  ? -15.109 -0.840  1.708   1.00 19.98  ? 280  ASN A O   1 
ATOM   212  C CB  . ASN A 1 21  ? -12.801 -1.442  0.413   1.00 20.14  ? 280  ASN A CB  1 
ATOM   213  C CG  . ASN A 1 21  ? -13.484 -2.802  0.349   1.00 21.51  ? 280  ASN A CG  1 
ATOM   214  O OD1 . ASN A 1 21  ? -14.403 -3.001  -0.454  1.00 23.60  ? 280  ASN A OD1 1 
ATOM   215  N ND2 . ASN A 1 21  ? -13.052 -3.734  1.198   1.00 20.39  ? 280  ASN A ND2 1 
ATOM   216  N N   . ASN A 1 22  ? -15.519 1.071   0.569   1.00 21.24  ? 281  ASN A N   1 
ATOM   217  C CA  . ASN A 1 22  ? -16.735 1.433   1.309   1.00 23.36  ? 281  ASN A CA  1 
ATOM   218  C C   . ASN A 1 22  ? -16.606 1.301   2.828   1.00 26.54  ? 281  ASN A C   1 
ATOM   219  O O   . ASN A 1 22  ? -17.472 0.723   3.484   1.00 26.44  ? 281  ASN A O   1 
ATOM   220  C CB  . ASN A 1 22  ? -17.914 0.584   0.817   1.00 24.26  ? 281  ASN A CB  1 
ATOM   221  C CG  . ASN A 1 22  ? -18.116 0.691   -0.680  1.00 27.23  ? 281  ASN A CG  1 
ATOM   222  O OD1 . ASN A 1 22  ? -17.932 -0.278  -1.421  1.00 35.95  ? 281  ASN A OD1 1 
ATOM   223  N ND2 . ASN A 1 22  ? -18.466 1.884   -1.140  1.00 30.69  ? 281  ASN A ND2 1 
ATOM   224  N N   . SER A 1 23  ? -15.510 1.840   3.364   1.00 23.05  ? 282  SER A N   1 
ATOM   225  C CA  . SER A 1 23  ? -15.204 1.871   4.801   1.00 23.36  ? 282  SER A CA  1 
ATOM   226  C C   . SER A 1 23  ? -14.965 0.502   5.443   1.00 22.08  ? 282  SER A C   1 
ATOM   227  O O   . SER A 1 23  ? -14.948 0.397   6.666   1.00 23.97  ? 282  SER A O   1 
ATOM   228  C CB  . SER A 1 23  ? -16.315 2.594   5.583   1.00 26.64  ? 282  SER A CB  1 
ATOM   229  O OG  . SER A 1 23  ? -16.638 3.848   5.007   1.00 27.02  ? 282  SER A OG  1 
ATOM   230  N N   . ASN A 1 24  ? -14.758 -0.537  4.641   1.00 19.71  ? 283  ASN A N   1 
ATOM   231  C CA  . ASN A 1 24  ? -14.629 -1.888  5.187   1.00 21.13  ? 283  ASN A CA  1 
ATOM   232  C C   . ASN A 1 24  ? -13.201 -2.334  5.494   1.00 22.89  ? 283  ASN A C   1 
ATOM   233  O O   . ASN A 1 24  ? -12.992 -3.394  6.091   1.00 21.22  ? 283  ASN A O   1 
ATOM   234  C CB  . ASN A 1 24  ? -15.278 -2.892  4.232   1.00 19.66  ? 283  ASN A CB  1 
ATOM   235  C CG  . ASN A 1 24  ? -16.784 -2.771  4.222   1.00 28.15  ? 283  ASN A CG  1 
ATOM   236  O OD1 . ASN A 1 24  ? -17.405 -2.665  5.279   1.00 32.34  ? 283  ASN A OD1 1 
ATOM   237  N ND2 . ASN A 1 24  ? -17.378 -2.745  3.032   1.00 34.45  ? 283  ASN A ND2 1 
ATOM   238  N N   . SER A 1 25  ? -12.219 -1.526  5.097   1.00 19.27  ? 284  SER A N   1 
ATOM   239  C CA  . SER A 1 25  ? -10.809 -1.909  5.220   1.00 17.50  ? 284  SER A CA  1 
ATOM   240  C C   . SER A 1 25  ? -9.927  -0.766  5.692   1.00 17.25  ? 284  SER A C   1 
ATOM   241  O O   . SER A 1 25  ? -10.258 0.388   5.466   1.00 20.09  ? 284  SER A O   1 
ATOM   242  C CB  . SER A 1 25  ? -10.291 -2.433  3.881   1.00 17.69  ? 284  SER A CB  1 
ATOM   243  O OG  . SER A 1 25  ? -11.171 -3.424  3.375   1.00 18.99  ? 284  SER A OG  1 
ATOM   244  N N   . LEU A 1 26  ? -8.800  -1.091  6.322   1.00 16.72  ? 285  LEU A N   1 
ATOM   245  C CA  . LEU A 1 26  ? -7.921  -0.069  6.919   1.00 15.94  ? 285  LEU A CA  1 
ATOM   246  C C   . LEU A 1 26  ? -7.041  0.632   5.878   1.00 16.70  ? 285  LEU A C   1 
ATOM   247  O O   . LEU A 1 26  ? -6.513  -0.007  4.953   1.00 16.67  ? 285  LEU A O   1 
ATOM   248  C CB  . LEU A 1 26  ? -7.031  -0.681  8.001   1.00 17.79  ? 285  LEU A CB  1 
ATOM   249  C CG  . LEU A 1 26  ? -7.728  -1.297  9.223   1.00 16.23  ? 285  LEU A CG  1 
ATOM   250  C CD1 . LEU A 1 26  ? -6.690  -1.729  10.245  1.00 21.47  ? 285  LEU A CD1 1 
ATOM   251  C CD2 . LEU A 1 26  ? -8.743  -0.334  9.826   1.00 21.58  ? 285  LEU A CD2 1 
ATOM   252  N N   . VAL A 1 27  ? -6.898  1.945   6.060   1.00 16.33  ? 286  VAL A N   1 
ATOM   253  C CA  . VAL A 1 27  ? -6.053  2.797   5.220   1.00 15.78  ? 286  VAL A CA  1 
ATOM   254  C C   . VAL A 1 27  ? -5.487  3.878   6.135   1.00 15.85  ? 286  VAL A C   1 
ATOM   255  O O   . VAL A 1 27  ? -6.151  4.278   7.087   1.00 16.34  ? 286  VAL A O   1 
ATOM   256  C CB  . VAL A 1 27  ? -6.859  3.403   4.040   1.00 17.88  ? 286  VAL A CB  1 
ATOM   257  C CG1 . VAL A 1 27  ? -8.077  4.152   4.555   1.00 21.10  ? 286  VAL A CG1 1 
ATOM   258  C CG2 . VAL A 1 27  ? -5.964  4.292   3.153   1.00 17.63  ? 286  VAL A CG2 1 
ATOM   259  N N   . PHE A 1 28  ? -4.263  4.329   5.882   1.00 15.10  ? 287  PHE A N   1 
ATOM   260  C CA  . PHE A 1 28  ? -3.662  5.325   6.767   1.00 16.48  ? 287  PHE A CA  1 
ATOM   261  C C   . PHE A 1 28  ? -4.291  6.718   6.572   1.00 14.33  ? 287  PHE A C   1 
ATOM   262  O O   . PHE A 1 28  ? -4.449  7.213   5.448   1.00 16.24  ? 287  PHE A O   1 
ATOM   263  C CB  . PHE A 1 28  ? -2.146  5.368   6.563   1.00 16.54  ? 287  PHE A CB  1 
ATOM   264  C CG  . PHE A 1 28  ? -1.415  4.184   7.150   1.00 15.58  ? 287  PHE A CG  1 
ATOM   265  C CD1 . PHE A 1 28  ? -1.677  3.744   8.441   1.00 16.54  ? 287  PHE A CD1 1 
ATOM   266  C CD2 . PHE A 1 28  ? -0.468  3.511   6.400   1.00 18.38  ? 287  PHE A CD2 1 
ATOM   267  C CE1 . PHE A 1 28  ? -0.988  2.666   8.988   1.00 18.40  ? 287  PHE A CE1 1 
ATOM   268  C CE2 . PHE A 1 28  ? 0.235   2.429   6.931   1.00 16.69  ? 287  PHE A CE2 1 
ATOM   269  C CZ  . PHE A 1 28  ? -0.030  2.003   8.235   1.00 15.82  ? 287  PHE A CZ  1 
ATOM   270  N N   . ARG A 1 29  ? -4.660  7.325   7.699   1.00 16.24  ? 288  ARG A N   1 
ATOM   271  C CA  . ARG A 1 29  ? -5.308  8.634   7.773   1.00 18.36  ? 288  ARG A CA  1 
ATOM   272  C C   . ARG A 1 29  ? -4.461  9.572   8.621   1.00 16.79  ? 288  ARG A C   1 
ATOM   273  O O   . ARG A 1 29  ? -3.891  9.155   9.623   1.00 18.01  ? 288  ARG A O   1 
ATOM   274  C CB  . ARG A 1 29  ? -6.707  8.532   8.410   1.00 20.77  ? 288  ARG A CB  1 
ATOM   275  C CG  . ARG A 1 29  ? -7.690  7.594   7.734   1.00 19.41  ? 288  ARG A CG  1 
ATOM   276  C CD  . ARG A 1 29  ? -9.050  7.630   8.429   1.00 26.11  ? 288  ARG A CD  1 
ATOM   277  N NE  . ARG A 1 29  ? -9.519  9.001   8.479   1.00 32.76  ? 288  ARG A NE  1 
ATOM   278  C CZ  . ARG A 1 29  ? -10.464 9.507   7.702   1.00 23.70  ? 288  ARG A CZ  1 
ATOM   279  N NH1 . ARG A 1 29  ? -11.120 8.754   6.824   1.00 22.15  ? 288  ARG A NH1 1 
ATOM   280  N NH2 . ARG A 1 29  ? -10.776 10.776  7.827   1.00 29.66  ? 288  ARG A NH2 1 
ATOM   281  N N   . TRP A 1 30  ? -4.408  10.854  8.262   1.00 17.26  ? 289  TRP A N   1 
ATOM   282  C CA  . TRP A 1 30  ? -3.659  11.793  9.100   1.00 17.57  ? 289  TRP A CA  1 
ATOM   283  C C   . TRP A 1 30  ? -4.594  12.622  9.990   1.00 21.41  ? 289  TRP A C   1 
ATOM   284  O O   . TRP A 1 30  ? -4.134  13.470  10.760  1.00 20.94  ? 289  TRP A O   1 
ATOM   285  C CB  . TRP A 1 30  ? -2.772  12.704  8.239   1.00 18.07  ? 289  TRP A CB  1 
ATOM   286  C CG  . TRP A 1 30  ? -3.508  13.682  7.362   1.00 17.52  ? 289  TRP A CG  1 
ATOM   287  C CD1 . TRP A 1 30  ? -4.101  13.428  6.166   1.00 17.12  ? 289  TRP A CD1 1 
ATOM   288  C CD2 . TRP A 1 30  ? -3.699  15.083  7.617   1.00 23.91  ? 289  TRP A CD2 1 
ATOM   289  N NE1 . TRP A 1 30  ? -4.662  14.575  5.660   1.00 21.22  ? 289  TRP A NE1 1 
ATOM   290  C CE2 . TRP A 1 30  ? -4.432  15.606  6.533   1.00 24.46  ? 289  TRP A CE2 1 
ATOM   291  C CE3 . TRP A 1 30  ? -3.324  15.939  8.660   1.00 23.89  ? 289  TRP A CE3 1 
ATOM   292  C CZ2 . TRP A 1 30  ? -4.806  16.950  6.461   1.00 25.42  ? 289  TRP A CZ2 1 
ATOM   293  C CZ3 . TRP A 1 30  ? -3.692  17.273  8.586   1.00 27.57  ? 289  TRP A CZ3 1 
ATOM   294  C CH2 . TRP A 1 30  ? -4.424  17.766  7.493   1.00 25.99  ? 289  TRP A CH2 1 
ATOM   295  N N   . GLY A 1 31  ? -5.893  12.364  9.901   1.00 19.91  ? 290  GLY A N   1 
ATOM   296  C CA  . GLY A 1 31  ? -6.873  13.031  10.744  1.00 20.02  ? 290  GLY A CA  1 
ATOM   297  C C   . GLY A 1 31  ? -8.208  12.316  10.708  1.00 23.44  ? 290  GLY A C   1 
ATOM   298  O O   . GLY A 1 31  ? -8.423  11.425  9.871   1.00 24.73  ? 290  GLY A O   1 
ATOM   299  N N   A SER A 1 32  ? -9.094  12.685  11.631  0.45 28.31  ? 291  SER A N   1 
ATOM   300  N N   B SER A 1 32  ? -9.127  12.736  11.571  0.55 28.40  ? 291  SER A N   1 
ATOM   301  C CA  A SER A 1 32  ? -10.357 11.975  11.819  0.45 31.31  ? 291  SER A CA  1 
ATOM   302  C CA  B SER A 1 32  ? -10.440 12.104  11.652  0.55 31.56  ? 291  SER A CA  1 
ATOM   303  C C   A SER A 1 32  ? -11.457 12.427  10.860  0.45 30.46  ? 291  SER A C   1 
ATOM   304  C C   B SER A 1 32  ? -11.515 12.766  10.783  0.55 30.46  ? 291  SER A C   1 
ATOM   305  O O   A SER A 1 32  ? -12.408 11.684  10.615  0.45 27.04  ? 291  SER A O   1 
ATOM   306  O O   B SER A 1 32  ? -12.640 12.273  10.720  0.55 36.11  ? 291  SER A O   1 
ATOM   307  C CB  A SER A 1 32  ? -10.843 12.134  13.263  0.45 36.62  ? 291  SER A CB  1 
ATOM   308  C CB  B SER A 1 32  ? -10.912 12.087  13.106  0.55 36.72  ? 291  SER A CB  1 
ATOM   309  O OG  A SER A 1 32  ? -9.982  11.466  14.168  0.45 42.71  ? 291  SER A OG  1 
ATOM   310  O OG  B SER A 1 32  ? -10.853 13.388  13.665  0.55 35.65  ? 291  SER A OG  1 
ATOM   311  N N   A ALA A 1 33  ? -11.336 13.642  10.332  0.45 24.62  ? 292  ALA A N   1 
ATOM   312  N N   B ALA A 1 33  ? -11.181 13.866  10.112  0.55 27.57  ? 292  ALA A N   1 
ATOM   313  C CA  A ALA A 1 33  ? -12.277 14.140  9.328   0.45 28.14  ? 292  ALA A CA  1 
ATOM   314  C CA  B ALA A 1 33  ? -12.185 14.637  9.370   0.55 32.57  ? 292  ALA A CA  1 
ATOM   315  C C   A ALA A 1 33  ? -12.169 13.285  8.074   0.45 25.66  ? 292  ALA A C   1 
ATOM   316  C C   B ALA A 1 33  ? -12.266 14.271  7.886   0.55 32.56  ? 292  ALA A C   1 
ATOM   317  O O   A ALA A 1 33  ? -11.081 12.825  7.744   0.45 25.32  ? 292  ALA A O   1 
ATOM   318  O O   B ALA A 1 33  ? -11.610 13.336  7.431   0.55 31.09  ? 292  ALA A O   1 
ATOM   319  C CB  A ALA A 1 33  ? -12.005 15.604  9.008   0.45 29.41  ? 292  ALA A CB  1 
ATOM   320  C CB  B ALA A 1 33  ? -11.920 16.123  9.519   0.55 33.95  ? 292  ALA A CB  1 
ATOM   321  N N   A SER A 1 34  ? -13.285 13.086  7.377   0.45 24.34  ? 293  SER A N   1 
ATOM   322  N N   B SER A 1 34  ? -13.075 15.029  7.144   0.55 30.95  ? 293  SER A N   1 
ATOM   323  C CA  A SER A 1 34  ? -13.404 12.064  6.331   0.45 31.09  ? 293  SER A CA  1 
ATOM   324  C CA  B SER A 1 34  ? -13.408 14.707  5.759   0.55 33.85  ? 293  SER A CA  1 
ATOM   325  C C   A SER A 1 34  ? -12.287 12.015  5.274   0.45 23.65  ? 293  SER A C   1 
ATOM   326  C C   B SER A 1 34  ? -12.192 14.575  4.854   0.55 26.70  ? 293  SER A C   1 
ATOM   327  O O   A SER A 1 34  ? -11.762 10.940  4.976   0.45 22.38  ? 293  SER A O   1 
ATOM   328  O O   B SER A 1 34  ? -11.504 15.557  4.560   0.55 28.36  ? 293  SER A O   1 
ATOM   329  C CB  A SER A 1 34  ? -14.746 12.229  5.614   0.45 31.96  ? 293  SER A CB  1 
ATOM   330  C CB  B SER A 1 34  ? -14.355 15.758  5.181   0.55 32.83  ? 293  SER A CB  1 
ATOM   331  O OG  A SER A 1 34  ? -14.902 11.245  4.608   0.45 50.56  ? 293  SER A OG  1 
ATOM   332  O OG  B SER A 1 34  ? -15.579 15.782  5.891   0.55 42.15  ? 293  SER A OG  1 
ATOM   333  N N   A ASP A 1 35  ? -11.924 13.157  4.700   0.45 23.31  ? 294  ASP A N   1 
ATOM   334  N N   B ASP A 1 35  ? -11.952 13.336  4.434   0.55 25.25  ? 294  ASP A N   1 
ATOM   335  C CA  A ASP A 1 35  ? -11.003 13.149  3.563   0.45 26.04  ? 294  ASP A CA  1 
ATOM   336  C CA  B ASP A 1 35  ? -10.914 12.972  3.476   0.55 25.99  ? 294  ASP A CA  1 
ATOM   337  C C   A ASP A 1 35  ? -9.548  13.406  3.964   0.45 20.42  ? 294  ASP A C   1 
ATOM   338  C C   B ASP A 1 35  ? -9.504  13.347  3.946   0.55 20.43  ? 294  ASP A C   1 
ATOM   339  O O   A ASP A 1 35  ? -8.702  13.682  3.112   0.45 21.27  ? 294  ASP A O   1 
ATOM   340  O O   B ASP A 1 35  ? -8.645  13.666  3.123   0.55 21.25  ? 294  ASP A O   1 
ATOM   341  C CB  A ASP A 1 35  ? -11.446 14.174  2.513   0.45 34.13  ? 294  ASP A CB  1 
ATOM   342  C CB  B ASP A 1 35  ? -11.198 13.608  2.104   0.55 28.39  ? 294  ASP A CB  1 
ATOM   343  C CG  A ASP A 1 35  ? -12.631 13.688  1.679   0.45 41.16  ? 294  ASP A CG  1 
ATOM   344  C CG  B ASP A 1 35  ? -12.551 13.185  1.512   0.55 40.00  ? 294  ASP A CG  1 
ATOM   345  O OD1 A ASP A 1 35  ? -12.870 12.460  1.613   0.45 34.82  ? 294  ASP A OD1 1 
ATOM   346  O OD1 B ASP A 1 35  ? -13.031 12.061  1.792   0.55 30.66  ? 294  ASP A OD1 1 
ATOM   347  O OD2 A ASP A 1 35  ? -13.326 14.541  1.085   0.45 40.68  ? 294  ASP A OD2 1 
ATOM   348  O OD2 B ASP A 1 35  ? -13.131 13.985  0.745   0.55 40.00  ? 294  ASP A OD2 1 
ATOM   349  N N   . GLN A 1 36  ? -9.267  13.276  5.255   1.00 22.10  ? 295  GLN A N   1 
ATOM   350  C CA  . GLN A 1 36  ? -7.916  13.472  5.795   1.00 18.74  ? 295  GLN A CA  1 
ATOM   351  C C   . GLN A 1 36  ? -7.105  12.184  5.673   1.00 17.24  ? 295  GLN A C   1 
ATOM   352  O O   . GLN A 1 36  ? -6.752  11.537  6.670   1.00 19.41  ? 295  GLN A O   1 
ATOM   353  C CB  . GLN A 1 36  ? -7.953  13.922  7.256   1.00 23.34  ? 295  GLN A CB  1 
ATOM   354  C CG  . GLN A 1 36  ? -8.398  15.353  7.456   1.00 24.24  ? 295  GLN A CG  1 
ATOM   355  C CD  . GLN A 1 36  ? -8.154  15.807  8.866   1.00 19.31  ? 295  GLN A CD  1 
ATOM   356  O OE1 . GLN A 1 36  ? -8.917  15.472  9.768   1.00 26.41  ? 295  GLN A OE1 1 
ATOM   357  N NE2 . GLN A 1 36  ? -7.053  16.532  9.079   1.00 26.28  ? 295  GLN A NE2 1 
ATOM   358  N N   . ILE A 1 37  ? -6.805  11.828  4.430   1.00 18.58  ? 296  ILE A N   1 
ATOM   359  C CA  . ILE A 1 37  ? -6.137  10.569  4.104   1.00 17.25  ? 296  ILE A CA  1 
ATOM   360  C C   . ILE A 1 37  ? -4.649  10.814  3.870   1.00 17.05  ? 296  ILE A C   1 
ATOM   361  O O   . ILE A 1 37  ? -4.282  11.739  3.153   1.00 17.68  ? 296  ILE A O   1 
ATOM   362  C CB  . ILE A 1 37  ? -6.763  9.936   2.841   1.00 16.69  ? 296  ILE A CB  1 
ATOM   363  C CG1 . ILE A 1 37  ? -8.302  9.912   2.936   1.00 19.79  ? 296  ILE A CG1 1 
ATOM   364  C CG2 . ILE A 1 37  ? -6.178  8.558   2.585   1.00 17.96  ? 296  ILE A CG2 1 
ATOM   365  C CD1 . ILE A 1 37  ? -8.845  9.138   4.130   1.00 21.02  ? 296  ILE A CD1 1 
ATOM   366  N N   . ALA A 1 38  ? -3.790  10.015  4.490   1.00 15.78  ? 297  ALA A N   1 
ATOM   367  C CA  . ALA A 1 38  ? -2.358  10.224  4.310   1.00 15.50  ? 297  ALA A CA  1 
ATOM   368  C C   . ALA A 1 38  ? -1.962  9.993   2.855   1.00 17.20  ? 297  ALA A C   1 
ATOM   369  O O   . ALA A 1 38  ? -2.473  9.076   2.196   1.00 17.06  ? 297  ALA A O   1 
ATOM   370  C CB  . ALA A 1 38  ? -1.553  9.317   5.260   1.00 16.00  ? 297  ALA A CB  1 
ATOM   371  N N   . GLN A 1 39  ? -1.046  10.824  2.358   1.00 16.05  ? 298  GLN A N   1 
ATOM   372  C CA  . GLN A 1 39  ? -0.564  10.728  0.981   1.00 15.63  ? 298  GLN A CA  1 
ATOM   373  C C   . GLN A 1 39  ? 0.883   10.277  0.947   1.00 15.01  ? 298  GLN A C   1 
ATOM   374  O O   . GLN A 1 39  ? 1.673   10.681  1.799   1.00 16.27  ? 298  GLN A O   1 
ATOM   375  C CB  . GLN A 1 39  ? -0.720  12.074  0.258   1.00 17.49  ? 298  GLN A CB  1 
ATOM   376  C CG  . GLN A 1 39  ? -2.170  12.561  0.238   1.00 17.40  ? 298  GLN A CG  1 
ATOM   377  C CD  . GLN A 1 39  ? -2.379  13.805  -0.604  1.00 19.67  ? 298  GLN A CD  1 
ATOM   378  O OE1 . GLN A 1 39  ? -1.507  14.210  -1.378  1.00 22.36  ? 298  GLN A OE1 1 
ATOM   379  N NE2 . GLN A 1 39  ? -3.557  14.412  -0.458  1.00 19.71  ? 298  GLN A NE2 1 
ATOM   380  N N   . TRP A 1 40  ? 1.239   9.471   -0.054  1.00 15.29  ? 299  TRP A N   1 
ATOM   381  C CA  . TRP A 1 40  ? 2.515   8.763   -0.077  1.00 15.30  ? 299  TRP A CA  1 
ATOM   382  C C   . TRP A 1 40  ? 3.229   8.931   -1.416  1.00 16.94  ? 299  TRP A C   1 
ATOM   383  O O   . TRP A 1 40  ? 2.592   8.962   -2.465  1.00 17.01  ? 299  TRP A O   1 
ATOM   384  C CB  . TRP A 1 40  ? 2.277   7.271   0.205   1.00 17.54  ? 299  TRP A CB  1 
ATOM   385  C CG  . TRP A 1 40  ? 1.664   7.013   1.533   1.00 15.51  ? 299  TRP A CG  1 
ATOM   386  C CD1 . TRP A 1 40  ? 0.328   7.004   1.838   1.00 14.68  ? 299  TRP A CD1 1 
ATOM   387  C CD2 . TRP A 1 40  ? 2.357   6.735   2.759   1.00 16.28  ? 299  TRP A CD2 1 
ATOM   388  N NE1 . TRP A 1 40  ? 0.147   6.730   3.173   1.00 15.22  ? 299  TRP A NE1 1 
ATOM   389  C CE2 . TRP A 1 40  ? 1.378   6.557   3.765   1.00 14.11  ? 299  TRP A CE2 1 
ATOM   390  C CE3 . TRP A 1 40  ? 3.711   6.604   3.103   1.00 16.45  ? 299  TRP A CE3 1 
ATOM   391  C CZ2 . TRP A 1 40  ? 1.706   6.261   5.094   1.00 15.22  ? 299  TRP A CZ2 1 
ATOM   392  C CZ3 . TRP A 1 40  ? 4.033   6.309   4.416   1.00 15.12  ? 299  TRP A CZ3 1 
ATOM   393  C CH2 . TRP A 1 40  ? 3.037   6.144   5.396   1.00 17.15  ? 299  TRP A CH2 1 
ATOM   394  N N   . PRO A 1 41  ? 4.561   9.019   -1.396  1.00 17.58  ? 300  PRO A N   1 
ATOM   395  C CA  . PRO A 1 41  ? 5.293   9.172   -2.658  1.00 19.49  ? 300  PRO A CA  1 
ATOM   396  C C   . PRO A 1 41  ? 5.177   7.959   -3.577  1.00 17.81  ? 300  PRO A C   1 
ATOM   397  O O   . PRO A 1 41  ? 4.986   6.838   -3.106  1.00 18.05  ? 300  PRO A O   1 
ATOM   398  C CB  . PRO A 1 41  ? 6.756   9.342   -2.204  1.00 20.66  ? 300  PRO A CB  1 
ATOM   399  C CG  . PRO A 1 41  ? 6.676   9.749   -0.775  1.00 26.04  ? 300  PRO A CG  1 
ATOM   400  C CD  . PRO A 1 41  ? 5.453   9.065   -0.229  1.00 20.93  ? 300  PRO A CD  1 
ATOM   401  N N   . THR A 1 42  ? 5.326   8.196   -4.872  1.00 20.49  ? 301  THR A N   1 
ATOM   402  C CA  . THR A 1 42  ? 5.388   7.140   -5.868  1.00 19.76  ? 301  THR A CA  1 
ATOM   403  C C   . THR A 1 42  ? 6.779   6.521   -5.882  1.00 22.88  ? 301  THR A C   1 
ATOM   404  O O   . THR A 1 42  ? 7.776   7.212   -6.108  1.00 25.16  ? 301  THR A O   1 
ATOM   405  C CB  . THR A 1 42  ? 5.059   7.690   -7.255  1.00 21.63  ? 301  THR A CB  1 
ATOM   406  O OG1 . THR A 1 42  ? 3.707   8.164   -7.260  1.00 20.88  ? 301  THR A OG1 1 
ATOM   407  C CG2 . THR A 1 42  ? 5.237   6.617   -8.334  1.00 23.75  ? 301  THR A CG2 1 
ATOM   408  N N   . ILE A 1 43  ? 6.844   5.224   -5.618  1.00 19.90  ? 302  ILE A N   1 
ATOM   409  C CA  . ILE A 1 43  ? 8.084   4.481   -5.721  1.00 21.53  ? 302  ILE A CA  1 
ATOM   410  C C   . ILE A 1 43  ? 8.390   4.252   -7.193  1.00 22.90  ? 302  ILE A C   1 
ATOM   411  O O   . ILE A 1 43  ? 7.506   3.900   -7.975  1.00 22.33  ? 302  ILE A O   1 
ATOM   412  C CB  . ILE A 1 43  ? 8.005   3.139   -4.978  1.00 22.26  ? 302  ILE A CB  1 
ATOM   413  C CG1 . ILE A 1 43  ? 7.741   3.378   -3.484  1.00 27.51  ? 302  ILE A CG1 1 
ATOM   414  C CG2 . ILE A 1 43  ? 9.275   2.310   -5.178  1.00 25.37  ? 302  ILE A CG2 1 
ATOM   415  C CD1 . ILE A 1 43  ? 7.303   2.140   -2.726  1.00 24.05  ? 302  ILE A CD1 1 
ATOM   416  N N   A SER A 1 44  ? 9.640   4.487   -7.576  0.74 27.62  ? 303  SER A N   1 
ATOM   417  N N   B SER A 1 44  ? 9.648   4.464   -7.566  0.26 27.67  ? 303  SER A N   1 
ATOM   418  C CA  A SER A 1 44  ? 10.089  4.202   -8.928  0.74 28.09  ? 303  SER A CA  1 
ATOM   419  C CA  B SER A 1 44  ? 10.106  4.193   -8.920  0.26 28.05  ? 303  SER A CA  1 
ATOM   420  C C   A SER A 1 44  ? 10.192  2.690   -9.094  0.74 27.74  ? 303  SER A C   1 
ATOM   421  C C   B SER A 1 44  ? 10.228  2.689   -9.131  0.26 27.63  ? 303  SER A C   1 
ATOM   422  O O   A SER A 1 44  ? 11.007  2.036   -8.443  0.74 29.23  ? 303  SER A O   1 
ATOM   423  O O   B SER A 1 44  ? 11.107  2.041   -8.563  0.26 29.11  ? 303  SER A O   1 
ATOM   424  C CB  A SER A 1 44  ? 11.433  4.882   -9.208  0.74 23.85  ? 303  SER A CB  1 
ATOM   425  C CB  B SER A 1 44  ? 11.445  4.883   -9.179  0.26 24.11  ? 303  SER A CB  1 
ATOM   426  O OG  A SER A 1 44  ? 11.863  4.625   -10.536 0.74 26.94  ? 303  SER A OG  1 
ATOM   427  O OG  B SER A 1 44  ? 12.427  4.433   -8.262  0.26 33.63  ? 303  SER A OG  1 
ATOM   428  N N   . VAL A 1 45  ? 9.332   2.134   -9.942  1.00 25.75  ? 304  VAL A N   1 
ATOM   429  C CA  . VAL A 1 45  ? 9.288   0.692   -10.161 1.00 22.95  ? 304  VAL A CA  1 
ATOM   430  C C   . VAL A 1 45  ? 9.292   0.405   -11.672 1.00 24.67  ? 304  VAL A C   1 
ATOM   431  O O   . VAL A 1 45  ? 8.403   0.852   -12.412 1.00 25.37  ? 304  VAL A O   1 
ATOM   432  C CB  . VAL A 1 45  ? 8.023   0.042   -9.503  1.00 21.48  ? 304  VAL A CB  1 
ATOM   433  C CG1 . VAL A 1 45  ? 8.024   -1.471  -9.677  1.00 23.40  ? 304  VAL A CG1 1 
ATOM   434  C CG2 . VAL A 1 45  ? 7.934   0.400   -8.028  1.00 22.24  ? 304  VAL A CG2 1 
ATOM   435  N N   . PRO A 1 46  ? 10.312  -0.332  -12.143 1.00 23.76  ? 305  PRO A N   1 
ATOM   436  C CA  . PRO A 1 46  ? 10.402  -0.702  -13.555 1.00 27.79  ? 305  PRO A CA  1 
ATOM   437  C C   . PRO A 1 46  ? 9.507   -1.889  -13.886 1.00 26.75  ? 305  PRO A C   1 
ATOM   438  O O   . PRO A 1 46  ? 9.193   -2.704  -13.019 1.00 22.57  ? 305  PRO A O   1 
ATOM   439  C CB  . PRO A 1 46  ? 11.874  -1.076  -13.720 1.00 26.79  ? 305  PRO A CB  1 
ATOM   440  C CG  . PRO A 1 46  ? 12.214  -1.700  -12.393 1.00 28.35  ? 305  PRO A CG  1 
ATOM   441  C CD  . PRO A 1 46  ? 11.405  -0.924  -11.349 1.00 29.09  ? 305  PRO A CD  1 
ATOM   442  N N   . ARG A 1 47  ? 9.112   -1.990  -15.145 1.00 22.23  ? 306  ARG A N   1 
ATOM   443  C CA  . ARG A 1 47  ? 8.417   -3.182  -15.603 1.00 23.39  ? 306  ARG A CA  1 
ATOM   444  C C   . ARG A 1 47  ? 9.226   -4.418  -15.249 1.00 28.80  ? 306  ARG A C   1 
ATOM   445  O O   . ARG A 1 47  ? 10.426  -4.467  -15.517 1.00 25.11  ? 306  ARG A O   1 
ATOM   446  C CB  . ARG A 1 47  ? 8.182   -3.113  -17.103 1.00 23.11  ? 306  ARG A CB  1 
ATOM   447  C CG  . ARG A 1 47  ? 7.611   -4.388  -17.682 1.00 20.59  ? 306  ARG A CG  1 
ATOM   448  C CD  . ARG A 1 47  ? 7.399   -4.231  -19.158 1.00 19.82  ? 306  ARG A CD  1 
ATOM   449  N NE  . ARG A 1 47  ? 7.160   -5.524  -19.792 1.00 21.27  ? 306  ARG A NE  1 
ATOM   450  C CZ  . ARG A 1 47  ? 5.985   -6.144  -19.839 1.00 20.21  ? 306  ARG A CZ  1 
ATOM   451  N NH1 . ARG A 1 47  ? 4.908   -5.601  -19.288 1.00 21.06  ? 306  ARG A NH1 1 
ATOM   452  N NH2 . ARG A 1 47  ? 5.895   -7.323  -20.448 1.00 22.81  ? 306  ARG A NH2 1 
ATOM   453  N N   . GLY A 1 48  ? 8.573   -5.403  -14.634 1.00 20.80  ? 307  GLY A N   1 
ATOM   454  C CA  . GLY A 1 48  ? 9.217   -6.644  -14.242 1.00 23.38  ? 307  GLY A CA  1 
ATOM   455  C C   . GLY A 1 48  ? 9.569   -6.708  -12.768 1.00 28.30  ? 307  GLY A C   1 
ATOM   456  O O   . GLY A 1 48  ? 10.169  -7.675  -12.297 1.00 28.24  ? 307  GLY A O   1 
ATOM   457  N N   . GLU A 1 49  ? 9.189   -5.672  -12.030 1.00 24.32  ? 308  GLU A N   1 
ATOM   458  C CA  . GLU A 1 49  ? 9.398   -5.654  -10.591 1.00 26.81  ? 308  GLU A CA  1 
ATOM   459  C C   . GLU A 1 49  ? 8.134   -5.253  -9.836  1.00 25.58  ? 308  GLU A C   1 
ATOM   460  O O   . GLU A 1 49  ? 7.166   -4.761  -10.425 1.00 22.91  ? 308  GLU A O   1 
ATOM   461  C CB  . GLU A 1 49  ? 10.547  -4.705  -10.234 1.00 28.81  ? 308  GLU A CB  1 
ATOM   462  C CG  . GLU A 1 49  ? 11.892  -5.148  -10.798 1.00 30.19  ? 308  GLU A CG  1 
ATOM   463  C CD  . GLU A 1 49  ? 13.056  -4.360  -10.238 1.00 52.13  ? 308  GLU A CD  1 
ATOM   464  O OE1 . GLU A 1 49  ? 12.819  -3.408  -9.461  1.00 39.03  ? 308  GLU A OE1 1 
ATOM   465  O OE2 . GLU A 1 49  ? 14.213  -4.698  -10.573 1.00 50.74  ? 308  GLU A OE2 1 
ATOM   466  N N   . LEU A 1 50  ? 8.158   -5.483  -8.529  1.00 24.72  ? 309  LEU A N   1 
ATOM   467  C CA  . LEU A 1 50  ? 7.158   -4.941  -7.614  1.00 24.68  ? 309  LEU A CA  1 
ATOM   468  C C   . LEU A 1 50  ? 7.867   -4.224  -6.479  1.00 27.24  ? 309  LEU A C   1 
ATOM   469  O O   . LEU A 1 50  ? 9.090   -4.288  -6.364  1.00 26.27  ? 309  LEU A O   1 
ATOM   470  C CB  . LEU A 1 50  ? 6.263   -6.040  -7.053  1.00 20.53  ? 309  LEU A CB  1 
ATOM   471  C CG  . LEU A 1 50  ? 6.872   -7.159  -6.190  1.00 24.42  ? 309  LEU A CG  1 
ATOM   472  C CD1 . LEU A 1 50  ? 7.105   -6.756  -4.723  1.00 25.96  ? 309  LEU A CD1 1 
ATOM   473  C CD2 . LEU A 1 50  ? 6.009   -8.397  -6.234  1.00 26.91  ? 309  LEU A CD2 1 
ATOM   474  N N   . ALA A 1 51  ? 7.087   -3.567  -5.624  1.00 20.67  ? 310  ALA A N   1 
ATOM   475  C CA  . ALA A 1 51  ? 7.605   -2.990  -4.375  1.00 20.99  ? 310  ALA A CA  1 
ATOM   476  C C   . ALA A 1 51  ? 6.504   -2.975  -3.310  1.00 19.85  ? 310  ALA A C   1 
ATOM   477  O O   . ALA A 1 51  ? 5.328   -2.786  -3.640  1.00 20.73  ? 310  ALA A O   1 
ATOM   478  C CB  . ALA A 1 51  ? 8.132   -1.589  -4.610  1.00 26.19  ? 310  ALA A CB  1 
ATOM   479  N N   . PHE A 1 52  ? 6.877   -3.193  -2.049  1.00 20.83  ? 311  PHE A N   1 
ATOM   480  C CA  . PHE A 1 52  ? 6.010   -2.914  -0.897  1.00 20.61  ? 311  PHE A CA  1 
ATOM   481  C C   . PHE A 1 52  ? 6.881   -2.346  0.220   1.00 22.07  ? 311  PHE A C   1 
ATOM   482  O O   . PHE A 1 52  ? 8.097   -2.210  0.037   1.00 22.82  ? 311  PHE A O   1 
ATOM   483  C CB  . PHE A 1 52  ? 5.235   -4.158  -0.422  1.00 20.89  ? 311  PHE A CB  1 
ATOM   484  C CG  . PHE A 1 52  ? 6.105   -5.276  0.105   1.00 22.67  ? 311  PHE A CG  1 
ATOM   485  C CD1 . PHE A 1 52  ? 6.697   -6.184  -0.764  1.00 25.84  ? 311  PHE A CD1 1 
ATOM   486  C CD2 . PHE A 1 52  ? 6.309   -5.427  1.472   1.00 25.36  ? 311  PHE A CD2 1 
ATOM   487  C CE1 . PHE A 1 52  ? 7.483   -7.224  -0.283  1.00 28.57  ? 311  PHE A CE1 1 
ATOM   488  C CE2 . PHE A 1 52  ? 7.097   -6.462  1.961   1.00 29.65  ? 311  PHE A CE2 1 
ATOM   489  C CZ  . PHE A 1 52  ? 7.683   -7.358  1.086   1.00 34.67  ? 311  PHE A CZ  1 
ATOM   490  N N   . LEU A 1 53  ? 6.266   -2.000  1.353   1.00 16.73  ? 312  LEU A N   1 
ATOM   491  C CA  . LEU A 1 53  ? 6.991   -1.297  2.419   1.00 17.76  ? 312  LEU A CA  1 
ATOM   492  C C   . LEU A 1 53  ? 6.997   -2.077  3.725   1.00 18.73  ? 312  LEU A C   1 
ATOM   493  O O   . LEU A 1 53  ? 5.996   -2.677  4.118   1.00 18.12  ? 312  LEU A O   1 
ATOM   494  C CB  . LEU A 1 53  ? 6.387   0.099   2.666   1.00 19.29  ? 312  LEU A CB  1 
ATOM   495  C CG  . LEU A 1 53  ? 6.488   1.176   1.582   1.00 19.14  ? 312  LEU A CG  1 
ATOM   496  C CD1 . LEU A 1 53  ? 7.881   1.280   0.991   1.00 19.78  ? 312  LEU A CD1 1 
ATOM   497  C CD2 . LEU A 1 53  ? 5.447   0.949   0.477   1.00 17.85  ? 312  LEU A CD2 1 
ATOM   498  N N   A ARG A 1 54  ? 8.140   -2.044  4.409   0.65 20.86  ? 313  ARG A N   1 
ATOM   499  N N   B ARG A 1 54  ? 8.156   -2.093  4.377   0.35 20.92  ? 313  ARG A N   1 
ATOM   500  C CA  A ARG A 1 54  ? 8.284   -2.656  5.724   0.65 21.86  ? 313  ARG A CA  1 
ATOM   501  C CA  B ARG A 1 54  ? 8.280   -2.635  5.724   0.35 21.82  ? 313  ARG A CA  1 
ATOM   502  C C   A ARG A 1 54  ? 8.970   -1.661  6.652   0.65 20.62  ? 313  ARG A C   1 
ATOM   503  C C   B ARG A 1 54  ? 8.913   -1.564  6.594   0.35 20.77  ? 313  ARG A C   1 
ATOM   504  O O   A ARG A 1 54  ? 10.095  -1.247  6.380   0.65 22.77  ? 313  ARG A O   1 
ATOM   505  O O   B ARG A 1 54  ? 9.943   -0.998  6.232   0.35 21.67  ? 313  ARG A O   1 
ATOM   506  C CB  A ARG A 1 54  ? 9.098   -3.951  5.643   0.65 23.66  ? 313  ARG A CB  1 
ATOM   507  C CB  B ARG A 1 54  ? 9.126   -3.911  5.756   0.35 23.70  ? 313  ARG A CB  1 
ATOM   508  C CG  A ARG A 1 54  ? 9.328   -4.620  6.987   0.65 24.74  ? 313  ARG A CG  1 
ATOM   509  C CG  B ARG A 1 54  ? 9.155   -4.583  7.130   0.35 25.25  ? 313  ARG A CG  1 
ATOM   510  C CD  A ARG A 1 54  ? 10.149  -5.895  6.839   0.65 32.75  ? 313  ARG A CD  1 
ATOM   511  C CD  B ARG A 1 54  ? 10.286  -5.597  7.266   0.35 34.41  ? 313  ARG A CD  1 
ATOM   512  N NE  A ARG A 1 54  ? 11.498  -5.612  6.361   0.65 31.41  ? 313  ARG A NE  1 
ATOM   513  N NE  B ARG A 1 54  ? 11.569  -4.949  7.522   0.35 35.35  ? 313  ARG A NE  1 
ATOM   514  C CZ  A ARG A 1 54  ? 12.435  -6.540  6.175   0.65 33.18  ? 313  ARG A CZ  1 
ATOM   515  C CZ  B ARG A 1 54  ? 12.006  -4.593  8.728   0.35 32.84  ? 313  ARG A CZ  1 
ATOM   516  N NH1 A ARG A 1 54  ? 12.168  -7.814  6.420   0.65 38.48  ? 313  ARG A NH1 1 
ATOM   517  N NH1 B ARG A 1 54  ? 11.261  -4.814  9.802   0.35 38.45  ? 313  ARG A NH1 1 
ATOM   518  N NH2 A ARG A 1 54  ? 13.636  -6.190  5.737   0.65 34.67  ? 313  ARG A NH2 1 
ATOM   519  N NH2 B ARG A 1 54  ? 13.188  -4.007  8.861   0.35 39.37  ? 313  ARG A NH2 1 
ATOM   520  N N   . ILE A 1 55  ? 8.293   -1.273  7.729   1.00 21.04  ? 314  ILE A N   1 
ATOM   521  C CA  . ILE A 1 55  ? 8.796   -0.196  8.579   1.00 20.17  ? 314  ILE A CA  1 
ATOM   522  C C   . ILE A 1 55  ? 10.110  -0.630  9.220   1.00 23.45  ? 314  ILE A C   1 
ATOM   523  O O   . ILE A 1 55  ? 10.274  -1.793  9.583   1.00 25.74  ? 314  ILE A O   1 
ATOM   524  C CB  . ILE A 1 55  ? 7.753   0.214   9.642   1.00 19.53  ? 314  ILE A CB  1 
ATOM   525  C CG1 . ILE A 1 55  ? 7.973   1.660   10.094  1.00 23.94  ? 314  ILE A CG1 1 
ATOM   526  C CG2 . ILE A 1 55  ? 7.719   -0.753  10.807  1.00 24.76  ? 314  ILE A CG2 1 
ATOM   527  C CD1 . ILE A 1 55  ? 6.963   2.116   11.090  1.00 23.81  ? 314  ILE A CD1 1 
ATOM   528  N N   . LYS A 1 56  ? 11.059  0.295   9.314   1.00 21.89  ? 315  LYS A N   1 
ATOM   529  C CA  . LYS A 1 56  ? 12.396  -0.073  9.808   1.00 23.81  ? 315  LYS A CA  1 
ATOM   530  C C   . LYS A 1 56  ? 12.377  -0.380  11.304  1.00 31.51  ? 315  LYS A C   1 
ATOM   531  O O   . LYS A 1 56  ? 13.004  -1.341  11.757  1.00 29.65  ? 315  LYS A O   1 
ATOM   532  C CB  . LYS A 1 56  ? 13.409  1.025   9.478   1.00 27.42  ? 315  LYS A CB  1 
ATOM   533  C CG  . LYS A 1 56  ? 13.719  1.082   7.993   1.00 30.08  ? 315  LYS A CG  1 
ATOM   534  C CD  . LYS A 1 56  ? 14.947  1.908   7.665   1.00 35.57  ? 315  LYS A CD  1 
ATOM   535  C CE  . LYS A 1 56  ? 15.254  1.799   6.174   1.00 47.93  ? 315  LYS A CE  1 
ATOM   536  N NZ  . LYS A 1 56  ? 16.168  2.866   5.687   1.00 57.32  ? 315  LYS A NZ  1 
ATOM   537  N N   . ASP A 1 57  ? 11.639  0.427   12.057  1.00 28.13  ? 316  ASP A N   1 
ATOM   538  C CA  . ASP A 1 57  ? 11.476  0.221   13.488  1.00 31.33  ? 316  ASP A CA  1 
ATOM   539  C C   . ASP A 1 57  ? 10.002  0.064   13.845  1.00 30.82  ? 316  ASP A C   1 
ATOM   540  O O   . ASP A 1 57  ? 9.258   1.042   13.861  1.00 27.47  ? 316  ASP A O   1 
ATOM   541  C CB  . ASP A 1 57  ? 12.095  1.394   14.261  1.00 38.10  ? 316  ASP A CB  1 
ATOM   542  C CG  . ASP A 1 57  ? 11.970  1.244   15.774  1.00 35.65  ? 316  ASP A CG  1 
ATOM   543  O OD1 . ASP A 1 57  ? 11.604  0.152   16.257  1.00 36.20  ? 316  ASP A OD1 1 
ATOM   544  O OD2 . ASP A 1 57  ? 12.243  2.236   16.485  1.00 47.84  ? 316  ASP A OD2 1 
ATOM   545  N N   . GLY A 1 58  ? 9.589   -1.166  14.149  1.00 28.69  ? 317  GLY A N   1 
ATOM   546  C CA  . GLY A 1 58  ? 8.206   -1.457  14.484  1.00 26.72  ? 317  GLY A CA  1 
ATOM   547  C C   . GLY A 1 58  ? 7.631   -0.683  15.658  1.00 26.38  ? 317  GLY A C   1 
ATOM   548  O O   . GLY A 1 58  ? 6.417   -0.502  15.760  1.00 25.61  ? 317  GLY A O   1 
ATOM   549  N N   A LYS A 1 59  ? 8.500   -0.224  16.555  0.48 26.32  ? 318  LYS A N   1 
ATOM   550  N N   B LYS A 1 59  ? 8.503   -0.230  16.554  0.52 26.30  ? 318  LYS A N   1 
ATOM   551  C CA  A LYS A 1 59  ? 8.046   0.517   17.725  0.48 27.81  ? 318  LYS A CA  1 
ATOM   552  C CA  B LYS A 1 59  ? 8.063   0.521   17.722  0.52 27.79  ? 318  LYS A CA  1 
ATOM   553  C C   A LYS A 1 59  ? 7.512   1.896   17.347  0.48 23.58  ? 318  LYS A C   1 
ATOM   554  C C   B LYS A 1 59  ? 7.476   1.874   17.331  0.52 23.60  ? 318  LYS A C   1 
ATOM   555  O O   A LYS A 1 59  ? 6.848   2.555   18.151  0.48 28.75  ? 318  LYS A O   1 
ATOM   556  O O   B LYS A 1 59  ? 6.742   2.488   18.110  0.52 28.37  ? 318  LYS A O   1 
ATOM   557  C CB  A LYS A 1 59  ? 9.181   0.641   18.748  0.48 31.06  ? 318  LYS A CB  1 
ATOM   558  C CB  B LYS A 1 59  ? 9.224   0.710   18.704  0.52 30.93  ? 318  LYS A CB  1 
ATOM   559  C CG  A LYS A 1 59  ? 9.507   -0.675  19.442  0.48 35.08  ? 318  LYS A CG  1 
ATOM   560  C CG  B LYS A 1 59  ? 9.602   -0.563  19.447  0.52 35.17  ? 318  LYS A CG  1 
ATOM   561  C CD  A LYS A 1 59  ? 10.586  -0.517  20.500  0.48 38.00  ? 318  LYS A CD  1 
ATOM   562  C CD  B LYS A 1 59  ? 8.394   -1.149  20.168  0.52 31.99  ? 318  LYS A CD  1 
ATOM   563  C CE  A LYS A 1 59  ? 10.829  -1.834  21.223  0.48 36.98  ? 318  LYS A CE  1 
ATOM   564  C CE  B LYS A 1 59  ? 8.731   -2.472  20.839  0.52 40.67  ? 318  LYS A CE  1 
ATOM   565  N NZ  A LYS A 1 59  ? 11.928  -1.731  22.223  0.48 43.23  ? 318  LYS A NZ  1 
ATOM   566  N NZ  B LYS A 1 59  ? 7.563   -3.032  21.574  0.52 36.51  ? 318  LYS A NZ  1 
ATOM   567  N N   . GLN A 1 60  ? 7.784   2.315   16.113  1.00 23.67  ? 319  GLN A N   1 
ATOM   568  C CA  . GLN A 1 60  ? 7.330   3.611   15.615  1.00 22.97  ? 319  GLN A CA  1 
ATOM   569  C C   . GLN A 1 60  ? 6.052   3.518   14.788  1.00 23.46  ? 319  GLN A C   1 
ATOM   570  O O   . GLN A 1 60  ? 5.492   4.541   14.369  1.00 20.01  ? 319  GLN A O   1 
ATOM   571  C CB  . GLN A 1 60  ? 8.421   4.259   14.761  1.00 25.54  ? 319  GLN A CB  1 
ATOM   572  C CG  . GLN A 1 60  ? 9.708   4.584   15.505  1.00 27.68  ? 319  GLN A CG  1 
ATOM   573  C CD  . GLN A 1 60  ? 10.508  5.670   14.813  1.00 50.52  ? 319  GLN A CD  1 
ATOM   574  O OE1 . GLN A 1 60  ? 10.462  6.837   15.206  1.00 57.88  ? 319  GLN A OE1 1 
ATOM   575  N NE2 . GLN A 1 60  ? 11.238  5.293   13.766  1.00 50.66  ? 319  GLN A NE2 1 
ATOM   576  N N   . ALA A 1 61  ? 5.589   2.296   14.559  1.00 19.89  ? 320  ALA A N   1 
ATOM   577  C CA  . ALA A 1 61  ? 4.432   2.063   13.697  1.00 19.36  ? 320  ALA A CA  1 
ATOM   578  C C   . ALA A 1 61  ? 3.131   2.519   14.334  1.00 18.69  ? 320  ALA A C   1 
ATOM   579  O O   . ALA A 1 61  ? 2.997   2.545   15.559  1.00 22.06  ? 320  ALA A O   1 
ATOM   580  C CB  . ALA A 1 61  ? 4.335   0.571   13.336  1.00 19.93  ? 320  ALA A CB  1 
ATOM   581  N N   . ALA A 1 62  ? 2.162   2.862   13.489  1.00 20.45  ? 321  ALA A N   1 
ATOM   582  C CA  . ALA A 1 62  ? 0.783   3.003   13.911  1.00 16.46  ? 321  ALA A CA  1 
ATOM   583  C C   . ALA A 1 62  ? 0.303   1.672   14.490  1.00 18.63  ? 321  ALA A C   1 
ATOM   584  O O   . ALA A 1 62  ? 0.786   0.612   14.074  1.00 20.43  ? 321  ALA A O   1 
ATOM   585  C CB  . ALA A 1 62  ? -0.106  3.423   12.723  1.00 19.00  ? 321  ALA A CB  1 
ATOM   586  N N   . VAL A 1 63  ? -0.643  1.718   15.428  1.00 18.75  ? 322  VAL A N   1 
ATOM   587  C CA  . VAL A 1 63  ? -1.082  0.499   16.111  1.00 21.09  ? 322  VAL A CA  1 
ATOM   588  C C   . VAL A 1 63  ? -2.589  0.354   16.111  1.00 18.82  ? 322  VAL A C   1 
ATOM   589  O O   . VAL A 1 63  ? -3.324  1.263   16.498  1.00 19.77  ? 322  VAL A O   1 
ATOM   590  C CB  . VAL A 1 63  ? -0.586  0.448   17.584  1.00 20.32  ? 322  VAL A CB  1 
ATOM   591  C CG1 . VAL A 1 63  ? -1.159  -0.785  18.307  1.00 24.17  ? 322  VAL A CG1 1 
ATOM   592  C CG2 . VAL A 1 63  ? 0.921   0.439   17.647  1.00 24.40  ? 322  VAL A CG2 1 
ATOM   593  N N   . GLY A 1 64  ? -3.053  -0.815  15.667  1.00 19.38  ? 323  GLY A N   1 
ATOM   594  C CA  . GLY A 1 64  ? -4.453  -1.194  15.780  1.00 20.75  ? 323  GLY A CA  1 
ATOM   595  C C   . GLY A 1 64  ? -4.529  -2.384  16.714  1.00 26.59  ? 323  GLY A C   1 
ATOM   596  O O   . GLY A 1 64  ? -4.138  -2.277  17.872  1.00 23.22  ? 323  GLY A O   1 
ATOM   597  N N   . THR A 1 65  ? -5.005  -3.527  16.225  1.00 22.43  ? 324  THR A N   1 
ATOM   598  C CA  . THR A 1 65  ? -4.888  -4.760  17.008  1.00 20.78  ? 324  THR A CA  1 
ATOM   599  C C   . THR A 1 65  ? -3.450  -5.275  17.003  1.00 24.51  ? 324  THR A C   1 
ATOM   600  O O   . THR A 1 65  ? -3.095  -6.193  17.757  1.00 27.61  ? 324  THR A O   1 
ATOM   601  C CB  . THR A 1 65  ? -5.837  -5.854  16.474  1.00 24.23  ? 324  THR A CB  1 
ATOM   602  O OG1 . THR A 1 65  ? -5.513  -6.133  15.100  1.00 24.74  ? 324  THR A OG1 1 
ATOM   603  C CG2 . THR A 1 65  ? -7.281  -5.398  16.583  1.00 24.04  ? 324  THR A CG2 1 
ATOM   604  N N   . GLN A 1 66  ? -2.618  -4.669  16.163  1.00 23.34  ? 325  GLN A N   1 
ATOM   605  C CA  . GLN A 1 66  ? -1.196  -4.958  16.095  1.00 21.09  ? 325  GLN A CA  1 
ATOM   606  C C   . GLN A 1 66  ? -0.459  -3.728  15.558  1.00 19.51  ? 325  GLN A C   1 
ATOM   607  O O   . GLN A 1 66  ? -1.097  -2.842  14.988  1.00 21.39  ? 325  GLN A O   1 
ATOM   608  C CB  . GLN A 1 66  ? -0.937  -6.145  15.178  1.00 23.41  ? 325  GLN A CB  1 
ATOM   609  C CG  . GLN A 1 66  ? -1.172  -5.780  13.713  1.00 21.91  ? 325  GLN A CG  1 
ATOM   610  C CD  . GLN A 1 66  ? -0.810  -6.900  12.758  1.00 23.32  ? 325  GLN A CD  1 
ATOM   611  O OE1 . GLN A 1 66  ? -1.425  -7.973  12.784  1.00 25.96  ? 325  GLN A OE1 1 
ATOM   612  N NE2 . GLN A 1 66  ? 0.196   -6.668  11.927  1.00 20.91  ? 325  GLN A NE2 1 
ATOM   613  N N   . PRO A 1 67  ? 0.874   -3.668  15.727  1.00 21.30  ? 326  PRO A N   1 
ATOM   614  C CA  . PRO A 1 67  ? 1.640   -2.650  14.989  1.00 21.21  ? 326  PRO A CA  1 
ATOM   615  C C   . PRO A 1 67  ? 1.513   -2.871  13.477  1.00 23.05  ? 326  PRO A C   1 
ATOM   616  O O   . PRO A 1 67  ? 1.659   -4.003  13.018  1.00 19.65  ? 326  PRO A O   1 
ATOM   617  C CB  . PRO A 1 67  ? 3.083   -2.879  15.448  1.00 25.49  ? 326  PRO A CB  1 
ATOM   618  C CG  . PRO A 1 67  ? 2.952   -3.568  16.788  1.00 24.85  ? 326  PRO A CG  1 
ATOM   619  C CD  . PRO A 1 67  ? 1.720   -4.425  16.671  1.00 25.26  ? 326  PRO A CD  1 
ATOM   620  N N   . TRP A 1 68  ? 1.243   -1.813  12.716  1.00 19.35  ? 327  TRP A N   1 
ATOM   621  C CA  . TRP A 1 68  ? 1.106   -1.941  11.267  1.00 17.77  ? 327  TRP A CA  1 
ATOM   622  C C   . TRP A 1 68  ? 2.479   -1.707  10.649  1.00 19.07  ? 327  TRP A C   1 
ATOM   623  O O   . TRP A 1 68  ? 2.862   -0.570  10.355  1.00 20.28  ? 327  TRP A O   1 
ATOM   624  C CB  . TRP A 1 68  ? 0.044   -0.974  10.736  1.00 18.25  ? 327  TRP A CB  1 
ATOM   625  C CG  . TRP A 1 68  ? -1.309  -1.206  11.350  1.00 18.44  ? 327  TRP A CG  1 
ATOM   626  C CD1 . TRP A 1 68  ? -2.055  -0.311  12.066  1.00 19.12  ? 327  TRP A CD1 1 
ATOM   627  C CD2 . TRP A 1 68  ? -2.060  -2.437  11.344  1.00 19.41  ? 327  TRP A CD2 1 
ATOM   628  N NE1 . TRP A 1 68  ? -3.233  -0.893  12.476  1.00 20.60  ? 327  TRP A NE1 1 
ATOM   629  C CE2 . TRP A 1 68  ? -3.255  -2.201  12.051  1.00 18.45  ? 327  TRP A CE2 1 
ATOM   630  C CE3 . TRP A 1 68  ? -1.848  -3.703  10.784  1.00 19.08  ? 327  TRP A CE3 1 
ATOM   631  C CZ2 . TRP A 1 68  ? -4.232  -3.192  12.235  1.00 20.58  ? 327  TRP A CZ2 1 
ATOM   632  C CZ3 . TRP A 1 68  ? -2.828  -4.692  10.969  1.00 19.13  ? 327  TRP A CZ3 1 
ATOM   633  C CH2 . TRP A 1 68  ? -3.993  -4.427  11.692  1.00 19.38  ? 327  TRP A CH2 1 
ATOM   634  N N   A ARG A 1 69  ? 3.219   -2.799  10.468  0.52 18.74  ? 328  ARG A N   1 
ATOM   635  N N   B ARG A 1 69  ? 3.219   -2.794  10.451  0.48 18.73  ? 328  ARG A N   1 
ATOM   636  C CA  A ARG A 1 69  ? 4.625   -2.757  10.066  0.52 19.10  ? 328  ARG A CA  1 
ATOM   637  C CA  B ARG A 1 69  ? 4.624   -2.731  10.058  0.48 19.09  ? 328  ARG A CA  1 
ATOM   638  C C   A ARG A 1 69  ? 4.844   -2.942  8.566   0.52 16.01  ? 328  ARG A C   1 
ATOM   639  C C   B ARG A 1 69  ? 4.849   -2.951  8.564   0.48 16.00  ? 328  ARG A C   1 
ATOM   640  O O   A ARG A 1 69  ? 5.934   -2.690  8.052   0.52 19.18  ? 328  ARG A O   1 
ATOM   641  O O   B ARG A 1 69  ? 5.947   -2.735  8.054   0.48 19.21  ? 328  ARG A O   1 
ATOM   642  C CB  A ARG A 1 69  ? 5.422   -3.834  10.815  0.52 20.48  ? 328  ARG A CB  1 
ATOM   643  C CB  B ARG A 1 69  ? 5.430   -3.768  10.846  0.48 20.53  ? 328  ARG A CB  1 
ATOM   644  C CG  A ARG A 1 69  ? 5.547   -3.619  12.316  0.52 23.82  ? 328  ARG A CG  1 
ATOM   645  C CG  B ARG A 1 69  ? 5.212   -3.718  12.348  0.48 24.53  ? 328  ARG A CG  1 
ATOM   646  C CD  A ARG A 1 69  ? 6.415   -4.704  12.951  0.52 27.30  ? 328  ARG A CD  1 
ATOM   647  C CD  B ARG A 1 69  ? 5.608   -5.037  12.996  0.48 35.41  ? 328  ARG A CD  1 
ATOM   648  N NE  A ARG A 1 69  ? 5.633   -5.851  13.411  0.52 38.73  ? 328  ARG A NE  1 
ATOM   649  N NE  B ARG A 1 69  ? 4.578   -5.523  13.914  0.48 37.02  ? 328  ARG A NE  1 
ATOM   650  C CZ  A ARG A 1 69  ? 5.271   -6.051  14.677  0.52 37.58  ? 328  ARG A CZ  1 
ATOM   651  C CZ  B ARG A 1 69  ? 3.483   -6.179  13.536  0.48 19.43  ? 328  ARG A CZ  1 
ATOM   652  N NH1 A ARG A 1 69  ? 5.625   -5.186  15.614  0.52 44.99  ? 328  ARG A NH1 1 
ATOM   653  N NH1 B ARG A 1 69  ? 3.259   -6.421  12.255  0.48 32.08  ? 328  ARG A NH1 1 
ATOM   654  N NH2 A ARG A 1 69  ? 4.558   -7.119  15.007  0.52 45.04  ? 328  ARG A NH2 1 
ATOM   655  N NH2 B ARG A 1 69  ? 2.604   -6.574  14.441  0.48 32.05  ? 328  ARG A NH2 1 
ATOM   656  N N   . THR A 1 70  ? 3.801   -3.375  7.861   1.00 21.34  ? 329  THR A N   1 
ATOM   657  C CA  . THR A 1 70  ? 3.898   -3.650  6.424   1.00 19.71  ? 329  THR A CA  1 
ATOM   658  C C   . THR A 1 70  ? 2.711   -3.039  5.692   1.00 16.76  ? 329  THR A C   1 
ATOM   659  O O   . THR A 1 70  ? 1.612   -2.979  6.234   1.00 18.60  ? 329  THR A O   1 
ATOM   660  C CB  . THR A 1 70  ? 3.949   -5.180  6.129   1.00 22.52  ? 329  THR A CB  1 
ATOM   661  O OG1 . THR A 1 70  ? 2.843   -5.816  6.771   1.00 23.30  ? 329  THR A OG1 1 
ATOM   662  C CG2 . THR A 1 70  ? 5.248   -5.805  6.650   1.00 24.16  ? 329  THR A CG2 1 
ATOM   663  N N   . MET A 1 71  ? 2.949   -2.575  4.467   1.00 17.13  ? 330  MET A N   1 
ATOM   664  C CA  . MET A 1 71  ? 1.875   -1.974  3.681   1.00 17.38  ? 330  MET A CA  1 
ATOM   665  C C   . MET A 1 71  ? 2.220   -1.965  2.202   1.00 17.11  ? 330  MET A C   1 
ATOM   666  O O   . MET A 1 71  ? 3.363   -2.198  1.807   1.00 17.50  ? 330  MET A O   1 
ATOM   667  C CB  . MET A 1 71  ? 1.576   -0.539  4.157   1.00 20.05  ? 330  MET A CB  1 
ATOM   668  C CG  . MET A 1 71  ? 2.614   0.473   3.715   1.00 19.77  ? 330  MET A CG  1 
ATOM   669  S SD  . MET A 1 71  ? 2.062   2.209   3.839   1.00 19.05  ? 330  MET A SD  1 
ATOM   670  C CE  . MET A 1 71  ? 3.611   3.032   3.564   1.00 19.11  ? 330  MET A CE  1 
ATOM   671  N N   . VAL A 1 72  ? 1.196   -1.697  1.396   1.00 16.01  ? 331  VAL A N   1 
ATOM   672  C CA  . VAL A 1 72  ? 1.333   -1.463  -0.024  1.00 15.91  ? 331  VAL A CA  1 
ATOM   673  C C   . VAL A 1 72  ? 0.795   -0.066  -0.287  1.00 15.96  ? 331  VAL A C   1 
ATOM   674  O O   . VAL A 1 72  ? -0.217  0.344   0.294   1.00 16.96  ? 331  VAL A O   1 
ATOM   675  C CB  . VAL A 1 72  ? 0.555   -2.509  -0.849  1.00 16.34  ? 331  VAL A CB  1 
ATOM   676  C CG1 . VAL A 1 72  ? 0.587   -2.175  -2.339  1.00 18.67  ? 331  VAL A CG1 1 
ATOM   677  C CG2 . VAL A 1 72  ? 1.126   -3.898  -0.615  1.00 19.23  ? 331  VAL A CG2 1 
ATOM   678  N N   . VAL A 1 73  ? 1.496   0.666   -1.143  1.00 15.36  ? 332  VAL A N   1 
ATOM   679  C CA  . VAL A 1 73  ? 1.089   2.004   -1.555  1.00 14.28  ? 332  VAL A CA  1 
ATOM   680  C C   . VAL A 1 73  ? 0.566   1.940   -2.990  1.00 15.58  ? 332  VAL A C   1 
ATOM   681  O O   . VAL A 1 73  ? 1.192   1.345   -3.873  1.00 16.23  ? 332  VAL A O   1 
ATOM   682  C CB  . VAL A 1 73  ? 2.262   3.008   -1.430  1.00 15.17  ? 332  VAL A CB  1 
ATOM   683  C CG1 . VAL A 1 73  ? 1.927   4.319   -2.145  1.00 16.67  ? 332  VAL A CG1 1 
ATOM   684  C CG2 . VAL A 1 73  ? 2.597   3.243   0.044   1.00 15.88  ? 332  VAL A CG2 1 
ATOM   685  N N   . TRP A 1 74  ? -0.602  2.534   -3.218  1.00 15.25  ? 333  TRP A N   1 
ATOM   686  C CA  . TRP A 1 74  ? -1.259  2.453   -4.528  1.00 15.33  ? 333  TRP A CA  1 
ATOM   687  C C   . TRP A 1 74  ? -2.109  3.691   -4.778  1.00 15.26  ? 333  TRP A C   1 
ATOM   688  O O   . TRP A 1 74  ? -2.633  4.273   -3.823  1.00 15.49  ? 333  TRP A O   1 
ATOM   689  C CB  . TRP A 1 74  ? -2.143  1.189   -4.610  1.00 13.95  ? 333  TRP A CB  1 
ATOM   690  C CG  . TRP A 1 74  ? -2.399  0.776   -6.038  1.00 13.93  ? 333  TRP A CG  1 
ATOM   691  C CD1 . TRP A 1 74  ? -3.534  0.991   -6.779  1.00 14.94  ? 333  TRP A CD1 1 
ATOM   692  C CD2 . TRP A 1 74  ? -1.459  0.132   -6.910  1.00 14.71  ? 333  TRP A CD2 1 
ATOM   693  N NE1 . TRP A 1 74  ? -3.348  0.498   -8.052  1.00 14.75  ? 333  TRP A NE1 1 
ATOM   694  C CE2 . TRP A 1 74  ? -2.088  -0.027  -8.158  1.00 15.87  ? 333  TRP A CE2 1 
ATOM   695  C CE3 . TRP A 1 74  ? -0.148  -0.322  -6.749  1.00 17.33  ? 333  TRP A CE3 1 
ATOM   696  C CZ2 . TRP A 1 74  ? -1.447  -0.620  -9.247  1.00 16.43  ? 333  TRP A CZ2 1 
ATOM   697  C CZ3 . TRP A 1 74  ? 0.489   -0.913  -7.835  1.00 17.45  ? 333  TRP A CZ3 1 
ATOM   698  C CH2 . TRP A 1 74  ? -0.158  -1.049  -9.064  1.00 17.28  ? 333  TRP A CH2 1 
ATOM   699  N N   . PRO A 1 75  ? -2.260  4.107   -6.058  1.00 14.02  ? 334  PRO A N   1 
ATOM   700  C CA  . PRO A 1 75  ? -3.181  5.219   -6.342  1.00 15.06  ? 334  PRO A CA  1 
ATOM   701  C C   . PRO A 1 75  ? -4.586  5.022   -5.755  1.00 13.95  ? 334  PRO A C   1 
ATOM   702  O O   . PRO A 1 75  ? -5.159  3.923   -5.841  1.00 15.33  ? 334  PRO A O   1 
ATOM   703  C CB  . PRO A 1 75  ? -3.232  5.254   -7.873  1.00 16.37  ? 334  PRO A CB  1 
ATOM   704  C CG  . PRO A 1 75  ? -1.895  4.744   -8.279  1.00 19.56  ? 334  PRO A CG  1 
ATOM   705  C CD  . PRO A 1 75  ? -1.529  3.684   -7.269  1.00 15.88  ? 334  PRO A CD  1 
ATOM   706  N N   . SER A 1 76  ? -5.148  6.091   -5.199  1.00 15.19  ? 335  SER A N   1 
ATOM   707  C CA  . SER A 1 76  ? -6.468  6.037   -4.574  1.00 17.56  ? 335  SER A CA  1 
ATOM   708  C C   . SER A 1 76  ? -7.601  6.178   -5.571  1.00 21.28  ? 335  SER A C   1 
ATOM   709  O O   . SER A 1 76  ? -8.750  5.859   -5.258  1.00 20.11  ? 335  SER A O   1 
ATOM   710  C CB  . SER A 1 76  ? -6.614  7.149   -3.541  1.00 17.87  ? 335  SER A CB  1 
ATOM   711  O OG  . SER A 1 76  ? -6.509  8.417   -4.182  1.00 19.22  ? 335  SER A OG  1 
ATOM   712  N N   . GLY A 1 77  ? -7.284  6.686   -6.754  1.00 17.52  ? 336  GLY A N   1 
ATOM   713  C CA  . GLY A 1 77  ? -8.305  7.114   -7.693  1.00 19.37  ? 336  GLY A CA  1 
ATOM   714  C C   . GLY A 1 77  ? -8.744  8.554   -7.459  1.00 22.27  ? 336  GLY A C   1 
ATOM   715  O O   . GLY A 1 77  ? -9.610  9.068   -8.180  1.00 27.28  ? 336  GLY A O   1 
ATOM   716  N N   . HIS A 1 78  ? -8.149  9.225   -6.473  1.00 20.24  ? 337  HIS A N   1 
ATOM   717  C CA  . HIS A 1 78  ? -8.525  10.601  -6.167  1.00 23.30  ? 337  HIS A CA  1 
ATOM   718  C C   . HIS A 1 78  ? -7.367  11.588  -6.290  1.00 22.17  ? 337  HIS A C   1 
ATOM   719  O O   . HIS A 1 78  ? -7.460  12.726  -5.813  1.00 26.25  ? 337  HIS A O   1 
ATOM   720  C CB  . HIS A 1 78  ? -9.139  10.669  -4.769  1.00 26.35  ? 337  HIS A CB  1 
ATOM   721  C CG  . HIS A 1 78  ? -10.376 9.845   -4.634  1.00 24.67  ? 337  HIS A CG  1 
ATOM   722  N ND1 . HIS A 1 78  ? -11.642 10.388  -4.690  1.00 32.57  ? 337  HIS A ND1 1 
ATOM   723  C CD2 . HIS A 1 78  ? -10.548 8.510   -4.480  1.00 29.13  ? 337  HIS A CD2 1 
ATOM   724  C CE1 . HIS A 1 78  ? -12.538 9.426   -4.567  1.00 31.70  ? 337  HIS A CE1 1 
ATOM   725  N NE2 . HIS A 1 78  ? -11.900 8.276   -4.443  1.00 31.88  ? 337  HIS A NE2 1 
ATOM   726  N N   . GLY A 1 79  ? -6.289  11.160  -6.946  1.00 20.84  ? 338  GLY A N   1 
ATOM   727  C CA  . GLY A 1 79  ? -5.197  12.059  -7.278  1.00 20.45  ? 338  GLY A CA  1 
ATOM   728  C C   . GLY A 1 79  ? -3.984  11.983  -6.374  1.00 21.12  ? 338  GLY A C   1 
ATOM   729  O O   . GLY A 1 79  ? -3.154  12.897  -6.363  1.00 24.31  ? 338  GLY A O   1 
ATOM   730  N N   . TYR A 1 80  ? -3.882  10.898  -5.610  1.00 18.76  ? 339  TYR A N   1 
ATOM   731  C CA  . TYR A 1 80  ? -2.737  10.676  -4.728  1.00 15.65  ? 339  TYR A CA  1 
ATOM   732  C C   . TYR A 1 80  ? -2.696  9.210   -4.330  1.00 15.43  ? 339  TYR A C   1 
ATOM   733  O O   . TYR A 1 80  ? -3.693  8.493   -4.472  1.00 17.19  ? 339  TYR A O   1 
ATOM   734  C CB  . TYR A 1 80  ? -2.810  11.556  -3.476  1.00 17.79  ? 339  TYR A CB  1 
ATOM   735  C CG  . TYR A 1 80  ? -4.110  11.455  -2.717  1.00 18.06  ? 339  TYR A CG  1 
ATOM   736  C CD1 . TYR A 1 80  ? -4.311  10.455  -1.766  1.00 18.64  ? 339  TYR A CD1 1 
ATOM   737  C CD2 . TYR A 1 80  ? -5.134  12.377  -2.926  1.00 18.31  ? 339  TYR A CD2 1 
ATOM   738  C CE1 . TYR A 1 80  ? -5.488  10.375  -1.063  1.00 20.20  ? 339  TYR A CE1 1 
ATOM   739  C CE2 . TYR A 1 80  ? -6.314  12.302  -2.212  1.00 19.65  ? 339  TYR A CE2 1 
ATOM   740  C CZ  . TYR A 1 80  ? -6.486  11.291  -1.289  1.00 21.10  ? 339  TYR A CZ  1 
ATOM   741  O OH  . TYR A 1 80  ? -7.658  11.204  -0.561  1.00 25.85  ? 339  TYR A OH  1 
ATOM   742  N N   . ASN A 1 81  ? -1.548  8.766   -3.834  1.00 15.48  ? 340  ASN A N   1 
ATOM   743  C CA  . ASN A 1 81  ? -1.380  7.390   -3.385  1.00 13.51  ? 340  ASN A CA  1 
ATOM   744  C C   . ASN A 1 81  ? -1.744  7.213   -1.933  1.00 16.53  ? 340  ASN A C   1 
ATOM   745  O O   . ASN A 1 81  ? -1.373  8.033   -1.073  1.00 16.24  ? 340  ASN A O   1 
ATOM   746  C CB  . ASN A 1 81  ? 0.069   6.947   -3.573  1.00 16.02  ? 340  ASN A CB  1 
ATOM   747  C CG  . ASN A 1 81  ? 0.570   7.161   -4.974  1.00 16.88  ? 340  ASN A CG  1 
ATOM   748  O OD1 . ASN A 1 81  ? -0.136  6.894   -5.948  1.00 17.63  ? 340  ASN A OD1 1 
ATOM   749  N ND2 . ASN A 1 81  ? 1.806   7.651   -5.091  1.00 17.17  ? 340  ASN A ND2 1 
ATOM   750  N N   . ILE A 1 82  ? -2.452  6.129   -1.648  1.00 14.30  ? 341  ILE A N   1 
ATOM   751  C CA  . ILE A 1 82  ? -2.786  5.773   -0.275  1.00 14.93  ? 341  ILE A CA  1 
ATOM   752  C C   . ILE A 1 82  ? -1.926  4.613   0.233   1.00 14.43  ? 341  ILE A C   1 
ATOM   753  O O   . ILE A 1 82  ? -1.357  3.854   -0.550  1.00 14.73  ? 341  ILE A O   1 
ATOM   754  C CB  . ILE A 1 82  ? -4.271  5.422   -0.143  1.00 15.67  ? 341  ILE A CB  1 
ATOM   755  C CG1 . ILE A 1 82  ? -4.673  4.337   -1.145  1.00 14.78  ? 341  ILE A CG1 1 
ATOM   756  C CG2 . ILE A 1 82  ? -5.105  6.698   -0.311  1.00 20.32  ? 341  ILE A CG2 1 
ATOM   757  C CD1 . ILE A 1 82  ? -6.149  3.866   -1.010  1.00 18.53  ? 341  ILE A CD1 1 
ATOM   758  N N   . GLY A 1 83  ? -1.817  4.518   1.552   1.00 14.36  ? 342  GLY A N   1 
ATOM   759  C CA  . GLY A 1 83  ? -1.059  3.462   2.201   1.00 13.59  ? 342  GLY A CA  1 
ATOM   760  C C   . GLY A 1 83  ? -1.985  2.480   2.875   1.00 15.23  ? 342  GLY A C   1 
ATOM   761  O O   . GLY A 1 83  ? -2.786  2.844   3.748   1.00 16.72  ? 342  GLY A O   1 
ATOM   762  N N   . ILE A 1 84  ? -1.868  1.226   2.441   1.00 15.69  ? 343  ILE A N   1 
ATOM   763  C CA  . ILE A 1 84  ? -2.795  0.162   2.805   1.00 14.28  ? 343  ILE A CA  1 
ATOM   764  C C   . ILE A 1 84  ? -2.066  -0.864  3.661   1.00 16.00  ? 343  ILE A C   1 
ATOM   765  O O   . ILE A 1 84  ? -1.237  -1.602  3.150   1.00 16.89  ? 343  ILE A O   1 
ATOM   766  C CB  . ILE A 1 84  ? -3.362  -0.501  1.531   1.00 14.73  ? 343  ILE A CB  1 
ATOM   767  C CG1 . ILE A 1 84  ? -4.070  0.548   0.666   1.00 16.13  ? 343  ILE A CG1 1 
ATOM   768  C CG2 . ILE A 1 84  ? -4.346  -1.616  1.899   1.00 17.14  ? 343  ILE A CG2 1 
ATOM   769  C CD1 . ILE A 1 84  ? -4.335  0.076   -0.751  1.00 17.89  ? 343  ILE A CD1 1 
ATOM   770  N N   . PRO A 1 85  ? -2.340  -0.883  4.974   1.00 15.92  ? 344  PRO A N   1 
ATOM   771  C CA  . PRO A 1 85  ? -1.582  -1.825  5.805   1.00 16.87  ? 344  PRO A CA  1 
ATOM   772  C C   . PRO A 1 85  ? -2.000  -3.262  5.556   1.00 17.49  ? 344  PRO A C   1 
ATOM   773  O O   . PRO A 1 85  ? -3.121  -3.520  5.116   1.00 18.43  ? 344  PRO A O   1 
ATOM   774  C CB  . PRO A 1 85  ? -1.911  -1.385  7.236   1.00 21.05  ? 344  PRO A CB  1 
ATOM   775  C CG  . PRO A 1 85  ? -3.203  -0.682  7.143   1.00 20.53  ? 344  PRO A CG  1 
ATOM   776  C CD  . PRO A 1 85  ? -3.240  -0.027  5.767   1.00 16.32  ? 344  PRO A CD  1 
ATOM   777  N N   . THR A 1 86  ? -1.079  -4.180  5.818   1.00 17.88  ? 345  THR A N   1 
ATOM   778  C CA  . THR A 1 86  ? -1.370  -5.612  5.736   1.00 20.97  ? 345  THR A CA  1 
ATOM   779  C C   . THR A 1 86  ? -0.981  -6.263  7.053   1.00 19.84  ? 345  THR A C   1 
ATOM   780  O O   . THR A 1 86  ? -0.269  -5.667  7.859   1.00 20.72  ? 345  THR A O   1 
ATOM   781  C CB  . THR A 1 86  ? -0.611  -6.301  4.601   1.00 20.61  ? 345  THR A CB  1 
ATOM   782  O OG1 . THR A 1 86  ? 0.797   -6.129  4.810   1.00 22.32  ? 345  THR A OG1 1 
ATOM   783  C CG2 . THR A 1 86  ? -1.003  -5.703  3.232   1.00 18.03  ? 345  THR A CG2 1 
ATOM   784  N N   . TYR A 1 87  ? -1.427  -7.496  7.268   1.00 18.06  ? 346  TYR A N   1 
ATOM   785  C CA  . TYR A 1 87  ? -1.098  -8.200  8.506   1.00 18.06  ? 346  TYR A CA  1 
ATOM   786  C C   . TYR A 1 87  ? 0.389   -8.514  8.626   1.00 24.79  ? 346  TYR A C   1 
ATOM   787  O O   . TYR A 1 87  ? 0.934   -8.565  9.732   1.00 22.18  ? 346  TYR A O   1 
ATOM   788  C CB  . TYR A 1 87  ? -1.882  -9.503  8.590   1.00 19.56  ? 346  TYR A CB  1 
ATOM   789  C CG  . TYR A 1 87  ? -3.312  -9.387  9.041   1.00 16.54  ? 346  TYR A CG  1 
ATOM   790  C CD1 . TYR A 1 87  ? -3.646  -8.854  10.285  1.00 18.71  ? 346  TYR A CD1 1 
ATOM   791  C CD2 . TYR A 1 87  ? -4.348  -9.887  8.243   1.00 20.98  ? 346  TYR A CD2 1 
ATOM   792  C CE1 . TYR A 1 87  ? -4.974  -8.783  10.699  1.00 17.36  ? 346  TYR A CE1 1 
ATOM   793  C CE2 . TYR A 1 87  ? -5.656  -9.831  8.642   1.00 19.44  ? 346  TYR A CE2 1 
ATOM   794  C CZ  . TYR A 1 87  ? -5.982  -9.290  9.876   1.00 22.75  ? 346  TYR A CZ  1 
ATOM   795  O OH  . TYR A 1 87  ? -7.303  -9.227  10.278  1.00 24.36  ? 346  TYR A OH  1 
ATOM   796  N N   . ASN A 1 88  ? 1.040   -8.758  7.495   1.00 19.69  ? 347  ASN A N   1 
ATOM   797  C CA  . ASN A 1 88  ? 2.441   -9.165  7.470   1.00 20.69  ? 347  ASN A CA  1 
ATOM   798  C C   . ASN A 1 88  ? 3.049   -8.992  6.081   1.00 19.91  ? 347  ASN A C   1 
ATOM   799  O O   . ASN A 1 88  ? 2.348   -8.622  5.117   1.00 19.00  ? 347  ASN A O   1 
ATOM   800  C CB  . ASN A 1 88  ? 2.575   -10.626 7.925   1.00 22.50  ? 347  ASN A CB  1 
ATOM   801  C CG  . ASN A 1 88  ? 1.751   -11.559 7.081   1.00 26.74  ? 347  ASN A CG  1 
ATOM   802  O OD1 . ASN A 1 88  ? 1.865   -11.547 5.859   1.00 24.88  ? 347  ASN A OD1 1 
ATOM   803  N ND2 . ASN A 1 88  ? 0.896   -12.350 7.717   1.00 28.14  ? 347  ASN A ND2 1 
ATOM   804  N N   . ALA A 1 89  ? 4.337   -9.284  5.958   1.00 21.82  ? 348  ALA A N   1 
ATOM   805  C CA  . ALA A 1 89  ? 5.067   -9.069  4.719   1.00 22.80  ? 348  ALA A CA  1 
ATOM   806  C C   . ALA A 1 89  ? 4.591   -9.983  3.612   1.00 24.42  ? 348  ALA A C   1 
ATOM   807  O O   . ALA A 1 89  ? 4.649   -9.626  2.431   1.00 23.23  ? 348  ALA A O   1 
ATOM   808  C CB  . ALA A 1 89  ? 6.563   -9.264  4.945   1.00 23.49  ? 348  ALA A CB  1 
ATOM   809  N N   . GLU A 1 90  ? 4.117   -11.162 3.991   1.00 25.26  ? 349  GLU A N   1 
ATOM   810  C CA  . GLU A 1 90  ? 3.683   -12.125 2.996   1.00 31.24  ? 349  GLU A CA  1 
ATOM   811  C C   . GLU A 1 90  ? 2.443   -11.607 2.288   1.00 25.13  ? 349  GLU A C   1 
ATOM   812  O O   . GLU A 1 90  ? 2.324   -11.698 1.059   1.00 23.58  ? 349  GLU A O   1 
ATOM   813  C CB  . GLU A 1 90  ? 3.415   -13.489 3.628   1.00 27.48  ? 349  GLU A CB  1 
ATOM   814  C CG  . GLU A 1 90  ? 3.036   -14.539 2.598   1.00 38.41  ? 349  GLU A CG  1 
ATOM   815  C CD  . GLU A 1 90  ? 4.061   -14.640 1.473   1.00 62.02  ? 349  GLU A CD  1 
ATOM   816  O OE1 . GLU A 1 90  ? 5.274   -14.704 1.774   1.00 62.13  ? 349  GLU A OE1 1 
ATOM   817  O OE2 . GLU A 1 90  ? 3.654   -14.643 0.290   1.00 54.32  ? 349  GLU A OE2 1 
ATOM   818  N N   A ARG A 1 91  ? 1.515   -11.062 3.065   0.57 22.35  ? 350  ARG A N   1 
ATOM   819  N N   B ARG A 1 91  ? 1.520   -11.034 3.052   0.43 22.39  ? 350  ARG A N   1 
ATOM   820  C CA  A ARG A 1 91  ? 0.304   -10.491 2.498   0.57 21.77  ? 350  ARG A CA  1 
ATOM   821  C CA  B ARG A 1 91  ? 0.298   -10.506 2.461   0.43 21.81  ? 350  ARG A CA  1 
ATOM   822  C C   A ARG A 1 91  ? 0.642   -9.265  1.659   0.57 23.41  ? 350  ARG A C   1 
ATOM   823  C C   B ARG A 1 91  ? 0.550   -9.197  1.720   0.43 23.25  ? 350  ARG A C   1 
ATOM   824  O O   A ARG A 1 91  ? 0.096   -9.074  0.576   0.57 17.92  ? 350  ARG A O   1 
ATOM   825  O O   B ARG A 1 91  ? -0.162  -8.884  0.762   0.43 19.99  ? 350  ARG A O   1 
ATOM   826  C CB  A ARG A 1 91  ? -0.689  -10.119 3.595   0.57 22.36  ? 350  ARG A CB  1 
ATOM   827  C CB  B ARG A 1 91  ? -0.776  -10.312 3.524   0.43 22.19  ? 350  ARG A CB  1 
ATOM   828  C CG  A ARG A 1 91  ? -1.153  -11.293 4.451   0.57 29.71  ? 350  ARG A CG  1 
ATOM   829  C CG  B ARG A 1 91  ? -1.170  -11.603 4.225   0.43 26.79  ? 350  ARG A CG  1 
ATOM   830  C CD  A ARG A 1 91  ? -2.141  -12.173 3.710   0.57 31.57  ? 350  ARG A CD  1 
ATOM   831  C CD  B ARG A 1 91  ? -1.486  -12.701 3.220   0.43 29.02  ? 350  ARG A CD  1 
ATOM   832  N NE  A ARG A 1 91  ? -2.973  -12.935 4.637   0.57 35.29  ? 350  ARG A NE  1 
ATOM   833  N NE  B ARG A 1 91  ? -2.019  -13.889 3.879   0.43 23.16  ? 350  ARG A NE  1 
ATOM   834  C CZ  A ARG A 1 91  ? -4.126  -12.491 5.128   0.57 36.61  ? 350  ARG A CZ  1 
ATOM   835  C CZ  B ARG A 1 91  ? -2.436  -14.979 3.244   0.43 29.76  ? 350  ARG A CZ  1 
ATOM   836  N NH1 A ARG A 1 91  ? -4.574  -11.294 4.775   0.57 22.84  ? 350  ARG A NH1 1 
ATOM   837  N NH1 B ARG A 1 91  ? -2.391  -15.042 1.920   0.43 22.66  ? 350  ARG A NH1 1 
ATOM   838  N NH2 A ARG A 1 91  ? -4.826  -13.240 5.971   0.57 31.54  ? 350  ARG A NH2 1 
ATOM   839  N NH2 B ARG A 1 91  ? -2.905  -16.006 3.936   0.43 28.08  ? 350  ARG A NH2 1 
ATOM   840  N N   . ALA A 1 92  ? 1.557   -8.436  2.147   1.00 21.09  ? 351  ALA A N   1 
ATOM   841  C CA  . ALA A 1 92  ? 1.947   -7.244  1.404   1.00 20.21  ? 351  ALA A CA  1 
ATOM   842  C C   . ALA A 1 92  ? 2.529   -7.633  0.050   1.00 24.06  ? 351  ALA A C   1 
ATOM   843  O O   . ALA A 1 92  ? 2.217   -7.011  -0.964  1.00 20.04  ? 351  ALA A O   1 
ATOM   844  C CB  . ALA A 1 92  ? 2.940   -6.387  2.201   1.00 19.03  ? 351  ALA A CB  1 
ATOM   845  N N   A ARG A 1 93  ? 3.355   -8.676  0.033   0.34 21.85  ? 352  ARG A N   1 
ATOM   846  N N   B ARG A 1 93  ? 3.382   -8.652  -0.004  0.27 21.88  ? 352  ARG A N   1 
ATOM   847  N N   C ARG A 1 93  ? 3.357   -8.674  0.043   0.38 21.84  ? 352  ARG A N   1 
ATOM   848  C CA  A ARG A 1 93  ? 3.953   -9.130  -1.217  0.34 21.65  ? 352  ARG A CA  1 
ATOM   849  C CA  B ARG A 1 93  ? 3.971   -8.994  -1.300  0.27 21.44  ? 352  ARG A CA  1 
ATOM   850  C CA  C ARG A 1 93  ? 3.966   -9.160  -1.189  0.38 21.68  ? 352  ARG A CA  1 
ATOM   851  C C   A ARG A 1 93  ? 2.879   -9.647  -2.170  0.34 21.78  ? 352  ARG A C   1 
ATOM   852  C C   B ARG A 1 93  ? 2.918   -9.593  -2.242  0.27 21.90  ? 352  ARG A C   1 
ATOM   853  C C   C ARG A 1 93  ? 2.918   -9.724  -2.149  0.38 21.69  ? 352  ARG A C   1 
ATOM   854  O O   A ARG A 1 93  ? 2.912   -9.349  -3.367  0.34 21.42  ? 352  ARG A O   1 
ATOM   855  O O   B ARG A 1 93  ? 2.984   -9.391  -3.456  0.27 21.49  ? 352  ARG A O   1 
ATOM   856  O O   C ARG A 1 93  ? 2.759   -9.235  -3.271  0.38 21.07  ? 352  ARG A O   1 
ATOM   857  C CB  A ARG A 1 93  ? 5.000   -10.216 -0.962  0.34 25.28  ? 352  ARG A CB  1 
ATOM   858  C CB  B ARG A 1 93  ? 5.166   -9.946  -1.141  0.27 25.36  ? 352  ARG A CB  1 
ATOM   859  C CB  C ARG A 1 93  ? 5.020   -10.224 -0.874  0.38 25.22  ? 352  ARG A CB  1 
ATOM   860  C CG  A ARG A 1 93  ? 5.856   -10.523 -2.185  0.34 24.03  ? 352  ARG A CG  1 
ATOM   861  C CG  B ARG A 1 93  ? 4.868   -11.239 -0.416  0.27 29.25  ? 352  ARG A CG  1 
ATOM   862  C CG  C ARG A 1 93  ? 5.560   -10.946 -2.097  0.38 26.28  ? 352  ARG A CG  1 
ATOM   863  C CD  A ARG A 1 93  ? 6.868   -11.624 -1.897  0.34 28.98  ? 352  ARG A CD  1 
ATOM   864  C CD  B ARG A 1 93  ? 6.017   -12.231 -0.531  0.27 31.54  ? 352  ARG A CD  1 
ATOM   865  C CD  C ARG A 1 93  ? 6.655   -11.945 -1.716  0.38 27.40  ? 352  ARG A CD  1 
ATOM   866  N NE  A ARG A 1 93  ? 7.716   -11.312 -0.748  0.34 30.92  ? 352  ARG A NE  1 
ATOM   867  N NE  B ARG A 1 93  ? 5.973   -12.986 -1.781  0.27 28.51  ? 352  ARG A NE  1 
ATOM   868  N NE  C ARG A 1 93  ? 7.960   -11.305 -1.541  0.38 33.11  ? 352  ARG A NE  1 
ATOM   869  C CZ  A ARG A 1 93  ? 8.865   -10.647 -0.820  0.34 29.60  ? 352  ARG A CZ  1 
ATOM   870  C CZ  B ARG A 1 93  ? 6.680   -12.685 -2.865  0.27 32.76  ? 352  ARG A CZ  1 
ATOM   871  C CZ  C ARG A 1 93  ? 8.484   -10.953 -0.370  0.38 29.20  ? 352  ARG A CZ  1 
ATOM   872  N NH1 A ARG A 1 93  ? 9.311   -10.210 -1.989  0.34 27.04  ? 352  ARG A NH1 1 
ATOM   873  N NH1 B ARG A 1 93  ? 7.494   -11.638 -2.863  0.27 34.26  ? 352  ARG A NH1 1 
ATOM   874  N NH1 C ARG A 1 93  ? 7.822   -11.177 0.760   0.38 34.51  ? 352  ARG A NH1 1 
ATOM   875  N NH2 A ARG A 1 93  ? 9.566   -10.413 0.280   0.34 36.18  ? 352  ARG A NH2 1 
ATOM   876  N NH2 B ARG A 1 93  ? 6.574   -13.435 -3.955  0.27 37.11  ? 352  ARG A NH2 1 
ATOM   877  N NH2 C ARG A 1 93  ? 9.679   -10.377 -0.327  0.38 33.04  ? 352  ARG A NH2 1 
ATOM   878  N N   A GLN A 1 94  ? 1.931   -10.414 -1.632  0.46 21.02  ? 353  GLN A N   1 
ATOM   879  N N   B GLN A 1 94  ? 1.939   -10.296 -1.677  0.54 20.84  ? 353  GLN A N   1 
ATOM   880  C CA  A GLN A 1 94  ? 0.793   -10.892 -2.417  0.46 20.86  ? 353  GLN A CA  1 
ATOM   881  C CA  B GLN A 1 94  ? 0.836   -10.871 -2.458  0.54 20.95  ? 353  GLN A CA  1 
ATOM   882  C C   A GLN A 1 94  ? 0.058   -9.718  -3.049  0.46 21.04  ? 353  GLN A C   1 
ATOM   883  C C   B GLN A 1 94  ? -0.110  -9.797  -2.992  0.54 21.09  ? 353  GLN A C   1 
ATOM   884  O O   A GLN A 1 94  ? -0.188  -9.705  -4.254  0.46 15.58  ? 353  GLN A O   1 
ATOM   885  O O   B GLN A 1 94  ? -0.694  -9.941  -4.065  0.54 22.97  ? 353  GLN A O   1 
ATOM   886  C CB  A GLN A 1 94  ? -0.178  -11.701 -1.554  0.46 24.01  ? 353  GLN A CB  1 
ATOM   887  C CB  B GLN A 1 94  ? 0.047   -11.869 -1.618  0.54 24.16  ? 353  GLN A CB  1 
ATOM   888  C CG  A GLN A 1 94  ? 0.255   -13.124 -1.250  0.46 29.66  ? 353  GLN A CG  1 
ATOM   889  C CG  B GLN A 1 94  ? 0.787   -13.153 -1.311  0.54 28.13  ? 353  GLN A CG  1 
ATOM   890  C CD  A GLN A 1 94  ? -0.799  -13.887 -0.470  0.46 28.76  ? 353  GLN A CD  1 
ATOM   891  C CD  B GLN A 1 94  ? 0.053   -14.002 -0.296  0.54 30.26  ? 353  GLN A CD  1 
ATOM   892  O OE1 A GLN A 1 94  ? -0.744  -13.959 0.758   0.46 30.85  ? 353  GLN A OE1 1 
ATOM   893  O OE1 B GLN A 1 94  ? -1.149  -13.832 -0.075  0.54 28.54  ? 353  GLN A OE1 1 
ATOM   894  N NE2 A GLN A 1 94  ? -1.771  -14.455 -1.180  0.46 38.54  ? 353  GLN A NE2 1 
ATOM   895  N NE2 B GLN A 1 94  ? 0.773   -14.924 0.332   0.54 40.01  ? 353  GLN A NE2 1 
ATOM   896  N N   . LEU A 1 95  ? -0.274  -8.724  -2.231  1.00 18.58  ? 354  LEU A N   1 
ATOM   897  C CA  . LEU A 1 95  ? -1.085  -7.605  -2.692  1.00 17.82  ? 354  LEU A CA  1 
ATOM   898  C C   . LEU A 1 95  ? -0.327  -6.815  -3.755  1.00 18.36  ? 354  LEU A C   1 
ATOM   899  O O   . LEU A 1 95  ? -0.909  -6.427  -4.779  1.00 17.88  ? 354  LEU A O   1 
ATOM   900  C CB  . LEU A 1 95  ? -1.488  -6.715  -1.509  1.00 17.47  ? 354  LEU A CB  1 
ATOM   901  C CG  . LEU A 1 95  ? -2.307  -5.456  -1.829  1.00 16.53  ? 354  LEU A CG  1 
ATOM   902  C CD1 . LEU A 1 95  ? -3.579  -5.803  -2.613  1.00 20.12  ? 354  LEU A CD1 1 
ATOM   903  C CD2 . LEU A 1 95  ? -2.647  -4.723  -0.528  1.00 19.16  ? 354  LEU A CD2 1 
ATOM   904  N N   . ALA A 1 96  ? 0.971   -6.600  -3.551  1.00 18.57  ? 355  ALA A N   1 
ATOM   905  C CA  . ALA A 1 96  ? 1.793   -5.904  -4.540  1.00 18.35  ? 355  ALA A CA  1 
ATOM   906  C C   . ALA A 1 96  ? 1.867   -6.710  -5.840  1.00 18.25  ? 355  ALA A C   1 
ATOM   907  O O   . ALA A 1 96  ? 1.882   -6.142  -6.933  1.00 19.60  ? 355  ALA A O   1 
ATOM   908  C CB  . ALA A 1 96  ? 3.202   -5.637  -4.003  1.00 18.31  ? 355  ALA A CB  1 
ATOM   909  N N   . GLN A 1 97  ? 1.955   -8.030  -5.708  1.00 20.48  ? 356  GLN A N   1 
ATOM   910  C CA  . GLN A 1 97  ? 1.954   -8.920  -6.869  1.00 20.72  ? 356  GLN A CA  1 
ATOM   911  C C   . GLN A 1 97  ? 0.679   -8.734  -7.670  1.00 19.03  ? 356  GLN A C   1 
ATOM   912  O O   . GLN A 1 97  ? 0.704   -8.661  -8.904  1.00 21.35  ? 356  GLN A O   1 
ATOM   913  C CB  . GLN A 1 97  ? 2.080   -10.383 -6.434  1.00 23.55  ? 356  GLN A CB  1 
ATOM   914  C CG  . GLN A 1 97  ? 3.514   -10.837 -6.215  1.00 28.81  ? 356  GLN A CG  1 
ATOM   915  C CD  . GLN A 1 97  ? 3.613   -12.177 -5.509  1.00 37.18  ? 356  GLN A CD  1 
ATOM   916  O OE1 . GLN A 1 97  ? 4.713   -12.667 -5.244  1.00 42.77  ? 356  GLN A OE1 1 
ATOM   917  N NE2 . GLN A 1 97  ? 2.466   -12.773 -5.195  1.00 30.25  ? 356  GLN A NE2 1 
ATOM   918  N N   . HIS A 1 98  ? -0.442  -8.649  -6.963  1.00 17.99  ? 357  HIS A N   1 
ATOM   919  C CA  . HIS A 1 98  ? -1.735  -8.515  -7.624  1.00 18.39  ? 357  HIS A CA  1 
ATOM   920  C C   . HIS A 1 98  ? -1.822  -7.189  -8.362  1.00 18.46  ? 357  HIS A C   1 
ATOM   921  O O   . HIS A 1 98  ? -2.221  -7.137  -9.524  1.00 18.99  ? 357  HIS A O   1 
ATOM   922  C CB  . HIS A 1 98  ? -2.877  -8.632  -6.616  1.00 19.55  ? 357  HIS A CB  1 
ATOM   923  C CG  . HIS A 1 98  ? -4.232  -8.473  -7.230  1.00 20.79  ? 357  HIS A CG  1 
ATOM   924  N ND1 . HIS A 1 98  ? -4.835  -9.476  -7.957  1.00 33.37  ? 357  HIS A ND1 1 
ATOM   925  C CD2 . HIS A 1 98  ? -5.073  -7.412  -7.276  1.00 23.32  ? 357  HIS A CD2 1 
ATOM   926  C CE1 . HIS A 1 98  ? -6.004  -9.049  -8.401  1.00 27.87  ? 357  HIS A CE1 1 
ATOM   927  N NE2 . HIS A 1 98  ? -6.169  -7.800  -8.009  1.00 27.47  ? 357  HIS A NE2 1 
ATOM   928  N N   . LEU A 1 99  ? -1.437  -6.111  -7.690  1.00 16.60  ? 358  LEU A N   1 
ATOM   929  C CA  . LEU A 1 99  ? -1.610  -4.780  -8.254  1.00 17.92  ? 358  LEU A CA  1 
ATOM   930  C C   . LEU A 1 99  ? -0.572  -4.460  -9.331  1.00 16.72  ? 358  LEU A C   1 
ATOM   931  O O   . LEU A 1 99  ? -0.933  -3.995  -10.428 1.00 16.58  ? 358  LEU A O   1 
ATOM   932  C CB  . LEU A 1 99  ? -1.580  -3.730  -7.139  1.00 16.53  ? 358  LEU A CB  1 
ATOM   933  C CG  . LEU A 1 99  ? -2.725  -3.861  -6.130  1.00 16.26  ? 358  LEU A CG  1 
ATOM   934  C CD1 . LEU A 1 99  ? -2.453  -3.015  -4.902  1.00 17.72  ? 358  LEU A CD1 1 
ATOM   935  C CD2 . LEU A 1 99  ? -4.061  -3.468  -6.761  1.00 20.36  ? 358  LEU A CD2 1 
ATOM   936  N N   . TYR A 1 100 ? 0.709   -4.681  -9.040  1.00 17.56  ? 359  TYR A N   1 
ATOM   937  C CA  . TYR A 1 100 ? 1.717   -4.442  -10.072 1.00 19.41  ? 359  TYR A CA  1 
ATOM   938  C C   . TYR A 1 100 ? 1.557   -5.453  -11.215 1.00 20.01  ? 359  TYR A C   1 
ATOM   939  O O   . TYR A 1 100 ? 2.040   -5.210  -12.323 1.00 22.12  ? 359  TYR A O   1 
ATOM   940  C CB  . TYR A 1 100 ? 3.135   -4.479  -9.489  1.00 17.47  ? 359  TYR A CB  1 
ATOM   941  C CG  . TYR A 1 100 ? 3.517   -3.202  -8.769  1.00 18.67  ? 359  TYR A CG  1 
ATOM   942  C CD1 . TYR A 1 100 ? 3.751   -2.032  -9.477  1.00 19.55  ? 359  TYR A CD1 1 
ATOM   943  C CD2 . TYR A 1 100 ? 3.653   -3.175  -7.380  1.00 18.06  ? 359  TYR A CD2 1 
ATOM   944  C CE1 . TYR A 1 100 ? 4.111   -0.848  -8.828  1.00 17.10  ? 359  TYR A CE1 1 
ATOM   945  C CE2 . TYR A 1 100 ? 4.013   -1.995  -6.721  1.00 17.06  ? 359  TYR A CE2 1 
ATOM   946  C CZ  . TYR A 1 100 ? 4.236   -0.847  -7.449  1.00 17.28  ? 359  TYR A CZ  1 
ATOM   947  O OH  . TYR A 1 100 ? 4.593   0.301   -6.781  1.00 19.04  ? 359  TYR A OH  1 
ATOM   948  N N   . GLY A 1 101 ? 0.835   -6.546  -10.948 1.00 17.26  ? 360  GLY A N   1 
ATOM   949  C CA  . GLY A 1 101 ? 0.522   -7.543  -11.962 1.00 20.63  ? 360  GLY A CA  1 
ATOM   950  C C   . GLY A 1 101 ? -0.632  -7.163  -12.877 1.00 25.70  ? 360  GLY A C   1 
ATOM   951  O O   . GLY A 1 101 ? -0.951  -7.903  -13.810 1.00 23.59  ? 360  GLY A O   1 
ATOM   952  N N   . GLY A 1 102 ? -1.263  -6.018  -12.617 1.00 18.75  ? 361  GLY A N   1 
ATOM   953  C CA  . GLY A 1 102 ? -2.342  -5.525  -13.459 1.00 17.61  ? 361  GLY A CA  1 
ATOM   954  C C   . GLY A 1 102 ? -3.703  -5.439  -12.786 1.00 18.10  ? 361  GLY A C   1 
ATOM   955  O O   . GLY A 1 102 ? -4.686  -5.022  -13.406 1.00 19.89  ? 361  GLY A O   1 
ATOM   956  N N   . GLY A 1 103 ? -3.768  -5.831  -11.519 1.00 16.42  ? 362  GLY A N   1 
ATOM   957  C CA  . GLY A 1 103 ? -5.022  -5.825  -10.789 1.00 17.70  ? 362  GLY A CA  1 
ATOM   958  C C   . GLY A 1 103 ? -5.497  -4.468  -10.291 1.00 17.82  ? 362  GLY A C   1 
ATOM   959  O O   . GLY A 1 103 ? -4.821  -3.454  -10.456 1.00 19.06  ? 362  GLY A O   1 
ATOM   960  N N   A SER A 1 104 ? -6.674  -4.449  -9.684  0.34 18.55  ? 363  SER A N   1 
ATOM   961  N N   B SER A 1 104 ? -6.664  -4.467  -9.663  0.44 18.54  ? 363  SER A N   1 
ATOM   962  N N   C SER A 1 104 ? -6.679  -4.454  -9.688  0.22 18.58  ? 363  SER A N   1 
ATOM   963  C CA  A SER A 1 104 ? -7.231  -3.215  -9.142  0.34 17.83  ? 363  SER A CA  1 
ATOM   964  C CA  B SER A 1 104 ? -7.297  -3.252  -9.161  0.44 17.83  ? 363  SER A CA  1 
ATOM   965  C CA  C SER A 1 104 ? -7.258  -3.227  -9.152  0.22 17.86  ? 363  SER A CA  1 
ATOM   966  C C   A SER A 1 104 ? -7.626  -3.390  -7.685  0.34 17.89  ? 363  SER A C   1 
ATOM   967  C C   B SER A 1 104 ? -7.678  -3.393  -7.692  0.44 17.90  ? 363  SER A C   1 
ATOM   968  C C   C SER A 1 104 ? -7.619  -3.393  -7.682  0.22 17.93  ? 363  SER A C   1 
ATOM   969  O O   A SER A 1 104 ? -7.851  -4.510  -7.224  0.34 19.11  ? 363  SER A O   1 
ATOM   970  O O   B SER A 1 104 ? -7.940  -4.502  -7.224  0.44 19.06  ? 363  SER A O   1 
ATOM   971  O O   C SER A 1 104 ? -7.811  -4.513  -7.205  0.22 19.14  ? 363  SER A O   1 
ATOM   972  C CB  A SER A 1 104 ? -8.447  -2.766  -9.954  0.34 21.09  ? 363  SER A CB  1 
ATOM   973  C CB  B SER A 1 104 ? -8.539  -2.927  -9.996  0.44 21.12  ? 363  SER A CB  1 
ATOM   974  C CB  C SER A 1 104 ? -8.503  -2.822  -9.946  0.22 21.09  ? 363  SER A CB  1 
ATOM   975  O OG  A SER A 1 104 ? -9.536  -3.655  -9.776  0.34 25.49  ? 363  SER A OG  1 
ATOM   976  O OG  B SER A 1 104 ? -9.434  -2.082  -9.297  0.44 18.47  ? 363  SER A OG  1 
ATOM   977  O OG  C SER A 1 104 ? -8.192  -2.555  -11.302 0.22 22.57  ? 363  SER A OG  1 
ATOM   978  N N   . LEU A 1 105 ? -7.724  -2.274  -6.973  1.00 18.92  ? 364  LEU A N   1 
ATOM   979  C CA  . LEU A 1 105 ? -8.123  -2.285  -5.566  1.00 17.94  ? 364  LEU A CA  1 
ATOM   980  C C   . LEU A 1 105 ? -9.553  -2.787  -5.364  1.00 19.65  ? 364  LEU A C   1 
ATOM   981  O O   . LEU A 1 105 ? -9.915  -3.194  -4.249  1.00 19.03  ? 364  LEU A O   1 
ATOM   982  C CB  . LEU A 1 105 ? -7.999  -0.886  -4.958  1.00 18.35  ? 364  LEU A CB  1 
ATOM   983  C CG  . LEU A 1 105 ? -6.584  -0.313  -4.849  1.00 17.38  ? 364  LEU A CG  1 
ATOM   984  C CD1 . LEU A 1 105 ? -6.633  1.119   -4.312  1.00 20.23  ? 364  LEU A CD1 1 
ATOM   985  C CD2 . LEU A 1 105 ? -5.699  -1.205  -3.982  1.00 17.49  ? 364  LEU A CD2 1 
ATOM   986  N N   . THR A 1 106 ? -10.368 -2.766  -6.420  1.00 17.89  ? 365  THR A N   1 
ATOM   987  C CA  . THR A 1 106 ? -11.757 -3.224  -6.297  1.00 18.14  ? 365  THR A CA  1 
ATOM   988  C C   . THR A 1 106 ? -11.922 -4.711  -6.616  1.00 20.24  ? 365  THR A C   1 
ATOM   989  O O   . THR A 1 106 ? -13.033 -5.254  -6.500  1.00 21.91  ? 365  THR A O   1 
ATOM   990  C CB  . THR A 1 106 ? -12.694 -2.416  -7.201  1.00 21.51  ? 365  THR A CB  1 
ATOM   991  O OG1 . THR A 1 106 ? -12.232 -2.491  -8.552  1.00 24.76  ? 365  THR A OG1 1 
ATOM   992  C CG2 . THR A 1 106 ? -12.735 -0.959  -6.758  1.00 22.84  ? 365  THR A CG2 1 
ATOM   993  N N   . ASP A 1 107 ? -10.836 -5.368  -7.015  1.00 17.01  ? 366  ASP A N   1 
ATOM   994  C CA  . ASP A 1 107 ? -10.860 -6.815  -7.266  1.00 17.64  ? 366  ASP A CA  1 
ATOM   995  C C   . ASP A 1 107 ? -11.089 -7.564  -5.958  1.00 19.86  ? 366  ASP A C   1 
ATOM   996  O O   . ASP A 1 107 ? -10.557 -7.160  -4.911  1.00 19.23  ? 366  ASP A O   1 
ATOM   997  C CB  . ASP A 1 107 ? -9.548  -7.308  -7.867  1.00 19.19  ? 366  ASP A CB  1 
ATOM   998  C CG  . ASP A 1 107 ? -9.328  -6.842  -9.292  1.00 20.51  ? 366  ASP A CG  1 
ATOM   999  O OD1 . ASP A 1 107 ? -10.307 -6.447  -9.956  1.00 25.15  ? 366  ASP A OD1 1 
ATOM   1000 O OD2 . ASP A 1 107 ? -8.158  -6.910  -9.737  1.00 20.02  ? 366  ASP A OD2 1 
ATOM   1001 N N   . GLU A 1 108 ? -11.832 -8.665  -6.003  1.00 19.70  ? 367  GLU A N   1 
ATOM   1002 C CA  . GLU A 1 108 ? -12.014 -9.475  -4.804  1.00 23.02  ? 367  GLU A CA  1 
ATOM   1003 C C   . GLU A 1 108 ? -10.673 -9.981  -4.263  1.00 21.25  ? 367  GLU A C   1 
ATOM   1004 O O   . GLU A 1 108 ? -10.484 -10.022 -3.040  1.00 21.60  ? 367  GLU A O   1 
ATOM   1005 C CB  . GLU A 1 108 ? -12.957 -10.653 -5.067  1.00 25.07  ? 367  GLU A CB  1 
ATOM   1006 C CG  . GLU A 1 108 ? -14.366 -10.234 -5.460  1.00 30.71  ? 367  GLU A CG  1 
ATOM   1007 C CD  . GLU A 1 108 ? -15.030 -9.338  -4.427  1.00 31.68  ? 367  GLU A CD  1 
ATOM   1008 O OE1 . GLU A 1 108 ? -14.760 -9.501  -3.217  1.00 31.70  ? 367  GLU A OE1 1 
ATOM   1009 O OE2 . GLU A 1 108 ? -15.831 -8.464  -4.824  1.00 40.95  ? 367  GLU A OE2 1 
ATOM   1010 N N   . LYS A 1 109 ? -9.735  -10.336 -5.145  1.00 18.67  ? 368  LYS A N   1 
ATOM   1011 C CA  . LYS A 1 109 ? -8.414  -10.813 -4.716  1.00 20.70  ? 368  LYS A CA  1 
ATOM   1012 C C   . LYS A 1 109 ? -7.655  -9.760  -3.912  1.00 21.05  ? 368  LYS A C   1 
ATOM   1013 O O   . LYS A 1 109 ? -6.919  -10.085 -2.967  1.00 22.48  ? 368  LYS A O   1 
ATOM   1014 C CB  . LYS A 1 109 ? -7.566  -11.240 -5.920  1.00 27.11  ? 368  LYS A CB  1 
ATOM   1015 C CG  . LYS A 1 109 ? -7.877  -12.630 -6.449  1.00 33.60  ? 368  LYS A CG  1 
ATOM   1016 C CD  . LYS A 1 109 ? -6.975  -12.977 -7.628  1.00 34.01  ? 368  LYS A CD  1 
ATOM   1017 C CE  . LYS A 1 109 ? -7.314  -14.345 -8.199  1.00 55.76  ? 368  LYS A CE  1 
ATOM   1018 N NZ  . LYS A 1 109 ? -6.510  -14.653 -9.417  1.00 71.50  ? 368  LYS A NZ  1 
ATOM   1019 N N   . ALA A 1 110 ? -7.827  -8.495  -4.284  1.00 19.85  ? 369  ALA A N   1 
ATOM   1020 C CA  . ALA A 1 110 ? -7.191  -7.416  -3.531  1.00 19.22  ? 369  ALA A CA  1 
ATOM   1021 C C   . ALA A 1 110 ? -7.905  -7.202  -2.206  1.00 19.76  ? 369  ALA A C   1 
ATOM   1022 O O   . ALA A 1 110 ? -7.260  -7.109  -1.163  1.00 18.21  ? 369  ALA A O   1 
ATOM   1023 C CB  . ALA A 1 110 ? -7.184  -6.128  -4.353  1.00 17.34  ? 369  ALA A CB  1 
ATOM   1024 N N   . LYS A 1 111 ? -9.233  -7.131  -2.244  1.00 17.87  ? 370  LYS A N   1 
ATOM   1025 C CA  . LYS A 1 111 ? -10.032 -6.858  -1.053  1.00 20.13  ? 370  LYS A CA  1 
ATOM   1026 C C   . LYS A 1 111 ? -9.745  -7.854  0.061   1.00 19.94  ? 370  LYS A C   1 
ATOM   1027 O O   . LYS A 1 111 ? -9.676  -7.474  1.235   1.00 22.46  ? 370  LYS A O   1 
ATOM   1028 C CB  . LYS A 1 111 ? -11.523 -6.858  -1.397  1.00 19.16  ? 370  LYS A CB  1 
ATOM   1029 C CG  . LYS A 1 111 ? -11.911 -5.677  -2.268  1.00 20.58  ? 370  LYS A CG  1 
ATOM   1030 C CD  . LYS A 1 111 ? -13.401 -5.396  -2.244  1.00 36.07  ? 370  LYS A CD  1 
ATOM   1031 C CE  . LYS A 1 111 ? -14.188 -6.510  -2.864  1.00 44.65  ? 370  LYS A CE  1 
ATOM   1032 N NZ  . LYS A 1 111 ? -15.629 -6.156  -3.013  1.00 39.93  ? 370  LYS A NZ  1 
ATOM   1033 N N   . GLN A 1 112 ? -9.537  -9.114  -0.309  1.00 18.48  ? 371  GLN A N   1 
ATOM   1034 C CA  . GLN A 1 112 ? -9.271  -10.168 0.666   1.00 19.42  ? 371  GLN A CA  1 
ATOM   1035 C C   . GLN A 1 112 ? -7.876  -10.078 1.288   1.00 24.78  ? 371  GLN A C   1 
ATOM   1036 O O   . GLN A 1 112 ? -7.567  -10.802 2.248   1.00 22.74  ? 371  GLN A O   1 
ATOM   1037 C CB  . GLN A 1 112 ? -9.479  -11.544 0.015   1.00 21.15  ? 371  GLN A CB  1 
ATOM   1038 C CG  . GLN A 1 112 ? -10.937 -11.782 -0.341  1.00 22.41  ? 371  GLN A CG  1 
ATOM   1039 C CD  . GLN A 1 112 ? -11.157 -12.927 -1.296  1.00 23.18  ? 371  GLN A CD  1 
ATOM   1040 O OE1 . GLN A 1 112 ? -10.287 -13.777 -1.490  1.00 24.14  ? 371  GLN A OE1 1 
ATOM   1041 N NE2 . GLN A 1 112 ? -12.339 -12.952 -1.908  1.00 25.66  ? 371  GLN A NE2 1 
ATOM   1042 N N   . LEU A 1 113 ? -7.029  -9.201  0.753   1.00 17.39  ? 372  LEU A N   1 
ATOM   1043 C CA  . LEU A 1 113 ? -5.684  -9.003  1.301   1.00 18.16  ? 372  LEU A CA  1 
ATOM   1044 C C   . LEU A 1 113 ? -5.586  -7.733  2.152   1.00 20.17  ? 372  LEU A C   1 
ATOM   1045 O O   . LEU A 1 113 ? -4.566  -7.495  2.805   1.00 20.49  ? 372  LEU A O   1 
ATOM   1046 C CB  . LEU A 1 113 ? -4.644  -8.964  0.174   1.00 20.94  ? 372  LEU A CB  1 
ATOM   1047 C CG  . LEU A 1 113 ? -4.408  -10.311 -0.523  1.00 20.59  ? 372  LEU A CG  1 
ATOM   1048 C CD1 . LEU A 1 113 ? -3.694  -10.141 -1.849  1.00 21.00  ? 372  LEU A CD1 1 
ATOM   1049 C CD2 . LEU A 1 113 ? -3.611  -11.243 0.386   1.00 25.11  ? 372  LEU A CD2 1 
ATOM   1050 N N   . PHE A 1 114 ? -6.638  -6.926  2.157   1.00 17.30  ? 373  PHE A N   1 
ATOM   1051 C CA  . PHE A 1 114 ? -6.679  -5.749  3.021   1.00 18.99  ? 373  PHE A CA  1 
ATOM   1052 C C   . PHE A 1 114 ? -6.889  -6.213  4.458   1.00 21.73  ? 373  PHE A C   1 
ATOM   1053 O O   . PHE A 1 114 ? -7.273  -7.357  4.702   1.00 21.86  ? 373  PHE A O   1 
ATOM   1054 C CB  . PHE A 1 114 ? -7.808  -4.783  2.636   1.00 20.09  ? 373  PHE A CB  1 
ATOM   1055 C CG  . PHE A 1 114 ? -7.773  -4.286  1.202   1.00 18.10  ? 373  PHE A CG  1 
ATOM   1056 C CD1 . PHE A 1 114 ? -6.590  -4.229  0.458   1.00 16.76  ? 373  PHE A CD1 1 
ATOM   1057 C CD2 . PHE A 1 114 ? -8.955  -3.850  0.616   1.00 17.47  ? 373  PHE A CD2 1 
ATOM   1058 C CE1 . PHE A 1 114 ? -6.608  -3.747  -0.860  1.00 17.01  ? 373  PHE A CE1 1 
ATOM   1059 C CE2 . PHE A 1 114 ? -8.981  -3.378  -0.691  1.00 16.86  ? 373  PHE A CE2 1 
ATOM   1060 C CZ  . PHE A 1 114 ? -7.807  -3.335  -1.425  1.00 16.62  ? 373  PHE A CZ  1 
ATOM   1061 N N   . VAL A 1 115 ? -6.645  -5.324  5.409   1.00 18.26  ? 374  VAL A N   1 
ATOM   1062 C CA  . VAL A 1 115 ? -7.008  -5.591  6.795   1.00 19.23  ? 374  VAL A CA  1 
ATOM   1063 C C   . VAL A 1 115 ? -8.430  -5.073  7.048   1.00 18.07  ? 374  VAL A C   1 
ATOM   1064 O O   . VAL A 1 115 ? -8.743  -3.922  6.749   1.00 18.91  ? 374  VAL A O   1 
ATOM   1065 C CB  . VAL A 1 115 ? -6.024  -4.930  7.755   1.00 16.32  ? 374  VAL A CB  1 
ATOM   1066 C CG1 . VAL A 1 115 ? -6.453  -5.173  9.192   1.00 21.09  ? 374  VAL A CG1 1 
ATOM   1067 C CG2 . VAL A 1 115 ? -4.661  -5.500  7.542   1.00 20.31  ? 374  VAL A CG2 1 
ATOM   1068 N N   A PRO A 1 116 ? -9.303  -5.924  7.605   0.50 20.30  ? 375  PRO A N   1 
ATOM   1069 N N   B PRO A 1 116 ? -9.306  -5.924  7.595   0.50 20.28  ? 375  PRO A N   1 
ATOM   1070 C CA  A PRO A 1 116 ? -10.684 -5.489  7.823   0.50 19.26  ? 375  PRO A CA  1 
ATOM   1071 C CA  B PRO A 1 116 ? -10.685 -5.485  7.820   0.50 19.26  ? 375  PRO A CA  1 
ATOM   1072 C C   A PRO A 1 116 ? -10.817 -4.376  8.867   0.50 20.50  ? 375  PRO A C   1 
ATOM   1073 C C   B PRO A 1 116 ? -10.816 -4.374  8.864   0.50 20.50  ? 375  PRO A C   1 
ATOM   1074 O O   A PRO A 1 116 ? -9.968  -4.245  9.759   0.50 20.55  ? 375  PRO A O   1 
ATOM   1075 O O   B PRO A 1 116 ? -9.966  -4.245  9.755   0.50 20.55  ? 375  PRO A O   1 
ATOM   1076 C CB  A PRO A 1 116 ? -11.384 -6.772  8.295   0.50 22.53  ? 375  PRO A CB  1 
ATOM   1077 C CB  B PRO A 1 116 ? -11.385 -6.769  8.294   0.50 22.54  ? 375  PRO A CB  1 
ATOM   1078 C CG  A PRO A 1 116 ? -10.293 -7.598  8.882   0.50 23.14  ? 375  PRO A CG  1 
ATOM   1079 C CG  B PRO A 1 116 ? -10.536 -7.874  7.765   0.50 21.43  ? 375  PRO A CG  1 
ATOM   1080 C CD  A PRO A 1 116 ? -9.085  -7.316  8.037   0.50 22.35  ? 375  PRO A CD  1 
ATOM   1081 C CD  B PRO A 1 116 ? -9.136  -7.362  7.856   0.50 22.38  ? 375  PRO A CD  1 
ATOM   1082 N N   . ALA A 1 117 ? -11.885 -3.590  8.739   1.00 19.18  ? 376  ALA A N   1 
ATOM   1083 C CA  . ALA A 1 117 ? -12.151 -2.460  9.620   1.00 23.19  ? 376  ALA A CA  1 
ATOM   1084 C C   . ALA A 1 117 ? -12.181 -2.848  11.096  1.00 24.64  ? 376  ALA A C   1 
ATOM   1085 O O   . ALA A 1 117 ? -11.825 -2.030  11.946  1.00 24.11  ? 376  ALA A O   1 
ATOM   1086 C CB  . ALA A 1 117 ? -13.459 -1.796  9.231   1.00 24.62  ? 376  ALA A CB  1 
ATOM   1087 N N   . ASN A 1 118 ? -12.552 -4.089  11.418  1.00 24.91  ? 377  ASN A N   1 
ATOM   1088 C CA  . ASN A 1 118 ? -12.697 -4.434  12.832  1.00 25.99  ? 377  ASN A CA  1 
ATOM   1089 C C   . ASN A 1 118 ? -11.344 -4.658  13.522  1.00 27.94  ? 377  ASN A C   1 
ATOM   1090 O O   . ASN A 1 118 ? -11.285 -5.039  14.696  1.00 30.56  ? 377  ASN A O   1 
ATOM   1091 C CB  . ASN A 1 118 ? -13.635 -5.648  13.010  1.00 26.31  ? 377  ASN A CB  1 
ATOM   1092 C CG  . ASN A 1 118 ? -13.077 -6.947  12.442  1.00 36.18  ? 377  ASN A CG  1 
ATOM   1093 O OD1 . ASN A 1 118 ? -11.867 -7.156  12.354  1.00 31.48  ? 377  ASN A OD1 1 
ATOM   1094 N ND2 . ASN A 1 118 ? -13.983 -7.854  12.088  1.00 42.59  ? 377  ASN A ND2 1 
ATOM   1095 N N   . GLN A 1 119 ? -10.256 -4.418  12.792  1.00 22.29  ? 378  GLN A N   1 
ATOM   1096 C CA  . GLN A 1 119 ? -8.921  -4.508  13.361  1.00 22.32  ? 378  GLN A CA  1 
ATOM   1097 C C   . GLN A 1 119 ? -8.349  -3.122  13.703  1.00 18.98  ? 378  GLN A C   1 
ATOM   1098 O O   . GLN A 1 119 ? -7.191  -3.007  14.105  1.00 21.92  ? 378  GLN A O   1 
ATOM   1099 C CB  . GLN A 1 119 ? -7.981  -5.241  12.404  1.00 25.46  ? 378  GLN A CB  1 
ATOM   1100 C CG  . GLN A 1 119 ? -8.422  -6.658  12.070  1.00 23.38  ? 378  GLN A CG  1 
ATOM   1101 C CD  . GLN A 1 119 ? -8.380  -7.583  13.278  1.00 30.66  ? 378  GLN A CD  1 
ATOM   1102 O OE1 . GLN A 1 119 ? -7.343  -7.730  13.925  1.00 30.24  ? 378  GLN A OE1 1 
ATOM   1103 N NE2 . GLN A 1 119 ? -9.511  -8.206  13.584  1.00 36.69  ? 378  GLN A NE2 1 
ATOM   1104 N N   . GLN A 1 120 ? -9.176  -2.091  13.560  1.00 23.34  ? 379  GLN A N   1 
ATOM   1105 C CA  . GLN A 1 120 ? -8.740  -0.712  13.820  1.00 21.70  ? 379  GLN A CA  1 
ATOM   1106 C C   . GLN A 1 120 ? -8.312  -0.554  15.276  1.00 22.37  ? 379  GLN A C   1 
ATOM   1107 O O   . GLN A 1 120 ? -7.316  0.113   15.573  1.00 22.73  ? 379  GLN A O   1 
ATOM   1108 C CB  . GLN A 1 120 ? -9.849  0.284   13.467  1.00 22.67  ? 379  GLN A CB  1 
ATOM   1109 C CG  . GLN A 1 120 ? -9.485  1.749   13.754  1.00 23.56  ? 379  GLN A CG  1 
ATOM   1110 C CD  . GLN A 1 120 ? -10.391 2.743   13.046  1.00 30.51  ? 379  GLN A CD  1 
ATOM   1111 O OE1 . GLN A 1 120 ? -11.156 2.384   12.149  1.00 29.30  ? 379  GLN A OE1 1 
ATOM   1112 N NE2 . GLN A 1 120 ? -10.295 4.008   13.438  1.00 30.66  ? 379  GLN A NE2 1 
ATOM   1113 N N   . GLY A 1 121 ? -9.033  -1.207  16.178  1.00 23.94  ? 380  GLY A N   1 
ATOM   1114 C CA  . GLY A 1 121 ? -8.696  -1.159  17.591  1.00 23.07  ? 380  GLY A CA  1 
ATOM   1115 C C   . GLY A 1 121 ? -8.637  0.269   18.099  1.00 22.57  ? 380  GLY A C   1 
ATOM   1116 O O   . GLY A 1 121 ? -9.541  1.063   17.837  1.00 27.29  ? 380  GLY A O   1 
ATOM   1117 N N   . PRO A 1 122 ? -7.554  0.615   18.806  1.00 24.66  ? 381  PRO A N   1 
ATOM   1118 C CA  . PRO A 1 122 ? -7.461  1.974   19.350  1.00 27.72  ? 381  PRO A CA  1 
ATOM   1119 C C   . PRO A 1 122 ? -7.142  3.043   18.302  1.00 29.54  ? 381  PRO A C   1 
ATOM   1120 O O   . PRO A 1 122 ? -7.328  4.227   18.571  1.00 31.54  ? 381  PRO A O   1 
ATOM   1121 C CB  . PRO A 1 122 ? -6.322  1.860   20.363  1.00 27.01  ? 381  PRO A CB  1 
ATOM   1122 C CG  . PRO A 1 122 ? -5.467  0.772   19.850  1.00 23.82  ? 381  PRO A CG  1 
ATOM   1123 C CD  . PRO A 1 122 ? -6.408  -0.220  19.206  1.00 24.36  ? 381  PRO A CD  1 
ATOM   1124 N N   . GLY A 1 123 ? -6.662  2.638   17.131  1.00 24.09  ? 382  GLY A N   1 
ATOM   1125 C CA  . GLY A 1 123 ? -6.362  3.594   16.088  1.00 24.24  ? 382  GLY A CA  1 
ATOM   1126 C C   . GLY A 1 123 ? -5.244  4.527   16.516  1.00 24.00  ? 382  GLY A C   1 
ATOM   1127 O O   . GLY A 1 123 ? -5.342  5.740   16.309  1.00 24.80  ? 382  GLY A O   1 
ATOM   1128 N N   . LYS A 1 124 ? -4.192  3.961   17.112  1.00 19.21  ? 383  LYS A N   1 
ATOM   1129 C CA  . LYS A 1 124 ? -3.048  4.763   17.567  1.00 23.08  ? 383  LYS A CA  1 
ATOM   1130 C C   . LYS A 1 124 ? -2.217  5.249   16.400  1.00 22.79  ? 383  LYS A C   1 
ATOM   1131 O O   . LYS A 1 124 ? -1.987  4.502   15.447  1.00 21.89  ? 383  LYS A O   1 
ATOM   1132 C CB  . LYS A 1 124 ? -2.144  3.971   18.500  1.00 23.73  ? 383  LYS A CB  1 
ATOM   1133 C CG  . LYS A 1 124 ? -2.776  3.537   19.797  1.00 29.70  ? 383  LYS A CG  1 
ATOM   1134 C CD  . LYS A 1 124 ? -1.718  2.898   20.664  1.00 33.61  ? 383  LYS A CD  1 
ATOM   1135 C CE  . LYS A 1 124 ? -0.510  3.815   20.790  1.00 42.80  ? 383  LYS A CE  1 
ATOM   1136 N NZ  . LYS A 1 124 ? 0.309   3.518   21.998  1.00 40.37  ? 383  LYS A NZ  1 
ATOM   1137 N N   . VAL A 1 125 ? -1.729  6.483   16.496  1.00 21.62  ? 384  VAL A N   1 
ATOM   1138 C CA  . VAL A 1 125 ? -0.895  7.066   15.458  1.00 21.54  ? 384  VAL A CA  1 
ATOM   1139 C C   . VAL A 1 125 ? 0.555   6.619   15.518  1.00 17.50  ? 384  VAL A C   1 
ATOM   1140 O O   . VAL A 1 125 ? 1.066   6.219   16.570  1.00 20.99  ? 384  VAL A O   1 
ATOM   1141 C CB  . VAL A 1 125 ? -0.911  8.619   15.520  1.00 21.32  ? 384  VAL A CB  1 
ATOM   1142 C CG1 . VAL A 1 125 ? -2.310  9.152   15.275  1.00 23.71  ? 384  VAL A CG1 1 
ATOM   1143 C CG2 . VAL A 1 125 ? -0.356  9.118   16.856  1.00 24.14  ? 384  VAL A CG2 1 
ATOM   1144 N N   . SER A 1 126 ? 1.220   6.709   14.371  1.00 18.01  ? 385  SER A N   1 
ATOM   1145 C CA  . SER A 1 126 ? 2.652   6.488   14.255  1.00 20.11  ? 385  SER A CA  1 
ATOM   1146 C C   . SER A 1 126 ? 3.452   7.456   15.127  1.00 17.88  ? 385  SER A C   1 
ATOM   1147 O O   . SER A 1 126 ? 2.941   8.500   15.525  1.00 21.09  ? 385  SER A O   1 
ATOM   1148 C CB  . SER A 1 126 ? 3.086   6.647   12.798  1.00 18.30  ? 385  SER A CB  1 
ATOM   1149 O OG  . SER A 1 126 ? 2.718   7.939   12.324  1.00 18.20  ? 385  SER A OG  1 
ATOM   1150 N N   . ASN A 1 127 ? 4.704   7.099   15.400  1.00 19.44  ? 386  ASN A N   1 
ATOM   1151 C CA  . ASN A 1 127 ? 5.623   8.009   16.083  1.00 19.07  ? 386  ASN A CA  1 
ATOM   1152 C C   . ASN A 1 127 ? 6.251   8.911   15.040  1.00 21.04  ? 386  ASN A C   1 
ATOM   1153 O O   . ASN A 1 127 ? 7.175   8.507   14.341  1.00 23.28  ? 386  ASN A O   1 
ATOM   1154 C CB  . ASN A 1 127 ? 6.697   7.233   16.851  1.00 25.97  ? 386  ASN A CB  1 
ATOM   1155 C CG  . ASN A 1 127 ? 7.432   8.098   17.862  1.00 32.67  ? 386  ASN A CG  1 
ATOM   1156 O OD1 . ASN A 1 127 ? 6.852   9.014   18.451  1.00 34.20  ? 386  ASN A OD1 1 
ATOM   1157 N ND2 . ASN A 1 127 ? 8.713   7.815   18.062  1.00 51.37  ? 386  ASN A ND2 1 
ATOM   1158 N N   . GLY A 1 128 ? 5.714   10.123  14.901  1.00 21.48  ? 387  GLY A N   1 
ATOM   1159 C CA  . GLY A 1 128 ? 6.150   11.024  13.847  1.00 21.93  ? 387  GLY A CA  1 
ATOM   1160 C C   . GLY A 1 128 ? 5.887   10.473  12.450  1.00 17.98  ? 387  GLY A C   1 
ATOM   1161 O O   . GLY A 1 128 ? 4.821   9.915   12.183  1.00 18.95  ? 387  GLY A O   1 
ATOM   1162 N N   . ASN A 1 129 ? 6.871   10.646  11.573  1.00 18.59  ? 388  ASN A N   1 
ATOM   1163 C CA  . ASN A 1 129 ? 6.843   10.169  10.188  1.00 19.07  ? 388  ASN A CA  1 
ATOM   1164 C C   . ASN A 1 129 ? 8.017   9.209   9.949   1.00 17.79  ? 388  ASN A C   1 
ATOM   1165 O O   . ASN A 1 129 ? 9.056   9.604   9.406   1.00 19.68  ? 388  ASN A O   1 
ATOM   1166 C CB  . ASN A 1 129 ? 6.912   11.357  9.225   1.00 21.17  ? 388  ASN A CB  1 
ATOM   1167 C CG  . ASN A 1 129 ? 6.561   10.985  7.801   1.00 17.86  ? 388  ASN A CG  1 
ATOM   1168 O OD1 . ASN A 1 129 ? 6.088   9.882   7.535   1.00 20.08  ? 388  ASN A OD1 1 
ATOM   1169 N ND2 . ASN A 1 129 ? 6.774   11.910  6.879   1.00 21.62  ? 388  ASN A ND2 1 
ATOM   1170 N N   . PRO A 1 130 ? 7.877   7.963   10.408  1.00 18.96  ? 389  PRO A N   1 
ATOM   1171 C CA  . PRO A 1 130 ? 9.016   7.036   10.409  1.00 20.75  ? 389  PRO A CA  1 
ATOM   1172 C C   . PRO A 1 130 ? 9.406   6.503   9.033   1.00 24.04  ? 389  PRO A C   1 
ATOM   1173 O O   . PRO A 1 130 ? 8.614   6.517   8.099   1.00 23.24  ? 389  PRO A O   1 
ATOM   1174 C CB  . PRO A 1 130 ? 8.533   5.894   11.312  1.00 22.38  ? 389  PRO A CB  1 
ATOM   1175 C CG  . PRO A 1 130 ? 7.023   5.946   11.227  1.00 22.55  ? 389  PRO A CG  1 
ATOM   1176 C CD  . PRO A 1 130 ? 6.701   7.409   11.106  1.00 21.11  ? 389  PRO A CD  1 
ATOM   1177 N N   . VAL A 1 131 ? 10.637  6.013   8.920   1.00 20.89  ? 390  VAL A N   1 
ATOM   1178 C CA  . VAL A 1 131 ? 11.151  5.552   7.641   1.00 21.78  ? 390  VAL A CA  1 
ATOM   1179 C C   . VAL A 1 131 ? 10.777  4.094   7.416   1.00 19.79  ? 390  VAL A C   1 
ATOM   1180 O O   . VAL A 1 131 ? 10.836  3.291   8.330   1.00 22.46  ? 390  VAL A O   1 
ATOM   1181 C CB  . VAL A 1 131 ? 12.694  5.726   7.549   1.00 25.75  ? 390  VAL A CB  1 
ATOM   1182 C CG1 . VAL A 1 131 ? 13.236  5.165   6.232   1.00 24.77  ? 390  VAL A CG1 1 
ATOM   1183 C CG2 . VAL A 1 131 ? 13.063  7.206   7.683   1.00 29.63  ? 390  VAL A CG2 1 
ATOM   1184 N N   . TRP A 1 132 ? 10.366  3.783   6.186   1.00 19.31  ? 391  TRP A N   1 
ATOM   1185 C CA  . TRP A 1 132 ? 10.083  2.411   5.770   1.00 21.56  ? 391  TRP A CA  1 
ATOM   1186 C C   . TRP A 1 132 ? 11.145  1.965   4.787   1.00 18.70  ? 391  TRP A C   1 
ATOM   1187 O O   . TRP A 1 132 ? 11.628  2.763   3.985   1.00 22.84  ? 391  TRP A O   1 
ATOM   1188 C CB  . TRP A 1 132 ? 8.717   2.283   5.078   1.00 20.49  ? 391  TRP A CB  1 
ATOM   1189 C CG  . TRP A 1 132 ? 7.531   2.815   5.826   1.00 18.71  ? 391  TRP A CG  1 
ATOM   1190 C CD1 . TRP A 1 132 ? 7.268   4.124   6.129   1.00 20.50  ? 391  TRP A CD1 1 
ATOM   1191 C CD2 . TRP A 1 132 ? 6.402   2.060   6.290   1.00 15.18  ? 391  TRP A CD2 1 
ATOM   1192 N NE1 . TRP A 1 132 ? 6.068   4.224   6.801   1.00 17.81  ? 391  TRP A NE1 1 
ATOM   1193 C CE2 . TRP A 1 132 ? 5.514   2.975   6.909   1.00 15.79  ? 391  TRP A CE2 1 
ATOM   1194 C CE3 . TRP A 1 132 ? 6.065   0.700   6.263   1.00 17.89  ? 391  TRP A CE3 1 
ATOM   1195 C CZ2 . TRP A 1 132 ? 4.302   2.569   7.487   1.00 17.26  ? 391  TRP A CZ2 1 
ATOM   1196 C CZ3 . TRP A 1 132 ? 4.871   0.299   6.842   1.00 17.37  ? 391  TRP A CZ3 1 
ATOM   1197 C CH2 . TRP A 1 132 ? 3.997   1.234   7.444   1.00 18.22  ? 391  TRP A CH2 1 
ATOM   1198 N N   A GLU A 1 133 ? 11.494  0.684   4.843   0.67 20.66  ? 392  GLU A N   1 
ATOM   1199 N N   B GLU A 1 133 ? 11.512  0.691   4.830   0.33 20.75  ? 392  GLU A N   1 
ATOM   1200 C CA  A GLU A 1 133 ? 12.351  0.101   3.823   0.67 21.85  ? 392  GLU A CA  1 
ATOM   1201 C CA  B GLU A 1 133 ? 12.403  0.167   3.808   0.33 21.92  ? 392  GLU A CA  1 
ATOM   1202 C C   A GLU A 1 133 ? 11.528  -0.228  2.580   0.67 20.68  ? 392  GLU A C   1 
ATOM   1203 C C   B GLU A 1 133 ? 11.586  -0.266  2.591   0.33 20.82  ? 392  GLU A C   1 
ATOM   1204 O O   A GLU A 1 133 ? 10.431  -0.789  2.691   0.67 21.66  ? 392  GLU A O   1 
ATOM   1205 O O   B GLU A 1 133 ? 10.544  -0.915  2.728   0.33 22.15  ? 392  GLU A O   1 
ATOM   1206 C CB  A GLU A 1 133 ? 13.038  -1.154  4.350   0.67 24.14  ? 392  GLU A CB  1 
ATOM   1207 C CB  B GLU A 1 133 ? 13.241  -0.990  4.355   0.33 24.22  ? 392  GLU A CB  1 
ATOM   1208 C CG  A GLU A 1 133 ? 13.998  -1.792  3.361   0.67 22.54  ? 392  GLU A CG  1 
ATOM   1209 C CG  B GLU A 1 133 ? 12.437  -2.169  4.859   0.33 22.76  ? 392  GLU A CG  1 
ATOM   1210 C CD  A GLU A 1 133 ? 14.648  -3.048  3.906   0.67 30.55  ? 392  GLU A CD  1 
ATOM   1211 C CD  B GLU A 1 133 ? 13.095  -2.876  6.021   0.33 28.44  ? 392  GLU A CD  1 
ATOM   1212 O OE1 A GLU A 1 133 ? 14.346  -3.424  5.056   0.67 28.94  ? 392  GLU A OE1 1 
ATOM   1213 O OE1 B GLU A 1 133 ? 13.021  -2.352  7.151   0.33 31.89  ? 392  GLU A OE1 1 
ATOM   1214 O OE2 A GLU A 1 133 ? 15.459  -3.660  3.179   0.67 33.73  ? 392  GLU A OE2 1 
ATOM   1215 O OE2 B GLU A 1 133 ? 13.675  -3.963  5.811   0.33 26.22  ? 392  GLU A OE2 1 
ATOM   1216 N N   . VAL A 1 134 ? 12.045  0.132   1.408   1.00 21.89  ? 393  VAL A N   1 
ATOM   1217 C CA  . VAL A 1 134 ? 11.383  -0.243  0.162   1.00 19.82  ? 393  VAL A CA  1 
ATOM   1218 C C   . VAL A 1 134 ? 11.816  -1.652  -0.188  1.00 25.96  ? 393  VAL A C   1 
ATOM   1219 O O   . VAL A 1 134 ? 12.983  -1.895  -0.486  1.00 27.30  ? 393  VAL A O   1 
ATOM   1220 C CB  . VAL A 1 134 ? 11.710  0.707   -0.978  1.00 24.74  ? 393  VAL A CB  1 
ATOM   1221 C CG1 . VAL A 1 134 ? 10.983  0.255   -2.246  1.00 25.44  ? 393  VAL A CG1 1 
ATOM   1222 C CG2 . VAL A 1 134 ? 11.310  2.115   -0.594  1.00 24.53  ? 393  VAL A CG2 1 
ATOM   1223 N N   . MET A 1 135 ? 10.874  -2.582  -0.099  1.00 22.65  ? 394  MET A N   1 
ATOM   1224 C CA  . MET A 1 135 ? 11.134  -3.982  -0.399  1.00 25.07  ? 394  MET A CA  1 
ATOM   1225 C C   . MET A 1 135 ? 10.852  -4.272  -1.865  1.00 30.56  ? 394  MET A C   1 
ATOM   1226 O O   . MET A 1 135 ? 9.708   -4.184  -2.307  1.00 27.79  ? 394  MET A O   1 
ATOM   1227 C CB  . MET A 1 135 ? 10.277  -4.882  0.486   1.00 23.96  ? 394  MET A CB  1 
ATOM   1228 C CG  . MET A 1 135 ? 10.303  -4.530  1.975   1.00 23.47  ? 394  MET A CG  1 
ATOM   1229 S SD  . MET A 1 135 ? 11.923  -4.783  2.700   1.00 32.23  ? 394  MET A SD  1 
ATOM   1230 C CE  . MET A 1 135 ? 11.990  -6.577  2.729   1.00 36.65  ? 394  MET A CE  1 
ATOM   1231 N N   . ARG A 1 136 ? 11.895  -4.619  -2.612  1.00 27.98  ? 395  ARG A N   1 
ATOM   1232 C CA  . ARG A 1 136 ? 11.777  -4.853  -4.046  1.00 26.14  ? 395  ARG A CA  1 
ATOM   1233 C C   . ARG A 1 136 ? 11.950  -6.327  -4.382  1.00 29.84  ? 395  ARG A C   1 
ATOM   1234 O O   . ARG A 1 136 ? 12.713  -7.041  -3.728  1.00 32.82  ? 395  ARG A O   1 
ATOM   1235 C CB  . ARG A 1 136 ? 12.796  -4.009  -4.807  1.00 28.51  ? 395  ARG A CB  1 
ATOM   1236 C CG  . ARG A 1 136 ? 12.680  -2.536  -4.514  1.00 27.43  ? 395  ARG A CG  1 
ATOM   1237 C CD  . ARG A 1 136 ? 13.629  -1.732  -5.355  1.00 28.05  ? 395  ARG A CD  1 
ATOM   1238 N NE  . ARG A 1 136 ? 13.485  -0.304  -5.096  1.00 34.21  ? 395  ARG A NE  1 
ATOM   1239 C CZ  . ARG A 1 136 ? 12.655  0.495   -5.756  1.00 34.70  ? 395  ARG A CZ  1 
ATOM   1240 N NH1 . ARG A 1 136 ? 11.879  0.002   -6.712  1.00 35.73  ? 395  ARG A NH1 1 
ATOM   1241 N NH2 . ARG A 1 136 ? 12.596  1.784   -5.454  1.00 44.46  ? 395  ARG A NH2 1 
ATOM   1242 N N   . ALA A 1 137 ? 11.226  -6.785  -5.398  1.00 29.26  ? 396  ALA A N   1 
ATOM   1243 C CA  . ALA A 1 137 ? 11.340  -8.164  -5.857  1.00 33.82  ? 396  ALA A CA  1 
ATOM   1244 C C   . ALA A 1 137 ? 11.046  -8.236  -7.350  1.00 33.87  ? 396  ALA A C   1 
ATOM   1245 O O   . ALA A 1 137 ? 10.354  -7.373  -7.894  1.00 26.01  ? 396  ALA A O   1 
ATOM   1246 C CB  . ALA A 1 137 ? 10.394  -9.072  -5.083  1.00 27.96  ? 396  ALA A CB  1 
ATOM   1247 N N   . PRO A 1 138 ? 11.594  -9.257  -8.026  1.00 30.05  ? 397  PRO A N   1 
ATOM   1248 C CA  . PRO A 1 138 ? 11.174  -9.487  -9.409  1.00 25.60  ? 397  PRO A CA  1 
ATOM   1249 C C   . PRO A 1 138 ? 9.733   -9.967  -9.453  1.00 28.03  ? 397  PRO A C   1 
ATOM   1250 O O   . PRO A 1 138 ? 9.267   -10.643 -8.534  1.00 30.99  ? 397  PRO A O   1 
ATOM   1251 C CB  . PRO A 1 138 ? 12.138  -10.572 -9.895  1.00 35.87  ? 397  PRO A CB  1 
ATOM   1252 C CG  . PRO A 1 138 ? 12.529  -11.301 -8.643  1.00 47.65  ? 397  PRO A CG  1 
ATOM   1253 C CD  . PRO A 1 138 ? 12.583  -10.250 -7.569  1.00 38.92  ? 397  PRO A CD  1 
ATOM   1254 N N   . LEU A 1 139 ? 9.035   -9.611  -10.523 1.00 26.44  ? 398  LEU A N   1 
ATOM   1255 C CA  . LEU A 1 139 ? 7.648   -10.015 -10.711 1.00 25.27  ? 398  LEU A CA  1 
ATOM   1256 C C   . LEU A 1 139 ? 7.479   -10.629 -12.087 1.00 20.64  ? 398  LEU A C   1 
ATOM   1257 O O   . LEU A 1 139 ? 7.726   -9.950  -13.083 1.00 26.07  ? 398  LEU A O   1 
ATOM   1258 C CB  . LEU A 1 139 ? 6.709   -8.813  -10.558 1.00 21.89  ? 398  LEU A CB  1 
ATOM   1259 C CG  . LEU A 1 139 ? 5.222   -9.068  -10.827 1.00 25.53  ? 398  LEU A CG  1 
ATOM   1260 C CD1 . LEU A 1 139 ? 4.705   -10.165 -9.925  1.00 24.79  ? 398  LEU A CD1 1 
ATOM   1261 C CD2 . LEU A 1 139 ? 4.401   -7.797  -10.641 1.00 23.65  ? 398  LEU A CD2 1 
ATOM   1262 N N   . ALA A 1 140 ? 7.082   -11.899 -12.128 1.00 23.66  ? 399  ALA A N   1 
ATOM   1263 C CA  . ALA A 1 140 ? 6.818   -12.597 -13.385 1.00 28.70  ? 399  ALA A CA  1 
ATOM   1264 C C   . ALA A 1 140 ? 5.853   -11.793 -14.240 1.00 24.12  ? 399  ALA A C   1 
ATOM   1265 O O   . ALA A 1 140 ? 4.737   -11.497 -13.817 1.00 24.10  ? 399  ALA A O   1 
ATOM   1266 C CB  . ALA A 1 140 ? 6.255   -13.983 -13.127 1.00 32.67  ? 399  ALA A CB  1 
ATOM   1267 N N   A THR A 1 141 ? 6.274   -11.505 -15.466 0.67 22.29  ? 400  THR A N   1 
ATOM   1268 N N   B THR A 1 141 ? 6.307   -11.390 -15.424 0.33 22.52  ? 400  THR A N   1 
ATOM   1269 C CA  A THR A 1 141 ? 5.541   -10.620 -16.358 0.67 24.10  ? 400  THR A CA  1 
ATOM   1270 C CA  B THR A 1 141 ? 5.461   -10.644 -16.348 0.33 24.16  ? 400  THR A CA  1 
ATOM   1271 C C   A THR A 1 141 ? 5.410   -11.258 -17.744 0.67 21.24  ? 400  THR A C   1 
ATOM   1272 C C   B THR A 1 141 ? 5.355   -11.385 -17.668 0.33 21.60  ? 400  THR A C   1 
ATOM   1273 O O   A THR A 1 141 ? 6.387   -11.770 -18.283 0.67 23.58  ? 400  THR A O   1 
ATOM   1274 O O   B THR A 1 141 ? 6.286   -12.066 -18.094 0.33 23.63  ? 400  THR A O   1 
ATOM   1275 C CB  A THR A 1 141 ? 6.254   -9.260  -16.454 0.67 26.41  ? 400  THR A CB  1 
ATOM   1276 C CB  B THR A 1 141 ? 5.991   -9.218  -16.616 0.33 26.74  ? 400  THR A CB  1 
ATOM   1277 O OG1 A THR A 1 141 ? 6.519   -8.774  -15.131 0.67 27.66  ? 400  THR A OG1 1 
ATOM   1278 O OG1 B THR A 1 141 ? 7.262   -9.286  -17.275 0.33 31.24  ? 400  THR A OG1 1 
ATOM   1279 C CG2 A THR A 1 141 ? 5.408   -8.257  -17.194 0.67 21.71  ? 400  THR A CG2 1 
ATOM   1280 C CG2 B THR A 1 141 ? 6.122   -8.435  -15.321 0.33 27.75  ? 400  THR A CG2 1 
ATOM   1281 N N   . GLN A 1 142 ? 4.205   -11.248 -18.313 1.00 19.88  ? 401  GLN A N   1 
ATOM   1282 C CA  . GLN A 1 142 ? 3.975   -11.898 -19.606 1.00 21.56  ? 401  GLN A CA  1 
ATOM   1283 C C   . GLN A 1 142 ? 4.294   -10.983 -20.774 1.00 19.54  ? 401  GLN A C   1 
ATOM   1284 O O   . GLN A 1 142 ? 4.325   -9.764  -20.621 1.00 21.72  ? 401  GLN A O   1 
ATOM   1285 C CB  . GLN A 1 142 ? 2.526   -12.368 -19.719 1.00 25.33  ? 401  GLN A CB  1 
ATOM   1286 C CG  . GLN A 1 142 ? 2.160   -13.440 -18.696 1.00 41.13  ? 401  GLN A CG  1 
ATOM   1287 C CD  . GLN A 1 142 ? 0.697   -13.822 -18.743 1.00 68.40  ? 401  GLN A CD  1 
ATOM   1288 O OE1 . GLN A 1 142 ? -0.106  -13.172 -19.412 1.00 84.64  ? 401  GLN A OE1 1 
ATOM   1289 N NE2 . GLN A 1 142 ? 0.340   -14.883 -18.026 1.00 81.21  ? 401  GLN A NE2 1 
ATOM   1290 N N   . ARG A 1 143 ? 4.534   -11.582 -21.937 1.00 17.46  ? 402  ARG A N   1 
ATOM   1291 C CA  . ARG A 1 143 ? 4.622   -10.820 -23.175 1.00 17.30  ? 402  ARG A CA  1 
ATOM   1292 C C   . ARG A 1 143 ? 3.358   -9.996  -23.385 1.00 20.23  ? 402  ARG A C   1 
ATOM   1293 O O   . ARG A 1 143 ? 2.263   -10.422 -23.018 1.00 21.84  ? 402  ARG A O   1 
ATOM   1294 C CB  . ARG A 1 143 ? 4.846   -11.751 -24.363 1.00 21.16  ? 402  ARG A CB  1 
ATOM   1295 C CG  . ARG A 1 143 ? 6.236   -12.348 -24.376 1.00 21.12  ? 402  ARG A CG  1 
ATOM   1296 C CD  . ARG A 1 143 ? 6.331   -13.603 -25.231 1.00 21.59  ? 402  ARG A CD  1 
ATOM   1297 N NE  . ARG A 1 143 ? 6.022   -13.378 -26.641 1.00 21.19  ? 402  ARG A NE  1 
ATOM   1298 C CZ  . ARG A 1 143 ? 6.850   -12.813 -27.516 1.00 21.89  ? 402  ARG A CZ  1 
ATOM   1299 N NH1 . ARG A 1 143 ? 8.043   -12.371 -27.128 1.00 24.11  ? 402  ARG A NH1 1 
ATOM   1300 N NH2 . ARG A 1 143 ? 6.477   -12.676 -28.781 1.00 22.54  ? 402  ARG A NH2 1 
ATOM   1301 N N   . ALA A 1 144 ? 3.514   -8.814  -23.978 1.00 18.11  ? 403  ALA A N   1 
ATOM   1302 C CA  . ALA A 1 144 ? 2.384   -7.943  -24.273 1.00 17.79  ? 403  ALA A CA  1 
ATOM   1303 C C   . ALA A 1 144 ? 2.438   -7.496  -25.722 1.00 16.94  ? 403  ALA A C   1 
ATOM   1304 O O   . ALA A 1 144 ? 3.429   -6.913  -26.165 1.00 18.72  ? 403  ALA A O   1 
ATOM   1305 C CB  . ALA A 1 144 ? 2.373   -6.731  -23.349 1.00 19.97  ? 403  ALA A CB  1 
ATOM   1306 N N   . HIS A 1 145 ? 1.363   -7.761  -26.445 1.00 16.04  ? 404  HIS A N   1 
ATOM   1307 C CA  . HIS A 1 145 ? 1.284   -7.373  -27.847 1.00 15.92  ? 404  HIS A CA  1 
ATOM   1308 C C   . HIS A 1 145 ? 1.270   -5.856  -28.021 1.00 19.20  ? 404  HIS A C   1 
ATOM   1309 O O   . HIS A 1 145 ? 0.515   -5.158  -27.344 1.00 19.86  ? 404  HIS A O   1 
ATOM   1310 C CB  . HIS A 1 145 ? 0.035   -7.985  -28.472 1.00 19.29  ? 404  HIS A CB  1 
ATOM   1311 C CG  . HIS A 1 145 ? -0.022  -7.826  -29.963 1.00 17.62  ? 404  HIS A CG  1 
ATOM   1312 N ND1 . HIS A 1 145 ? -1.195  -7.543  -30.637 1.00 21.55  ? 404  HIS A ND1 1 
ATOM   1313 C CD2 . HIS A 1 145 ? 0.941   -7.931  -30.902 1.00 16.95  ? 404  HIS A CD2 1 
ATOM   1314 C CE1 . HIS A 1 145 ? -0.941  -7.476  -31.932 1.00 22.30  ? 404  HIS A CE1 1 
ATOM   1315 N NE2 . HIS A 1 145 ? 0.344   -7.708  -32.124 1.00 21.02  ? 404  HIS A NE2 1 
ATOM   1316 N N   A ILE A 1 146 ? 2.105   -5.358  -28.928 0.20 18.68  ? 405  ILE A N   1 
ATOM   1317 N N   B ILE A 1 146 ? 2.104   -5.350  -28.929 0.80 18.67  ? 405  ILE A N   1 
ATOM   1318 C CA  A ILE A 1 146 ? 2.120   -3.941  -29.275 0.20 19.82  ? 405  ILE A CA  1 
ATOM   1319 C CA  B ILE A 1 146 ? 2.134   -3.919  -29.241 0.80 19.73  ? 405  ILE A CA  1 
ATOM   1320 C C   A ILE A 1 146 ? 1.469   -3.722  -30.634 0.20 21.34  ? 405  ILE A C   1 
ATOM   1321 C C   B ILE A 1 146 ? 1.522   -3.658  -30.630 0.80 21.33  ? 405  ILE A C   1 
ATOM   1322 O O   A ILE A 1 146 ? 0.407   -3.108  -30.741 0.20 21.62  ? 405  ILE A O   1 
ATOM   1323 O O   B ILE A 1 146 ? 0.508   -2.969  -30.746 0.80 21.68  ? 405  ILE A O   1 
ATOM   1324 C CB  A ILE A 1 146 ? 3.549   -3.375  -29.321 0.20 18.72  ? 405  ILE A CB  1 
ATOM   1325 C CB  B ILE A 1 146 ? 3.576   -3.351  -29.168 0.80 18.02  ? 405  ILE A CB  1 
ATOM   1326 C CG1 A ILE A 1 146 ? 4.291   -3.651  -28.015 0.20 20.74  ? 405  ILE A CG1 1 
ATOM   1327 C CG1 B ILE A 1 146 ? 4.163   -3.533  -27.759 0.80 19.76  ? 405  ILE A CG1 1 
ATOM   1328 C CG2 A ILE A 1 146 ? 3.521   -1.876  -29.627 0.20 23.89  ? 405  ILE A CG2 1 
ATOM   1329 C CG2 B ILE A 1 146 ? 3.586   -1.862  -29.556 0.80 24.08  ? 405  ILE A CG2 1 
ATOM   1330 C CD1 A ILE A 1 146 ? 5.724   -3.201  -28.053 0.20 20.61  ? 405  ILE A CD1 1 
ATOM   1331 C CD1 B ILE A 1 146 ? 3.378   -2.831  -26.660 0.80 18.88  ? 405  ILE A CD1 1 
ATOM   1332 N N   . GLN A 1 147 ? 2.121   -4.237  -31.672 1.00 21.09  ? 406  GLN A N   1 
ATOM   1333 C CA  . GLN A 1 147 ? 1.644   -4.072  -33.053 1.00 22.05  ? 406  GLN A CA  1 
ATOM   1334 C C   . GLN A 1 147 ? 2.240   -5.164  -33.917 1.00 21.37  ? 406  GLN A C   1 
ATOM   1335 O O   . GLN A 1 147 ? 3.403   -5.517  -33.732 1.00 20.65  ? 406  GLN A O   1 
ATOM   1336 C CB  . GLN A 1 147 ? 2.022   -2.698  -33.648 1.00 24.10  ? 406  GLN A CB  1 
ATOM   1337 C CG  . GLN A 1 147 ? 3.531   -2.348  -33.579 1.00 25.32  ? 406  GLN A CG  1 
ATOM   1338 C CD  . GLN A 1 147 ? 4.293   -2.625  -34.877 1.00 37.21  ? 406  GLN A CD  1 
ATOM   1339 O OE1 . GLN A 1 147 ? 3.712   -2.652  -35.966 1.00 31.74  ? 406  GLN A OE1 1 
ATOM   1340 N NE2 . GLN A 1 147 ? 5.606   -2.825  -34.764 1.00 29.97  ? 406  GLN A NE2 1 
ATOM   1341 N N   . ASP A 1 148 ? 1.452   -5.655  -34.876 1.00 22.81  ? 407  ASP A N   1 
ATOM   1342 C CA  . ASP A 1 148 ? 1.915   -6.675  -35.826 1.00 25.16  ? 407  ASP A CA  1 
ATOM   1343 C C   . ASP A 1 148 ? 2.530   -7.858  -35.064 1.00 19.12  ? 407  ASP A C   1 
ATOM   1344 O O   . ASP A 1 148 ? 1.840   -8.514  -34.279 1.00 20.49  ? 407  ASP A O   1 
ATOM   1345 C CB  . ASP A 1 148 ? 2.919   -6.071  -36.814 1.00 24.50  ? 407  ASP A CB  1 
ATOM   1346 C CG  . ASP A 1 148 ? 2.294   -5.015  -37.725 1.00 28.94  ? 407  ASP A CG  1 
ATOM   1347 O OD1 . ASP A 1 148 ? 1.087   -4.733  -37.585 1.00 28.18  ? 407  ASP A OD1 1 
ATOM   1348 O OD2 . ASP A 1 148 ? 3.023   -4.473  -38.589 1.00 32.72  ? 407  ASP A OD2 1 
ATOM   1349 N N   . PHE A 1 149 ? 3.815   -8.122  -35.281 1.00 18.43  ? 408  PHE A N   1 
ATOM   1350 C CA  . PHE A 1 149 ? 4.478   -9.196  -34.553 1.00 17.65  ? 408  PHE A CA  1 
ATOM   1351 C C   . PHE A 1 149 ? 5.377   -8.666  -33.438 1.00 20.35  ? 408  PHE A C   1 
ATOM   1352 O O   . PHE A 1 149 ? 6.231   -9.390  -32.917 1.00 19.27  ? 408  PHE A O   1 
ATOM   1353 C CB  . PHE A 1 149 ? 5.290   -10.057 -35.523 1.00 17.30  ? 408  PHE A CB  1 
ATOM   1354 C CG  . PHE A 1 149 ? 4.469   -10.656 -36.631 1.00 16.95  ? 408  PHE A CG  1 
ATOM   1355 C CD1 . PHE A 1 149 ? 3.357   -11.443 -36.370 1.00 16.25  ? 408  PHE A CD1 1 
ATOM   1356 C CD2 . PHE A 1 149 ? 4.806   -10.410 -37.952 1.00 16.52  ? 408  PHE A CD2 1 
ATOM   1357 C CE1 . PHE A 1 149 ? 2.621   -12.000 -37.399 1.00 17.98  ? 408  PHE A CE1 1 
ATOM   1358 C CE2 . PHE A 1 149 ? 4.063   -10.948 -38.989 1.00 18.76  ? 408  PHE A CE2 1 
ATOM   1359 C CZ  . PHE A 1 149 ? 2.980   -11.738 -38.726 1.00 16.93  ? 408  PHE A CZ  1 
ATOM   1360 N N   . GLU A 1 150 ? 5.188   -7.401  -33.055 1.00 19.19  ? 409  GLU A N   1 
ATOM   1361 C CA  . GLU A 1 150 ? 5.994   -6.808  -31.999 1.00 18.25  ? 409  GLU A CA  1 
ATOM   1362 C C   . GLU A 1 150 ? 5.349   -6.941  -30.632 1.00 16.02  ? 409  GLU A C   1 
ATOM   1363 O O   . GLU A 1 150 ? 4.173   -6.631  -30.455 1.00 17.88  ? 409  GLU A O   1 
ATOM   1364 C CB  . GLU A 1 150 ? 6.280   -5.325  -32.288 1.00 19.52  ? 409  GLU A CB  1 
ATOM   1365 C CG  . GLU A 1 150 ? 7.264   -4.756  -31.281 1.00 25.31  ? 409  GLU A CG  1 
ATOM   1366 C CD  . GLU A 1 150 ? 7.670   -3.329  -31.562 1.00 31.27  ? 409  GLU A CD  1 
ATOM   1367 O OE1 . GLU A 1 150 ? 6.990   -2.667  -32.370 1.00 32.52  ? 409  GLU A OE1 1 
ATOM   1368 O OE2 . GLU A 1 150 ? 8.677   -2.878  -30.967 1.00 26.63  ? 409  GLU A OE2 1 
ATOM   1369 N N   . PHE A 1 151 ? 6.146   -7.428  -29.694 1.00 17.47  ? 410  PHE A N   1 
ATOM   1370 C CA  . PHE A 1 151 ? 5.739   -7.639  -28.316 1.00 16.94  ? 410  PHE A CA  1 
ATOM   1371 C C   . PHE A 1 151 ? 6.761   -7.036  -27.385 1.00 20.79  ? 410  PHE A C   1 
ATOM   1372 O O   . PHE A 1 151 ? 7.942   -6.989  -27.707 1.00 21.21  ? 410  PHE A O   1 
ATOM   1373 C CB  . PHE A 1 151 ? 5.617   -9.139  -27.993 1.00 19.52  ? 410  PHE A CB  1 
ATOM   1374 C CG  . PHE A 1 151 ? 4.494   -9.825  -28.699 1.00 16.85  ? 410  PHE A CG  1 
ATOM   1375 C CD1 . PHE A 1 151 ? 4.609   -10.189 -30.041 1.00 19.65  ? 410  PHE A CD1 1 
ATOM   1376 C CD2 . PHE A 1 151 ? 3.318   -10.115 -28.021 1.00 16.52  ? 410  PHE A CD2 1 
ATOM   1377 C CE1 . PHE A 1 151 ? 3.559   -10.812 -30.688 1.00 19.54  ? 410  PHE A CE1 1 
ATOM   1378 C CE2 . PHE A 1 151 ? 2.275   -10.735 -28.667 1.00 18.18  ? 410  PHE A CE2 1 
ATOM   1379 C CZ  . PHE A 1 151 ? 2.394   -11.082 -29.999 1.00 18.80  ? 410  PHE A CZ  1 
ATOM   1380 N N   A ILE A 1 152 ? 6.294   -6.566  -26.230 0.40 18.12  ? 411  ILE A N   1 
ATOM   1381 N N   B ILE A 1 152 ? 6.330   -6.565  -26.224 0.60 18.09  ? 411  ILE A N   1 
ATOM   1382 C CA  A ILE A 1 152 ? 7.171   -6.315  -25.097 0.40 21.94  ? 411  ILE A CA  1 
ATOM   1383 C CA  B ILE A 1 152 ? 7.309   -6.290  -25.197 0.60 22.15  ? 411  ILE A CA  1 
ATOM   1384 C C   A ILE A 1 152 ? 7.470   -7.681  -24.492 0.40 21.08  ? 411  ILE A C   1 
ATOM   1385 C C   B ILE A 1 152 ? 7.474   -7.605  -24.438 0.60 21.01  ? 411  ILE A C   1 
ATOM   1386 O O   A ILE A 1 152 ? 6.572   -8.522  -24.400 0.40 19.59  ? 411  ILE A O   1 
ATOM   1387 O O   B ILE A 1 152 ? 6.504   -8.340  -24.224 0.60 21.61  ? 411  ILE A O   1 
ATOM   1388 C CB  A ILE A 1 152 ? 6.531   -5.388  -24.044 0.40 21.64  ? 411  ILE A CB  1 
ATOM   1389 C CB  B ILE A 1 152 ? 6.914   -5.111  -24.296 0.60 21.91  ? 411  ILE A CB  1 
ATOM   1390 C CG1 A ILE A 1 152 ? 6.016   -4.103  -24.696 0.40 25.56  ? 411  ILE A CG1 1 
ATOM   1391 C CG1 B ILE A 1 152 ? 5.500   -5.274  -23.751 0.60 20.07  ? 411  ILE A CG1 1 
ATOM   1392 C CG2 A ILE A 1 152 ? 7.526   -5.075  -22.940 0.40 23.60  ? 411  ILE A CG2 1 
ATOM   1393 C CG2 B ILE A 1 152 ? 7.019   -3.803  -25.087 0.60 19.93  ? 411  ILE A CG2 1 
ATOM   1394 C CD1 A ILE A 1 152 ? 5.504   -3.062  -23.705 0.40 23.30  ? 411  ILE A CD1 1 
ATOM   1395 C CD1 B ILE A 1 152 ? 5.065   -4.120  -22.844 0.60 22.35  ? 411  ILE A CD1 1 
ATOM   1396 N N   . GLU A 1 153 ? 8.717   -7.919  -24.096 1.00 19.90  ? 412  GLU A N   1 
ATOM   1397 C CA  . GLU A 1 153 ? 9.106   -9.262  -23.679 1.00 20.75  ? 412  GLU A CA  1 
ATOM   1398 C C   . GLU A 1 153 ? 8.654   -9.660  -22.292 1.00 23.83  ? 412  GLU A C   1 
ATOM   1399 O O   . GLU A 1 153 ? 8.401   -8.822  -21.416 1.00 22.25  ? 412  GLU A O   1 
ATOM   1400 C CB  . GLU A 1 153 ? 10.624  -9.422  -23.770 1.00 31.13  ? 412  GLU A CB  1 
ATOM   1401 C CG  . GLU A 1 153 ? 11.153  -9.401  -25.191 1.00 43.44  ? 412  GLU A CG  1 
ATOM   1402 C CD  . GLU A 1 153 ? 12.639  -9.693  -25.264 1.00 73.66  ? 412  GLU A CD  1 
ATOM   1403 O OE1 . GLU A 1 153 ? 13.376  -9.269  -24.347 1.00 62.15  ? 412  GLU A OE1 1 
ATOM   1404 O OE2 . GLU A 1 153 ? 13.066  -10.362 -26.231 1.00 83.00  ? 412  GLU A OE2 1 
ATOM   1405 N N   . ALA A 1 154 ? 8.565   -10.972 -22.099 1.00 20.85  ? 413  ALA A N   1 
ATOM   1406 C CA  . ALA A 1 154 ? 8.305   -11.515 -20.786 1.00 19.97  ? 413  ALA A CA  1 
ATOM   1407 C C   . ALA A 1 154 ? 9.502   -11.310 -19.882 1.00 25.81  ? 413  ALA A C   1 
ATOM   1408 O O   . ALA A 1 154 ? 10.637  -11.192 -20.340 1.00 28.64  ? 413  ALA A O   1 
ATOM   1409 C CB  . ALA A 1 154 ? 7.959   -12.994 -20.885 1.00 23.41  ? 413  ALA A CB  1 
ATOM   1410 N N   . ILE A 1 155 ? 9.236   -11.250 -18.588 1.00 24.48  ? 414  ILE A N   1 
ATOM   1411 C CA  . ILE A 1 155 ? 10.307  -11.204 -17.621 1.00 24.61  ? 414  ILE A CA  1 
ATOM   1412 C C   . ILE A 1 155 ? 10.039  -12.324 -16.640 1.00 30.19  ? 414  ILE A C   1 
ATOM   1413 O O   . ILE A 1 155 ? 8.993   -12.361 -15.996 1.00 33.39  ? 414  ILE A O   1 
ATOM   1414 C CB  . ILE A 1 155 ? 10.404  -9.828  -16.934 1.00 29.08  ? 414  ILE A CB  1 
ATOM   1415 C CG1 . ILE A 1 155 ? 10.709  -8.759  -17.990 1.00 30.59  ? 414  ILE A CG1 1 
ATOM   1416 C CG2 . ILE A 1 155 ? 11.479  -9.846  -15.851 1.00 33.12  ? 414  ILE A CG2 1 
ATOM   1417 C CD1 . ILE A 1 155 ? 10.508  -7.336  -17.534 1.00 35.81  ? 414  ILE A CD1 1 
ATOM   1418 N N   . PRO A 1 156 ? 10.963  -13.290 -16.574 1.00 36.48  ? 415  PRO A N   1 
ATOM   1419 C CA  . PRO A 1 156 ? 10.808  -14.371 -15.600 1.00 47.91  ? 415  PRO A CA  1 
ATOM   1420 C C   . PRO A 1 156 ? 11.027  -13.886 -14.168 1.00 49.08  ? 415  PRO A C   1 
ATOM   1421 O O   . PRO A 1 156 ? 11.533  -12.792 -13.937 1.00 57.94  ? 415  PRO A O   1 
ATOM   1422 C CB  . PRO A 1 156 ? 11.881  -15.378 -16.022 1.00 42.95  ? 415  PRO A CB  1 
ATOM   1423 C CG  . PRO A 1 156 ? 12.898  -14.568 -16.733 1.00 44.35  ? 415  PRO A CG  1 
ATOM   1424 C CD  . PRO A 1 156 ? 12.139  -13.481 -17.438 1.00 40.81  ? 415  PRO A CD  1 
ATOM   1425 N N   . GLU A 1 157 ? 10.639  -14.715 -13.208 1.00 73.66  ? 416  GLU A N   1 
ATOM   1426 C CA  . GLU A 1 157 ? 10.631  -14.313 -11.802 1.00 68.14  ? 416  GLU A CA  1 
ATOM   1427 C C   . GLU A 1 157 ? 11.820  -14.907 -11.054 1.00 73.88  ? 416  GLU A C   1 
ATOM   1428 O O   . GLU A 1 157 ? 12.728  -14.180 -10.656 1.00 75.58  ? 416  GLU A O   1 
ATOM   1429 C CB  . GLU A 1 157 ? 9.315   -14.714 -11.101 1.00 61.71  ? 416  GLU A CB  1 
ATOM   1430 C CG  . GLU A 1 157 ? 8.794   -16.167 -11.288 1.00 83.04  ? 416  GLU A CG  1 
ATOM   1431 C CD  . GLU A 1 157 ? 8.499   -16.636 -12.734 1.00 83.87  ? 416  GLU A CD  1 
ATOM   1432 O OE1 . GLU A 1 157 ? 8.746   -15.908 -13.718 1.00 79.74  ? 416  GLU A OE1 1 
ATOM   1433 O OE2 . GLU A 1 157 ? 7.988   -17.769 -12.880 1.00 93.90  ? 416  GLU A OE2 1 
HETATM 1434 O O   . HOH B 2 .   ? 14.169  3.523   -2.747  1.00 54.59  ? 2001 HOH A O   1 
HETATM 1435 O O   . HOH B 2 .   ? 15.170  2.329   -1.336  1.00 48.07  ? 2002 HOH A O   1 
HETATM 1436 O O   . HOH B 2 .   ? 13.564  3.930   2.624   1.00 31.08  ? 2003 HOH A O   1 
HETATM 1437 O O   . HOH B 2 .   ? 14.690  1.481   1.238   1.00 33.14  ? 2004 HOH A O   1 
HETATM 1438 O O   . HOH B 2 .   ? 9.987   9.493   1.113   1.00 27.46  ? 2005 HOH A O   1 
HETATM 1439 O O   . HOH B 2 .   ? 15.913  14.250  0.835   1.00 49.32  ? 2006 HOH A O   1 
HETATM 1440 O O   . HOH B 2 .   ? 8.350   11.486  1.763   1.00 29.07  ? 2007 HOH A O   1 
HETATM 1441 O O   . HOH B 2 .   ? 8.699   14.571  7.870   1.00 13.09  ? 2008 HOH A O   1 
HETATM 1442 O O   . HOH B 2 .   ? 8.382   13.598  3.782   1.00 36.03  ? 2009 HOH A O   1 
HETATM 1443 O O   . HOH B 2 .   ? 0.324   13.298  -3.260  1.00 26.51  ? 2010 HOH A O   1 
HETATM 1444 O O   . HOH B 2 .   ? 6.745   15.503  0.858   1.00 28.76  ? 2011 HOH A O   1 
HETATM 1445 O O   . HOH B 2 .   ? 3.579   18.054  1.764   1.00 34.84  ? 2012 HOH A O   1 
HETATM 1446 O O   . HOH B 2 .   ? 8.983   17.243  1.187   1.00 47.44  ? 2013 HOH A O   1 
HETATM 1447 O O   . HOH B 2 .   ? 5.606   15.178  8.259   1.00 25.93  ? 2014 HOH A O   1 
HETATM 1448 O O   . HOH B 2 .   ? 0.838   17.936  9.737   1.00 36.63  ? 2015 HOH A O   1 
HETATM 1449 O O   . HOH B 2 .   ? -0.406  16.259  10.787  1.00 30.91  ? 2016 HOH A O   1 
HETATM 1450 O O   . HOH B 2 .   ? -4.352  17.315  1.188   1.00 24.01  ? 2017 HOH A O   1 
HETATM 1451 O O   . HOH B 2 .   ? -0.312  16.853  -1.116  1.00 34.96  ? 2018 HOH A O   1 
HETATM 1452 O O   . HOH B 2 .   ? 5.327   14.032  11.800  1.00 27.76  ? 2019 HOH A O   1 
HETATM 1453 O O   . HOH B 2 .   ? -1.554  13.980  11.693  1.00 23.39  ? 2020 HOH A O   1 
HETATM 1454 O O   . HOH B 2 .   ? -1.389  13.018  16.059  1.00 24.74  ? 2021 HOH A O   1 
HETATM 1455 O O   . HOH B 2 .   ? 6.066   7.085   7.823   1.00 20.15  ? 2022 HOH A O   1 
HETATM 1456 O O   . HOH B 2 .   ? -11.320 8.017   12.200  1.00 43.32  ? 2023 HOH A O   1 
HETATM 1457 O O   . HOH B 2 .   ? -3.480  2.821   13.731  1.00 19.69  ? 2024 HOH A O   1 
HETATM 1458 O O   . HOH B 2 .   ? -5.589  0.964   13.572  1.00 20.52  ? 2025 HOH A O   1 
HETATM 1459 O O   . HOH B 2 .   ? -11.413 6.239   10.946  1.00 19.62  ? 2026 HOH A O   1 
HETATM 1460 O O   . HOH B 2 .   ? -13.832 7.434   8.857   1.00 38.80  ? 2027 HOH A O   1 
HETATM 1461 O O   . HOH B 2 .   ? -11.984 2.016   4.350   1.00 18.97  ? 2028 HOH A O   1 
HETATM 1462 O O   . HOH B 2 .   ? -14.991 8.197   5.729   1.00 23.67  ? 2029 HOH A O   1 
HETATM 1463 O O   . HOH B 2 .   ? -16.986 4.606   -2.473  1.00 44.98  ? 2030 HOH A O   1 
HETATM 1464 O O   . HOH B 2 .   ? -15.287 2.654   -1.811  1.00 28.08  ? 2031 HOH A O   1 
HETATM 1465 O O   . HOH B 2 .   ? -19.157 4.138   0.405   1.00 45.04  ? 2032 HOH A O   1 
HETATM 1466 O O   . HOH B 2 .   ? -13.826 11.077  -1.029  1.00 35.04  ? 2033 HOH A O   1 
HETATM 1467 O O   . HOH B 2 .   ? -13.120 5.396   -4.393  1.00 31.36  ? 2034 HOH A O   1 
HETATM 1468 O O   . HOH B 2 .   ? -9.584  4.335   -2.949  1.00 26.25  ? 2035 HOH A O   1 
HETATM 1469 O O   . HOH B 2 .   ? -15.776 7.711   -3.521  1.00 34.30  ? 2036 HOH A O   1 
HETATM 1470 O O   . HOH B 2 .   ? -12.001 0.865   -3.217  1.00 25.06  ? 2037 HOH A O   1 
HETATM 1471 O O   . HOH B 2 .   ? -17.032 -3.140  -0.056  1.00 38.48  ? 2038 HOH A O   1 
HETATM 1472 O O   . HOH B 2 .   ? -14.492 -2.334  -3.167  1.00 30.59  ? 2039 HOH A O   1 
HETATM 1473 O O   . HOH B 2 .   ? -13.949 -6.601  1.614   1.00 28.12  ? 2040 HOH A O   1 
HETATM 1474 O O   . HOH B 2 .   ? -19.066 3.815   3.348   1.00 30.41  ? 2041 HOH A O   1 
HETATM 1475 O O   . HOH B 2 .   ? -19.118 -0.524  5.911   1.00 49.77  ? 2042 HOH A O   1 
HETATM 1476 O O   . HOH B 2 .   ? -16.460 0.416   8.750   1.00 32.28  ? 2043 HOH A O   1 
HETATM 1477 O O   . HOH B 2 .   ? -16.739 5.880   6.769   1.00 39.98  ? 2044 HOH A O   1 
HETATM 1478 O O   . HOH B 2 .   ? -11.360 -5.837  4.561   1.00 29.64  ? 2045 HOH A O   1 
HETATM 1479 O O   . HOH B 2 .   ? -16.969 -2.832  8.201   1.00 41.24  ? 2046 HOH A O   1 
HETATM 1480 O O   . HOH B 2 .   ? -5.767  -2.697  4.939   1.00 18.29  ? 2047 HOH A O   1 
HETATM 1481 O O   . HOH B 2 .   ? -2.884  6.607   3.256   1.00 16.44  ? 2048 HOH A O   1 
HETATM 1482 O O   . HOH B 2 .   ? -5.224  15.846  12.099  1.00 28.49  ? 2049 HOH A O   1 
HETATM 1483 O O   . HOH B 2 .   ? -5.763  15.456  3.070   1.00 20.58  ? 2050 HOH A O   1 
HETATM 1484 O O   . HOH B 2 .   ? -8.276  15.204  12.949  1.00 34.89  ? 2051 HOH A O   1 
HETATM 1485 O O   . HOH B 2 .   ? -8.754  9.429   15.642  1.00 48.57  ? 2052 HOH A O   1 
HETATM 1486 O O   . HOH B 2 .   ? -13.373 14.648  12.955  1.00 45.21  ? 2053 HOH A O   1 
HETATM 1487 O O   . HOH B 2 .   ? -14.743 17.962  7.484   1.00 45.02  ? 2054 HOH A O   1 
HETATM 1488 O O   . HOH B 2 .   ? -5.524  13.354  1.412   1.00 21.43  ? 2055 HOH A O   1 
HETATM 1489 O O   . HOH B 2 .   ? -8.263  14.501  0.530   1.00 37.91  ? 2056 HOH A O   1 
HETATM 1490 O O   . HOH B 2 .   ? -15.055 15.931  1.799   1.00 49.08  ? 2057 HOH A O   1 
HETATM 1491 O O   . HOH B 2 .   ? -2.253  15.858  -3.780  1.00 45.75  ? 2058 HOH A O   1 
HETATM 1492 O O   . HOH B 2 .   ? -6.127  16.477  -0.867  1.00 36.29  ? 2059 HOH A O   1 
HETATM 1493 O O   . HOH B 2 .   ? 0.636   10.627  -3.541  1.00 20.50  ? 2060 HOH A O   1 
HETATM 1494 O O   . HOH B 2 .   ? 4.573   4.085   -4.474  1.00 20.70  ? 2061 HOH A O   1 
HETATM 1495 O O   . HOH B 2 .   ? 5.866   11.012  -5.635  1.00 30.60  ? 2062 HOH A O   1 
HETATM 1496 O O   . HOH B 2 .   ? 9.931   7.033   -3.444  1.00 46.40  ? 2063 HOH A O   1 
HETATM 1497 O O   . HOH B 2 .   ? 2.214   8.241   -9.985  1.00 40.15  ? 2064 HOH A O   1 
HETATM 1498 O O   . HOH B 2 .   ? 3.930   9.875   -9.632  1.00 46.37  ? 2065 HOH A O   1 
HETATM 1499 O O   . HOH B 2 .   ? 5.030   2.562   -8.253  1.00 20.82  ? 2066 HOH A O   1 
HETATM 1500 O O   . HOH B 2 .   ? 11.897  5.108   -5.746  1.00 29.56  ? 2067 HOH A O   1 
HETATM 1501 O O   . HOH B 2 .   ? 13.716  2.101   -10.249 1.00 40.18  ? 2068 HOH A O   1 
HETATM 1502 O O   . HOH B 2 .   ? 13.675  0.102   -8.616  1.00 42.79  ? 2069 HOH A O   1 
HETATM 1503 O O   . HOH B 2 .   ? 14.399  5.412   -7.030  1.00 47.57  ? 2070 HOH A O   1 
HETATM 1504 O O   . HOH B 2 .   ? 2.767   -7.746  -19.319 1.00 23.65  ? 2071 HOH A O   1 
HETATM 1505 O O   . HOH B 2 .   ? 12.732  -8.504  -12.733 1.00 45.38  ? 2072 HOH A O   1 
HETATM 1506 O O   . HOH B 2 .   ? 10.964  -2.632  -7.566  1.00 31.43  ? 2073 HOH A O   1 
HETATM 1507 O O   . HOH B 2 .   ? 14.838  -1.323  -9.542  1.00 45.79  ? 2074 HOH A O   1 
HETATM 1508 O O   . HOH B 2 .   ? 14.941  -5.859  -12.472 1.00 46.97  ? 2075 HOH A O   1 
HETATM 1509 O O   . HOH B 2 .   ? 3.920   -0.654  -2.397  1.00 19.44  ? 2076 HOH A O   1 
HETATM 1510 O O   . HOH B 2 .   ? 11.559  -6.987  10.209  1.00 52.97  ? 2077 HOH A O   1 
HETATM 1511 O O   . HOH B 2 .   ? 9.028   -4.025  11.005  1.00 37.10  ? 2078 HOH A O   1 
HETATM 1512 O O   . HOH B 2 .   ? 11.067  3.126   11.143  1.00 27.38  ? 2079 HOH A O   1 
HETATM 1513 O O   . HOH B 2 .   ? 16.758  0.789   3.111   1.00 44.86  ? 2080 HOH A O   1 
HETATM 1514 O O   . HOH B 2 .   ? 10.393  -4.073  13.729  1.00 39.70  ? 2081 HOH A O   1 
HETATM 1515 O O   . HOH B 2 .   ? 4.103   0.534   17.176  1.00 34.22  ? 2082 HOH A O   1 
HETATM 1516 O O   . HOH B 2 .   ? 5.176   4.943   18.805  1.00 48.41  ? 2083 HOH A O   1 
HETATM 1517 O O   . HOH B 2 .   ? 8.731   4.877   18.647  1.00 44.72  ? 2084 HOH A O   1 
HETATM 1518 O O   . HOH B 2 .   ? 6.672   2.156   20.687  1.00 42.58  ? 2085 HOH A O   1 
HETATM 1519 O O   . HOH B 2 .   ? 9.740   9.276   13.318  1.00 36.64  ? 2086 HOH A O   1 
HETATM 1520 O O   . HOH B 2 .   ? 12.270  6.054   11.588  1.00 31.87  ? 2087 HOH A O   1 
HETATM 1521 O O   . HOH B 2 .   ? 2.365   4.102   17.512  1.00 37.77  ? 2088 HOH A O   1 
HETATM 1522 O O   . HOH B 2 .   ? 2.769   2.238   10.685  1.00 20.19  ? 2089 HOH A O   1 
HETATM 1523 O O   . HOH B 2 .   ? -3.070  -3.290  20.132  1.00 32.06  ? 2090 HOH A O   1 
HETATM 1524 O O   . HOH B 2 .   ? -7.130  -3.938  20.237  1.00 37.05  ? 2091 HOH A O   1 
HETATM 1525 O O   . HOH B 2 .   ? -4.077  -7.426  19.829  1.00 46.23  ? 2092 HOH A O   1 
HETATM 1526 O O   . HOH B 2 .   ? -2.330  -9.408  16.607  1.00 38.90  ? 2093 HOH A O   1 
HETATM 1527 O O   . HOH B 2 .   ? -3.647  -8.148  14.295  1.00 29.13  ? 2094 HOH A O   1 
HETATM 1528 O O   . HOH B 2 .   ? 0.007   -10.335 12.624  1.00 32.46  ? 2095 HOH A O   1 
HETATM 1529 O O   . HOH B 2 .   ? 2.049   -5.406  9.655   1.00 24.61  ? 2096 HOH A O   1 
HETATM 1530 O O   . HOH B 2 .   ? 2.042   -2.328  20.428  1.00 39.51  ? 2097 HOH A O   1 
HETATM 1531 O O   . HOH B 2 .   ? 4.295   -7.391  10.548  1.00 26.11  ? 2098 HOH A O   1 
HETATM 1532 O O   . HOH B 2 .   ? 7.213   -3.982  16.756  1.00 32.34  ? 2099 HOH A O   1 
HETATM 1533 O O   . HOH B 2 .   ? 2.392   -8.319  16.064  1.00 47.26  ? 2100 HOH A O   1 
HETATM 1534 O O   . HOH B 2 .   ? 2.960   -9.748  11.672  1.00 38.87  ? 2101 HOH A O   1 
HETATM 1535 O O   . HOH B 2 .   ? 3.873   1.328   -4.338  1.00 19.05  ? 2102 HOH A O   1 
HETATM 1536 O O   . HOH B 2 .   ? -6.935  0.240   -8.549  1.00 18.63  ? 2103 HOH A O   1 
HETATM 1537 O O   . HOH B 2 .   ? -7.079  2.872   -7.567  1.00 22.74  ? 2104 HOH A O   1 
HETATM 1538 O O   . HOH B 2 .   ? -11.294 5.001   -6.441  1.00 36.10  ? 2105 HOH A O   1 
HETATM 1539 O O   . HOH B 2 .   ? -5.022  8.495   -8.104  1.00 11.60  ? 2106 HOH A O   1 
HETATM 1540 O O   . HOH B 2 .   ? -10.920 7.765   -10.485 1.00 46.99  ? 2107 HOH A O   1 
HETATM 1541 O O   . HOH B 2 .   ? 11.484  5.268   -3.045  1.00 37.99  ? 2108 HOH A O   1 
HETATM 1542 O O   . HOH B 2 .   ? -12.035 12.396  -2.609  1.00 43.50  ? 2109 HOH A O   1 
HETATM 1543 O O   . HOH B 2 .   ? -5.960  15.072  -5.789  1.00 40.21  ? 2110 HOH A O   1 
HETATM 1544 O O   . HOH B 2 .   ? 10.642  8.923   -1.485  1.00 38.53  ? 2111 HOH A O   1 
HETATM 1545 O O   . HOH B 2 .   ? 7.789   13.204  -0.412  1.00 35.56  ? 2112 HOH A O   1 
HETATM 1546 O O   . HOH B 2 .   ? 7.914   14.470  10.872  0.50 23.02  ? 2113 HOH A O   1 
HETATM 1547 O O   . HOH B 2 .   ? -8.260  12.380  -9.535  1.00 42.70  ? 2114 HOH A O   1 
HETATM 1548 O O   . HOH B 2 .   ? -0.714  14.041  -5.600  1.00 39.19  ? 2115 HOH A O   1 
HETATM 1549 O O   . HOH B 2 .   ? 5.041   17.134  -0.194  1.00 43.31  ? 2116 HOH A O   1 
HETATM 1550 O O   . HOH B 2 .   ? -2.299  11.733  -10.032 1.00 49.55  ? 2117 HOH A O   1 
HETATM 1551 O O   . HOH B 2 .   ? -9.707  13.037  -1.464  1.00 28.69  ? 2118 HOH A O   1 
HETATM 1552 O O   . HOH B 2 .   ? 5.901   14.640  14.679  1.00 29.89  ? 2119 HOH A O   1 
HETATM 1553 O O   . HOH B 2 .   ? 0.128   8.336   -8.156  1.00 29.58  ? 2120 HOH A O   1 
HETATM 1554 O O   . HOH B 2 .   ? 1.065   10.810  -6.595  1.00 32.71  ? 2121 HOH A O   1 
HETATM 1555 O O   . HOH B 2 .   ? -1.132  15.101  14.203  1.00 30.01  ? 2122 HOH A O   1 
HETATM 1556 O O   . HOH B 2 .   ? -15.192 0.019   -4.051  1.00 41.59  ? 2123 HOH A O   1 
HETATM 1557 O O   . HOH B 2 .   ? -10.062 2.064   -4.026  1.00 33.72  ? 2124 HOH A O   1 
HETATM 1558 O O   . HOH B 2 .   ? -18.125 2.513   8.829   1.00 43.25  ? 2125 HOH A O   1 
HETATM 1559 O O   . HOH B 2 .   ? -15.586 0.734   11.226  1.00 35.12  ? 2126 HOH A O   1 
HETATM 1560 O O   . HOH B 2 .   ? -16.622 -4.024  11.005  1.00 48.28  ? 2127 HOH A O   1 
HETATM 1561 O O   . HOH B 2 .   ? -3.372  -8.424  5.214   1.00 26.30  ? 2128 HOH A O   1 
HETATM 1562 O O   . HOH B 2 .   ? -9.009  -10.602 8.654   1.00 29.16  ? 2129 HOH A O   1 
HETATM 1563 O O   . HOH B 2 .   ? -7.250  -11.117 12.599  1.00 27.08  ? 2130 HOH A O   1 
HETATM 1564 O O   . HOH B 2 .   ? 0.663   -12.256 10.656  1.00 31.40  ? 2131 HOH A O   1 
HETATM 1565 O O   . HOH B 2 .   ? -0.096  -14.985 5.889   1.00 36.06  ? 2132 HOH A O   1 
HETATM 1566 O O   . HOH B 2 .   ? -2.280  -14.109 7.550   1.00 42.05  ? 2133 HOH A O   1 
HETATM 1567 O O   . HOH B 2 .   ? 5.789   -9.398  8.657   1.00 26.68  ? 2134 HOH A O   1 
HETATM 1568 O O   . HOH B 2 .   ? -2.930  -15.345 6.407   1.00 47.46  ? 2135 HOH A O   1 
HETATM 1569 O O   . HOH B 2 .   ? -6.666  -9.902  4.941   1.00 31.63  ? 2136 HOH A O   1 
HETATM 1570 O O   . HOH B 2 .   ? 0.519   -16.236 3.213   1.00 44.77  ? 2137 HOH A O   1 
HETATM 1571 O O   . HOH B 2 .   ? -5.337  16.341  -3.408  1.00 46.88  ? 2138 HOH A O   1 
HETATM 1572 O O   . HOH B 2 .   ? 9.822   -10.379 2.975   1.00 52.38  ? 2139 HOH A O   1 
HETATM 1573 O O   . HOH B 2 .   ? 4.984   -15.779 -4.254  1.00 56.00  ? 2140 HOH A O   1 
HETATM 1574 O O   . HOH B 2 .   ? 3.799   -0.832  19.664  1.00 44.25  ? 2141 HOH A O   1 
HETATM 1575 O O   . HOH B 2 .   ? -0.267  -4.357  19.597  1.00 35.44  ? 2142 HOH A O   1 
HETATM 1576 O O   . HOH B 2 .   ? 0.060   -10.320 15.361  1.00 36.08  ? 2143 HOH A O   1 
HETATM 1577 O O   . HOH B 2 .   ? -1.586  -12.109 -5.408  1.00 30.87  ? 2144 HOH A O   1 
HETATM 1578 O O   . HOH B 2 .   ? -3.506  -13.630 -3.712  1.00 41.11  ? 2145 HOH A O   1 
HETATM 1579 O O   . HOH B 2 .   ? 1.381   -8.173  17.698  1.00 54.04  ? 2146 HOH A O   1 
HETATM 1580 O O   . HOH B 2 .   ? -9.738  2.412   -6.728  1.00 28.93  ? 2147 HOH A O   1 
HETATM 1581 O O   . HOH B 2 .   ? -6.417  4.038   -10.226 1.00 31.12  ? 2148 HOH A O   1 
HETATM 1582 O O   . HOH B 2 .   ? -5.673  6.340   -10.482 1.00 30.47  ? 2149 HOH A O   1 
HETATM 1583 O O   . HOH B 2 .   ? -2.457  8.933   -9.021  1.00 46.26  ? 2150 HOH A O   1 
HETATM 1584 O O   . HOH B 2 .   ? -10.234 5.453   -10.769 1.00 51.70  ? 2151 HOH A O   1 
HETATM 1585 O O   . HOH B 2 .   ? -3.217  5.532   -11.672 1.00 38.67  ? 2152 HOH A O   1 
HETATM 1586 O O   . HOH B 2 .   ? 0.540   -10.902 -10.552 1.00 34.98  ? 2153 HOH A O   1 
HETATM 1587 O O   . HOH B 2 .   ? 7.380   -11.546 -7.410  1.00 34.45  ? 2154 HOH A O   1 
HETATM 1588 O O   . HOH B 2 .   ? -6.645  14.359  -9.907  1.00 50.56  ? 2155 HOH A O   1 
HETATM 1589 O O   . HOH B 2 .   ? -10.652 12.863  -8.319  1.00 52.43  ? 2156 HOH A O   1 
HETATM 1590 O O   . HOH B 2 .   ? -1.380  7.070   -10.954 1.00 44.03  ? 2157 HOH A O   1 
HETATM 1591 O O   . HOH B 2 .   ? -2.903  -9.291  -11.189 1.00 26.41  ? 2158 HOH A O   1 
HETATM 1592 O O   . HOH B 2 .   ? -3.015  -12.009 -7.665  1.00 42.68  ? 2159 HOH A O   1 
HETATM 1593 O O   . HOH B 2 .   ? -2.900  -2.496  -12.110 1.00 18.70  ? 2160 HOH A O   1 
HETATM 1594 O O   . HOH B 2 .   ? -9.009  -11.101 6.097   0.50 31.92  ? 2161 HOH A O   1 
HETATM 1595 O O   . HOH B 2 .   ? 3.668   -6.840  -13.954 1.00 23.91  ? 2162 HOH A O   1 
HETATM 1596 O O   . HOH B 2 .   ? 8.673   -8.539  8.107   1.00 44.74  ? 2163 HOH A O   1 
HETATM 1597 O O   . HOH B 2 .   ? -4.100  -8.093  -15.451 1.00 38.84  ? 2164 HOH A O   1 
HETATM 1598 O O   . HOH B 2 .   ? -7.404  -4.288  -13.284 1.00 25.43  ? 2165 HOH A O   1 
HETATM 1599 O O   . HOH B 2 .   ? -5.092  -8.910  -12.884 1.00 30.56  ? 2166 HOH A O   1 
HETATM 1600 O O   . HOH B 2 .   ? -5.710  -0.506  -10.955 1.00 31.94  ? 2167 HOH A O   1 
HETATM 1601 O O   . HOH B 2 .   ? -11.057 -2.161  -12.267 1.00 50.66  ? 2168 HOH A O   1 
HETATM 1602 O O   . HOH B 2 .   ? -12.589 -4.772  -9.958  1.00 33.00  ? 2169 HOH A O   1 
HETATM 1603 O O   . HOH B 2 .   ? -9.881  -5.404  -12.425 1.00 29.91  ? 2170 HOH A O   1 
HETATM 1604 O O   . HOH B 2 .   ? -11.407 -0.662  -10.353 1.00 43.61  ? 2171 HOH A O   1 
HETATM 1605 O O   . HOH B 2 .   ? -10.131 0.285   -8.695  1.00 38.02  ? 2172 HOH A O   1 
HETATM 1606 O O   . HOH B 2 .   ? -7.790  -1.299  -13.371 1.00 26.79  ? 2173 HOH A O   1 
HETATM 1607 O O   . HOH B 2 .   ? -8.429  -5.436  -15.899 1.00 41.68  ? 2174 HOH A O   1 
HETATM 1608 O O   . HOH B 2 .   ? -7.202  2.596   -12.012 1.00 47.27  ? 2175 HOH A O   1 
HETATM 1609 O O   . HOH B 2 .   ? -11.742 -1.898  -2.804  1.00 26.05  ? 2176 HOH A O   1 
HETATM 1610 O O   . HOH B 2 .   ? -8.553  -10.781 -10.320 1.00 34.62  ? 2177 HOH A O   1 
HETATM 1611 O O   . HOH B 2 .   ? -15.512 -4.032  -5.334  1.00 40.33  ? 2178 HOH A O   1 
HETATM 1612 O O   . HOH B 2 .   ? -14.975 -6.743  -7.266  1.00 45.71  ? 2179 HOH A O   1 
HETATM 1613 O O   . HOH B 2 .   ? -14.294 -1.169  -10.670 1.00 53.43  ? 2180 HOH A O   1 
HETATM 1614 O O   . HOH B 2 .   ? -12.045 -8.517  -10.935 1.00 48.93  ? 2181 HOH A O   1 
HETATM 1615 O O   . HOH B 2 .   ? -7.731  -8.285  -12.063 1.00 29.96  ? 2182 HOH A O   1 
HETATM 1616 O O   . HOH B 2 .   ? -13.094 -9.330  -8.806  1.00 22.14  ? 2183 HOH A O   1 
HETATM 1617 O O   . HOH B 2 .   ? -10.324 -10.827 -8.210  1.00 26.26  ? 2184 HOH A O   1 
HETATM 1618 O O   . HOH B 2 .   ? -14.129 -10.765 -1.115  1.00 27.43  ? 2185 HOH A O   1 
HETATM 1619 O O   . HOH B 2 .   ? -10.051 -4.409  19.405  1.00 46.81  ? 2186 HOH A O   1 
HETATM 1620 O O   . HOH B 2 .   ? -5.972  -12.690 -2.796  1.00 26.85  ? 2187 HOH A O   1 
HETATM 1621 O O   . HOH B 2 .   ? -9.879  -7.872  3.792   1.00 23.39  ? 2188 HOH A O   1 
HETATM 1622 O O   . HOH B 2 .   ? -17.937 -4.105  -2.848  1.00 49.51  ? 2189 HOH A O   1 
HETATM 1623 O O   . HOH B 2 .   ? 5.207   13.808  17.325  1.00 37.39  ? 2190 HOH A O   1 
HETATM 1624 O O   . HOH B 2 .   ? 17.596  -6.599  0.425   1.00 54.38  ? 2191 HOH A O   1 
HETATM 1625 O O   . HOH B 2 .   ? 6.535   -16.258 -19.446 1.00 44.62  ? 2192 HOH A O   1 
HETATM 1626 O O   . HOH B 2 .   ? -13.091 0.471   12.221  1.00 33.89  ? 2193 HOH A O   1 
HETATM 1627 O O   . HOH B 2 .   ? 9.322   -15.600 -23.427 1.00 43.02  ? 2194 HOH A O   1 
HETATM 1628 O O   . HOH B 2 .   ? -11.772 -2.444  16.154  1.00 37.87  ? 2195 HOH A O   1 
HETATM 1629 O O   . HOH B 2 .   ? -13.389 -5.577  17.000  1.00 40.13  ? 2196 HOH A O   1 
HETATM 1630 O O   . HOH B 2 .   ? -11.487 -9.429  11.634  1.00 41.18  ? 2197 HOH A O   1 
HETATM 1631 O O   . HOH B 2 .   ? 8.806   -4.447  -38.251 1.00 50.22  ? 2198 HOH A O   1 
HETATM 1632 O O   . HOH B 2 .   ? 8.311   -7.340  -35.238 1.00 47.17  ? 2199 HOH A O   1 
HETATM 1633 O O   . HOH B 2 .   ? 9.587   -7.448  -33.033 1.00 39.09  ? 2200 HOH A O   1 
HETATM 1634 O O   . HOH B 2 .   ? 11.216  -9.290  -33.719 1.00 47.80  ? 2201 HOH A O   1 
HETATM 1635 O O   . HOH B 2 .   ? 12.610  -8.603  -31.023 1.00 51.55  ? 2202 HOH A O   1 
HETATM 1636 O O   . HOH B 2 .   ? -13.330 0.952   14.597  1.00 43.33  ? 2203 HOH A O   1 
HETATM 1637 O O   . HOH B 2 .   ? -9.574  5.430   15.938  1.00 43.03  ? 2204 HOH A O   1 
HETATM 1638 O O   . HOH B 2 .   ? -10.458 3.525   18.033  1.00 46.97  ? 2205 HOH A O   1 
HETATM 1639 O O   . HOH B 2 .   ? -7.544  7.482   16.072  1.00 39.71  ? 2206 HOH A O   1 
HETATM 1640 O O   . HOH B 2 .   ? -4.747  8.266   18.800  1.00 40.32  ? 2207 HOH A O   1 
HETATM 1641 O O   . HOH B 2 .   ? 2.613   2.780   20.045  1.00 36.74  ? 2208 HOH A O   1 
HETATM 1642 O O   . HOH B 2 .   ? -2.817  7.926   19.267  0.50 22.03  ? 2209 HOH A O   1 
HETATM 1643 O O   . HOH B 2 .   ? 2.423   10.607  17.653  1.00 42.06  ? 2210 HOH A O   1 
HETATM 1644 O O   . HOH B 2 .   ? 4.899   7.855   19.156  1.00 45.49  ? 2211 HOH A O   1 
HETATM 1645 O O   . HOH B 2 .   ? 10.117  9.196   20.351  1.00 41.23  ? 2212 HOH A O   1 
HETATM 1646 O O   . HOH B 2 .   ? 4.651   11.543  16.934  1.00 37.38  ? 2213 HOH A O   1 
HETATM 1647 O O   . HOH B 2 .   ? 19.099  -4.939  1.541   1.00 51.81  ? 2214 HOH A O   1 
HETATM 1648 O O   . HOH B 2 .   ? 14.994  -0.628  -2.286  1.00 39.95  ? 2215 HOH A O   1 
HETATM 1649 O O   . HOH B 2 .   ? 14.653  -4.773  -1.678  1.00 45.17  ? 2216 HOH A O   1 
HETATM 1650 O O   . HOH B 2 .   ? 13.803  -6.586  -0.654  1.00 41.80  ? 2217 HOH A O   1 
HETATM 1651 O O   . HOH B 2 .   ? 6.526   -13.428 -9.808  1.00 33.39  ? 2218 HOH A O   1 
HETATM 1652 O O   . HOH B 2 .   ? 2.945   -9.421  -14.043 1.00 27.60  ? 2219 HOH A O   1 
HETATM 1653 O O   . HOH B 2 .   ? 3.001   -12.534 -11.949 1.00 38.63  ? 2220 HOH A O   1 
HETATM 1654 O O   . HOH B 2 .   ? 7.277   -14.662 -17.236 1.00 37.81  ? 2221 HOH A O   1 
HETATM 1655 O O   . HOH B 2 .   ? 1.950   -9.925  -16.754 1.00 34.57  ? 2222 HOH A O   1 
HETATM 1656 O O   . HOH B 2 .   ? 4.694   -14.732 -21.924 1.00 17.46  ? 2223 HOH A O   1 
HETATM 1657 O O   . HOH B 2 .   ? 0.168   -11.493 -23.832 1.00 43.11  ? 2224 HOH A O   1 
HETATM 1658 O O   . HOH B 2 .   ? 0.957   -13.067 -23.016 1.00 40.32  ? 2225 HOH A O   1 
HETATM 1659 O O   . HOH B 2 .   ? 8.994   -11.233 -30.116 1.00 23.23  ? 2226 HOH A O   1 
HETATM 1660 O O   . HOH B 2 .   ? 9.770   -12.736 -24.493 1.00 19.35  ? 2227 HOH A O   1 
HETATM 1661 O O   . HOH B 2 .   ? -0.908  -9.120  -25.365 1.00 25.33  ? 2228 HOH A O   1 
HETATM 1662 O O   . HOH B 2 .   ? -3.675  -8.300  -29.727 1.00 25.68  ? 2229 HOH A O   1 
HETATM 1663 O O   . HOH B 2 .   ? -0.902  -1.158  -31.982 0.50 19.88  ? 2230 HOH A O   1 
HETATM 1664 O O   . HOH B 2 .   ? 2.473   -0.773  -37.215 1.00 37.12  ? 2231 HOH A O   1 
HETATM 1665 O O   . HOH B 2 .   ? 4.486   -2.059  -37.905 1.00 45.08  ? 2232 HOH A O   1 
HETATM 1666 O O   . HOH B 2 .   ? 6.985   -0.193  -32.888 1.00 26.89  ? 2233 HOH A O   1 
HETATM 1667 O O   . HOH B 2 .   ? 0.701   -2.044  -38.321 1.00 35.09  ? 2234 HOH A O   1 
HETATM 1668 O O   . HOH B 2 .   ? 5.761   -4.805  -38.611 1.00 41.04  ? 2235 HOH A O   1 
HETATM 1669 O O   . HOH B 2 .   ? 6.207   -6.843  -36.862 1.00 24.46  ? 2236 HOH A O   1 
HETATM 1670 O O   . HOH B 2 .   ? 7.397   -11.799 -32.911 1.00 26.84  ? 2237 HOH A O   1 
HETATM 1671 O O   . HOH B 2 .   ? 8.839   -8.350  -30.578 1.00 26.73  ? 2238 HOH A O   1 
HETATM 1672 O O   . HOH B 2 .   ? 10.227  -4.700  -29.779 1.00 44.59  ? 2239 HOH A O   1 
HETATM 1673 O O   . HOH B 2 .   ? 10.003  -6.863  -28.756 1.00 29.12  ? 2240 HOH A O   1 
HETATM 1674 O O   . HOH B 2 .   ? 12.891  -10.029 -20.477 1.00 38.48  ? 2241 HOH A O   1 
HETATM 1675 O O   . HOH B 2 .   ? 13.426  -11.296 -13.197 1.00 43.62  ? 2242 HOH A O   1 
# 
